data_2VGA
# 
_entry.id   2VGA 
# 
_audit_conform.dict_name       mmcif_pdbx.dic 
_audit_conform.dict_version    5.397 
_audit_conform.dict_location   http://mmcif.pdb.org/dictionaries/ascii/mmcif_pdbx.dic 
# 
loop_
_database_2.database_id 
_database_2.database_code 
_database_2.pdbx_database_accession 
_database_2.pdbx_DOI 
PDB   2VGA         pdb_00002vga 10.2210/pdb2vga/pdb 
PDBE  EBI-34399    ?            ?                   
WWPDB D_1290034399 ?            ?                   
# 
loop_
_pdbx_audit_revision_history.ordinal 
_pdbx_audit_revision_history.data_content_type 
_pdbx_audit_revision_history.major_revision 
_pdbx_audit_revision_history.minor_revision 
_pdbx_audit_revision_history.revision_date 
1 'Structure model' 1 0 2008-02-26 
2 'Structure model' 1 1 2011-07-13 
3 'Structure model' 1 2 2024-10-16 
# 
_pdbx_audit_revision_details.ordinal             1 
_pdbx_audit_revision_details.revision_ordinal    1 
_pdbx_audit_revision_details.data_content_type   'Structure model' 
_pdbx_audit_revision_details.provider            repository 
_pdbx_audit_revision_details.type                'Initial release' 
_pdbx_audit_revision_details.description         ? 
_pdbx_audit_revision_details.details             ? 
# 
loop_
_pdbx_audit_revision_group.ordinal 
_pdbx_audit_revision_group.revision_ordinal 
_pdbx_audit_revision_group.data_content_type 
_pdbx_audit_revision_group.group 
1 2 'Structure model' Advisory                    
2 2 'Structure model' 'Version format compliance' 
3 3 'Structure model' 'Data collection'           
4 3 'Structure model' 'Database references'       
5 3 'Structure model' Other                       
6 3 'Structure model' 'Structure summary'         
# 
loop_
_pdbx_audit_revision_category.ordinal 
_pdbx_audit_revision_category.revision_ordinal 
_pdbx_audit_revision_category.data_content_type 
_pdbx_audit_revision_category.category 
1 3 'Structure model' chem_comp_atom            
2 3 'Structure model' chem_comp_bond            
3 3 'Structure model' database_2                
4 3 'Structure model' pdbx_database_status      
5 3 'Structure model' pdbx_entry_details        
6 3 'Structure model' pdbx_modification_feature 
# 
loop_
_pdbx_audit_revision_item.ordinal 
_pdbx_audit_revision_item.revision_ordinal 
_pdbx_audit_revision_item.data_content_type 
_pdbx_audit_revision_item.item 
1 3 'Structure model' '_database_2.pdbx_DOI'                 
2 3 'Structure model' '_database_2.pdbx_database_accession'  
3 3 'Structure model' '_pdbx_database_status.status_code_sf' 
# 
_database_PDB_caveat.id     1 
_database_PDB_caveat.text   'ILE A  169  CBETA WRONG HAND' 
# 
_pdbx_database_status.status_code                     REL 
_pdbx_database_status.entry_id                        2VGA 
_pdbx_database_status.deposit_site                    PDBE 
_pdbx_database_status.process_site                    PDBE 
_pdbx_database_status.SG_entry                        . 
_pdbx_database_status.recvd_initial_deposition_date   2007-11-09 
_pdbx_database_status.pdb_format_compatible           Y 
_pdbx_database_status.status_code_sf                  REL 
_pdbx_database_status.status_code_mr                  ? 
_pdbx_database_status.status_code_cs                  ? 
_pdbx_database_status.methods_development_category    ? 
_pdbx_database_status.status_code_nmr_data            ? 
# 
loop_
_audit_author.name 
_audit_author.pdbx_ordinal 
'Bahar, M.W.'      1 
'Kenyon, J.C.'     2 
'Putz, M.M.'       3 
'Abrescia, N.G.A.' 4 
'Pease, J.E.'      5 
'Wise, E.L.'       6 
'Stuart, D.I.'     7 
'Smith, G.L.'      8 
'Grimes, J.M.'     9 
# 
_citation.id                        primary 
_citation.title                     'Structure and Function of A41, a Vaccinia Virus Chemokine Binding Protein.' 
_citation.journal_abbrev            'Plos Pathog.' 
_citation.journal_volume            4 
_citation.page_first                E5 
_citation.page_last                 ? 
_citation.year                      2008 
_citation.journal_id_ASTM           ? 
_citation.country                   US 
_citation.journal_id_ISSN           1553-7366 
_citation.journal_id_CSD            ? 
_citation.book_publisher            ? 
_citation.pdbx_database_id_PubMed   18208323 
_citation.pdbx_database_id_DOI      10.1371/JOURNAL.PPAT.0040005 
# 
loop_
_citation_author.citation_id 
_citation_author.name 
_citation_author.ordinal 
_citation_author.identifier_ORCID 
primary 'Bahar, M.W.'      1 ? 
primary 'Kenyon, J.C.'     2 ? 
primary 'Putz, M.M.'       3 ? 
primary 'Abrescia, N.G.A.' 4 ? 
primary 'Pease, J.E.'      5 ? 
primary 'Wise, E.L.'       6 ? 
primary 'Stuart, D.I.'     7 ? 
primary 'Smith, G.L.'      8 ? 
primary 'Grimes, J.M.'     9 ? 
# 
loop_
_entity.id 
_entity.type 
_entity.src_method 
_entity.pdbx_description 
_entity.formula_weight 
_entity.pdbx_number_of_molecules 
_entity.pdbx_ec 
_entity.pdbx_mutation 
_entity.pdbx_fragment 
_entity.details 
1 polymer man 'PROTEIN A41' 23768.859 1   ? ? 'RESIDUES 21-219' ? 
2 water   nat water         18.015    160 ? ? ?                 ? 
# 
_entity_name_com.entity_id   1 
_entity_name_com.name        A41 
# 
_entity_poly.entity_id                      1 
_entity_poly.type                           'polypeptide(L)' 
_entity_poly.nstd_linkage                   no 
_entity_poly.nstd_monomer                   no 
_entity_poly.pdbx_seq_one_letter_code       
;MAHHHHHHDDKSVCDSDNKEYMGIEVYVEATLDEPLRQTTCESKIHKYGASVSNGGLNISVDLLNCFLNFHTVGVYTNRD
TVYAKFASLDPWTTEPINSMTHDDLVKLTEECIVDIYLKCEVDKTKDFMKTNGNRLKPRDFKTVPPSNVGSMIELQSDYC
VNDVTTYVKIYDECGNIKQHSIPTLRDYFTTKNGQPRKILKKKFDNC
;
_entity_poly.pdbx_seq_one_letter_code_can   
;MAHHHHHHDDKSVCDSDNKEYMGIEVYVEATLDEPLRQTTCESKIHKYGASVSNGGLNISVDLLNCFLNFHTVGVYTNRD
TVYAKFASLDPWTTEPINSMTHDDLVKLTEECIVDIYLKCEVDKTKDFMKTNGNRLKPRDFKTVPPSNVGSMIELQSDYC
VNDVTTYVKIYDECGNIKQHSIPTLRDYFTTKNGQPRKILKKKFDNC
;
_entity_poly.pdbx_strand_id                 A 
_entity_poly.pdbx_target_identifier         ? 
# 
_pdbx_entity_nonpoly.entity_id   2 
_pdbx_entity_nonpoly.name        water 
_pdbx_entity_nonpoly.comp_id     HOH 
# 
loop_
_entity_poly_seq.entity_id 
_entity_poly_seq.num 
_entity_poly_seq.mon_id 
_entity_poly_seq.hetero 
1 1   MET n 
1 2   ALA n 
1 3   HIS n 
1 4   HIS n 
1 5   HIS n 
1 6   HIS n 
1 7   HIS n 
1 8   HIS n 
1 9   ASP n 
1 10  ASP n 
1 11  LYS n 
1 12  SER n 
1 13  VAL n 
1 14  CYS n 
1 15  ASP n 
1 16  SER n 
1 17  ASP n 
1 18  ASN n 
1 19  LYS n 
1 20  GLU n 
1 21  TYR n 
1 22  MET n 
1 23  GLY n 
1 24  ILE n 
1 25  GLU n 
1 26  VAL n 
1 27  TYR n 
1 28  VAL n 
1 29  GLU n 
1 30  ALA n 
1 31  THR n 
1 32  LEU n 
1 33  ASP n 
1 34  GLU n 
1 35  PRO n 
1 36  LEU n 
1 37  ARG n 
1 38  GLN n 
1 39  THR n 
1 40  THR n 
1 41  CYS n 
1 42  GLU n 
1 43  SER n 
1 44  LYS n 
1 45  ILE n 
1 46  HIS n 
1 47  LYS n 
1 48  TYR n 
1 49  GLY n 
1 50  ALA n 
1 51  SER n 
1 52  VAL n 
1 53  SER n 
1 54  ASN n 
1 55  GLY n 
1 56  GLY n 
1 57  LEU n 
1 58  ASN n 
1 59  ILE n 
1 60  SER n 
1 61  VAL n 
1 62  ASP n 
1 63  LEU n 
1 64  LEU n 
1 65  ASN n 
1 66  CYS n 
1 67  PHE n 
1 68  LEU n 
1 69  ASN n 
1 70  PHE n 
1 71  HIS n 
1 72  THR n 
1 73  VAL n 
1 74  GLY n 
1 75  VAL n 
1 76  TYR n 
1 77  THR n 
1 78  ASN n 
1 79  ARG n 
1 80  ASP n 
1 81  THR n 
1 82  VAL n 
1 83  TYR n 
1 84  ALA n 
1 85  LYS n 
1 86  PHE n 
1 87  ALA n 
1 88  SER n 
1 89  LEU n 
1 90  ASP n 
1 91  PRO n 
1 92  TRP n 
1 93  THR n 
1 94  THR n 
1 95  GLU n 
1 96  PRO n 
1 97  ILE n 
1 98  ASN n 
1 99  SER n 
1 100 MET n 
1 101 THR n 
1 102 HIS n 
1 103 ASP n 
1 104 ASP n 
1 105 LEU n 
1 106 VAL n 
1 107 LYS n 
1 108 LEU n 
1 109 THR n 
1 110 GLU n 
1 111 GLU n 
1 112 CYS n 
1 113 ILE n 
1 114 VAL n 
1 115 ASP n 
1 116 ILE n 
1 117 TYR n 
1 118 LEU n 
1 119 LYS n 
1 120 CYS n 
1 121 GLU n 
1 122 VAL n 
1 123 ASP n 
1 124 LYS n 
1 125 THR n 
1 126 LYS n 
1 127 ASP n 
1 128 PHE n 
1 129 MET n 
1 130 LYS n 
1 131 THR n 
1 132 ASN n 
1 133 GLY n 
1 134 ASN n 
1 135 ARG n 
1 136 LEU n 
1 137 LYS n 
1 138 PRO n 
1 139 ARG n 
1 140 ASP n 
1 141 PHE n 
1 142 LYS n 
1 143 THR n 
1 144 VAL n 
1 145 PRO n 
1 146 PRO n 
1 147 SER n 
1 148 ASN n 
1 149 VAL n 
1 150 GLY n 
1 151 SER n 
1 152 MET n 
1 153 ILE n 
1 154 GLU n 
1 155 LEU n 
1 156 GLN n 
1 157 SER n 
1 158 ASP n 
1 159 TYR n 
1 160 CYS n 
1 161 VAL n 
1 162 ASN n 
1 163 ASP n 
1 164 VAL n 
1 165 THR n 
1 166 THR n 
1 167 TYR n 
1 168 VAL n 
1 169 LYS n 
1 170 ILE n 
1 171 TYR n 
1 172 ASP n 
1 173 GLU n 
1 174 CYS n 
1 175 GLY n 
1 176 ASN n 
1 177 ILE n 
1 178 LYS n 
1 179 GLN n 
1 180 HIS n 
1 181 SER n 
1 182 ILE n 
1 183 PRO n 
1 184 THR n 
1 185 LEU n 
1 186 ARG n 
1 187 ASP n 
1 188 TYR n 
1 189 PHE n 
1 190 THR n 
1 191 THR n 
1 192 LYS n 
1 193 ASN n 
1 194 GLY n 
1 195 GLN n 
1 196 PRO n 
1 197 ARG n 
1 198 LYS n 
1 199 ILE n 
1 200 LEU n 
1 201 LYS n 
1 202 LYS n 
1 203 LYS n 
1 204 PHE n 
1 205 ASP n 
1 206 ASN n 
1 207 CYS n 
# 
_entity_src_gen.entity_id                          1 
_entity_src_gen.pdbx_src_id                        1 
_entity_src_gen.pdbx_alt_source_flag               sample 
_entity_src_gen.pdbx_seq_type                      ? 
_entity_src_gen.pdbx_beg_seq_num                   ? 
_entity_src_gen.pdbx_end_seq_num                   ? 
_entity_src_gen.gene_src_common_name               'VACCINIA VIRUS' 
_entity_src_gen.gene_src_genus                     ? 
_entity_src_gen.pdbx_gene_src_gene                 ? 
_entity_src_gen.gene_src_species                   ? 
_entity_src_gen.gene_src_strain                    'WESTERN RESERVE' 
_entity_src_gen.gene_src_tissue                    ? 
_entity_src_gen.gene_src_tissue_fraction           ? 
_entity_src_gen.gene_src_details                   ? 
_entity_src_gen.pdbx_gene_src_fragment             ? 
_entity_src_gen.pdbx_gene_src_scientific_name      'VACCINIA VIRUS' 
_entity_src_gen.pdbx_gene_src_ncbi_taxonomy_id     10245 
_entity_src_gen.pdbx_gene_src_variant              ? 
_entity_src_gen.pdbx_gene_src_cell_line            ? 
_entity_src_gen.pdbx_gene_src_atcc                 ? 
_entity_src_gen.pdbx_gene_src_organ                ? 
_entity_src_gen.pdbx_gene_src_organelle            ? 
_entity_src_gen.pdbx_gene_src_cell                 ? 
_entity_src_gen.pdbx_gene_src_cellular_location    ? 
_entity_src_gen.host_org_common_name               ? 
_entity_src_gen.pdbx_host_org_scientific_name      'ESCHERICHIA COLI' 
_entity_src_gen.pdbx_host_org_ncbi_taxonomy_id     562 
_entity_src_gen.host_org_genus                     ? 
_entity_src_gen.pdbx_host_org_gene                 ? 
_entity_src_gen.pdbx_host_org_organ                ? 
_entity_src_gen.host_org_species                   ? 
_entity_src_gen.pdbx_host_org_tissue               ? 
_entity_src_gen.pdbx_host_org_tissue_fraction      ? 
_entity_src_gen.pdbx_host_org_strain               'ROSETTA(DE3)PLYS' 
_entity_src_gen.pdbx_host_org_variant              ? 
_entity_src_gen.pdbx_host_org_cell_line            ? 
_entity_src_gen.pdbx_host_org_atcc                 ? 
_entity_src_gen.pdbx_host_org_culture_collection   ? 
_entity_src_gen.pdbx_host_org_cell                 ? 
_entity_src_gen.pdbx_host_org_organelle            ? 
_entity_src_gen.pdbx_host_org_cellular_location    ? 
_entity_src_gen.pdbx_host_org_vector_type          ? 
_entity_src_gen.pdbx_host_org_vector               ? 
_entity_src_gen.host_org_details                   ? 
_entity_src_gen.expression_system_id               ? 
_entity_src_gen.plasmid_name                       PDEST14 
_entity_src_gen.plasmid_details                    ? 
_entity_src_gen.pdbx_description                   ? 
# 
loop_
_chem_comp.id 
_chem_comp.type 
_chem_comp.mon_nstd_flag 
_chem_comp.name 
_chem_comp.pdbx_synonyms 
_chem_comp.formula 
_chem_comp.formula_weight 
ALA 'L-peptide linking' y ALANINE         ? 'C3 H7 N O2'     89.093  
ARG 'L-peptide linking' y ARGININE        ? 'C6 H15 N4 O2 1' 175.209 
ASN 'L-peptide linking' y ASPARAGINE      ? 'C4 H8 N2 O3'    132.118 
ASP 'L-peptide linking' y 'ASPARTIC ACID' ? 'C4 H7 N O4'     133.103 
CYS 'L-peptide linking' y CYSTEINE        ? 'C3 H7 N O2 S'   121.158 
GLN 'L-peptide linking' y GLUTAMINE       ? 'C5 H10 N2 O3'   146.144 
GLU 'L-peptide linking' y 'GLUTAMIC ACID' ? 'C5 H9 N O4'     147.129 
GLY 'peptide linking'   y GLYCINE         ? 'C2 H5 N O2'     75.067  
HIS 'L-peptide linking' y HISTIDINE       ? 'C6 H10 N3 O2 1' 156.162 
HOH non-polymer         . WATER           ? 'H2 O'           18.015  
ILE 'L-peptide linking' y ISOLEUCINE      ? 'C6 H13 N O2'    131.173 
LEU 'L-peptide linking' y LEUCINE         ? 'C6 H13 N O2'    131.173 
LYS 'L-peptide linking' y LYSINE          ? 'C6 H15 N2 O2 1' 147.195 
MET 'L-peptide linking' y METHIONINE      ? 'C5 H11 N O2 S'  149.211 
PHE 'L-peptide linking' y PHENYLALANINE   ? 'C9 H11 N O2'    165.189 
PRO 'L-peptide linking' y PROLINE         ? 'C5 H9 N O2'     115.130 
SER 'L-peptide linking' y SERINE          ? 'C3 H7 N O3'     105.093 
THR 'L-peptide linking' y THREONINE       ? 'C4 H9 N O3'     119.119 
TRP 'L-peptide linking' y TRYPTOPHAN      ? 'C11 H12 N2 O2'  204.225 
TYR 'L-peptide linking' y TYROSINE        ? 'C9 H11 N O3'    181.189 
VAL 'L-peptide linking' y VALINE          ? 'C5 H11 N O2'    117.146 
# 
loop_
_pdbx_poly_seq_scheme.asym_id 
_pdbx_poly_seq_scheme.entity_id 
_pdbx_poly_seq_scheme.seq_id 
_pdbx_poly_seq_scheme.mon_id 
_pdbx_poly_seq_scheme.ndb_seq_num 
_pdbx_poly_seq_scheme.pdb_seq_num 
_pdbx_poly_seq_scheme.auth_seq_num 
_pdbx_poly_seq_scheme.pdb_mon_id 
_pdbx_poly_seq_scheme.auth_mon_id 
_pdbx_poly_seq_scheme.pdb_strand_id 
_pdbx_poly_seq_scheme.pdb_ins_code 
_pdbx_poly_seq_scheme.hetero 
A 1 1   MET 1   -7  ?   ?   ?   A . n 
A 1 2   ALA 2   -6  ?   ?   ?   A . n 
A 1 3   HIS 3   -5  ?   ?   ?   A . n 
A 1 4   HIS 4   -4  ?   ?   ?   A . n 
A 1 5   HIS 5   -3  ?   ?   ?   A . n 
A 1 6   HIS 6   -2  ?   ?   ?   A . n 
A 1 7   HIS 7   -1  ?   ?   ?   A . n 
A 1 8   HIS 8   0   ?   ?   ?   A . n 
A 1 9   ASP 9   1   ?   ?   ?   A . n 
A 1 10  ASP 10  2   ?   ?   ?   A . n 
A 1 11  LYS 11  3   ?   ?   ?   A . n 
A 1 12  SER 12  4   ?   ?   ?   A . n 
A 1 13  VAL 13  5   ?   ?   ?   A . n 
A 1 14  CYS 14  6   6   CYS CYS A . n 
A 1 15  ASP 15  7   7   ASP ASP A . n 
A 1 16  SER 16  8   8   SER SER A . n 
A 1 17  ASP 17  9   9   ASP ASP A . n 
A 1 18  ASN 18  10  10  ASN ASN A . n 
A 1 19  LYS 19  11  11  LYS LYS A . n 
A 1 20  GLU 20  12  12  GLU GLU A . n 
A 1 21  TYR 21  13  13  TYR TYR A . n 
A 1 22  MET 22  14  14  MET MET A . n 
A 1 23  GLY 23  15  15  GLY GLY A . n 
A 1 24  ILE 24  16  16  ILE ILE A . n 
A 1 25  GLU 25  17  17  GLU GLU A . n 
A 1 26  VAL 26  18  18  VAL VAL A . n 
A 1 27  TYR 27  19  19  TYR TYR A . n 
A 1 28  VAL 28  20  20  VAL VAL A . n 
A 1 29  GLU 29  21  21  GLU GLU A . n 
A 1 30  ALA 30  22  22  ALA ALA A . n 
A 1 31  THR 31  23  23  THR THR A . n 
A 1 32  LEU 32  24  24  LEU LEU A . n 
A 1 33  ASP 33  25  25  ASP ASP A . n 
A 1 34  GLU 34  26  26  GLU GLU A . n 
A 1 35  PRO 35  27  27  PRO PRO A . n 
A 1 36  LEU 36  28  28  LEU LEU A . n 
A 1 37  ARG 37  29  29  ARG ARG A . n 
A 1 38  GLN 38  30  30  GLN GLN A . n 
A 1 39  THR 39  31  31  THR THR A . n 
A 1 40  THR 40  32  32  THR THR A . n 
A 1 41  CYS 41  33  33  CYS CYS A . n 
A 1 42  GLU 42  34  34  GLU GLU A . n 
A 1 43  SER 43  35  35  SER SER A . n 
A 1 44  LYS 44  36  36  LYS LYS A . n 
A 1 45  ILE 45  37  37  ILE ILE A . n 
A 1 46  HIS 46  38  38  HIS HIS A . n 
A 1 47  LYS 47  39  39  LYS LYS A . n 
A 1 48  TYR 48  40  40  TYR TYR A . n 
A 1 49  GLY 49  41  41  GLY GLY A . n 
A 1 50  ALA 50  42  42  ALA ALA A . n 
A 1 51  SER 51  43  43  SER SER A . n 
A 1 52  VAL 52  44  44  VAL VAL A . n 
A 1 53  SER 53  45  45  SER SER A . n 
A 1 54  ASN 54  46  46  ASN ASN A . n 
A 1 55  GLY 55  47  47  GLY GLY A . n 
A 1 56  GLY 56  48  48  GLY GLY A . n 
A 1 57  LEU 57  49  49  LEU LEU A . n 
A 1 58  ASN 58  50  50  ASN ASN A . n 
A 1 59  ILE 59  51  51  ILE ILE A . n 
A 1 60  SER 60  52  52  SER SER A . n 
A 1 61  VAL 61  53  53  VAL VAL A . n 
A 1 62  ASP 62  54  54  ASP ASP A . n 
A 1 63  LEU 63  55  55  LEU LEU A . n 
A 1 64  LEU 64  56  56  LEU LEU A . n 
A 1 65  ASN 65  57  57  ASN ASN A . n 
A 1 66  CYS 66  58  58  CYS CYS A . n 
A 1 67  PHE 67  59  59  PHE PHE A . n 
A 1 68  LEU 68  60  60  LEU LEU A . n 
A 1 69  ASN 69  61  61  ASN ASN A . n 
A 1 70  PHE 70  62  62  PHE PHE A . n 
A 1 71  HIS 71  63  63  HIS HIS A . n 
A 1 72  THR 72  64  64  THR THR A . n 
A 1 73  VAL 73  65  65  VAL VAL A . n 
A 1 74  GLY 74  66  66  GLY GLY A . n 
A 1 75  VAL 75  67  67  VAL VAL A . n 
A 1 76  TYR 76  68  68  TYR TYR A . n 
A 1 77  THR 77  69  69  THR THR A . n 
A 1 78  ASN 78  70  70  ASN ASN A . n 
A 1 79  ARG 79  71  71  ARG ARG A . n 
A 1 80  ASP 80  72  72  ASP ASP A . n 
A 1 81  THR 81  73  73  THR THR A . n 
A 1 82  VAL 82  74  74  VAL VAL A . n 
A 1 83  TYR 83  75  75  TYR TYR A . n 
A 1 84  ALA 84  76  76  ALA ALA A . n 
A 1 85  LYS 85  77  77  LYS LYS A . n 
A 1 86  PHE 86  78  78  PHE PHE A . n 
A 1 87  ALA 87  79  79  ALA ALA A . n 
A 1 88  SER 88  80  80  SER SER A . n 
A 1 89  LEU 89  81  81  LEU LEU A . n 
A 1 90  ASP 90  82  82  ASP ASP A . n 
A 1 91  PRO 91  83  83  PRO PRO A . n 
A 1 92  TRP 92  84  84  TRP TRP A . n 
A 1 93  THR 93  85  85  THR THR A . n 
A 1 94  THR 94  86  86  THR THR A . n 
A 1 95  GLU 95  87  87  GLU GLU A . n 
A 1 96  PRO 96  88  88  PRO PRO A . n 
A 1 97  ILE 97  89  89  ILE ILE A . n 
A 1 98  ASN 98  90  90  ASN ASN A . n 
A 1 99  SER 99  91  91  SER SER A . n 
A 1 100 MET 100 92  92  MET MET A . n 
A 1 101 THR 101 93  93  THR THR A . n 
A 1 102 HIS 102 94  94  HIS HIS A . n 
A 1 103 ASP 103 95  95  ASP ASP A . n 
A 1 104 ASP 104 96  96  ASP ASP A . n 
A 1 105 LEU 105 97  97  LEU LEU A . n 
A 1 106 VAL 106 98  98  VAL VAL A . n 
A 1 107 LYS 107 99  99  LYS LYS A . n 
A 1 108 LEU 108 100 100 LEU LEU A . n 
A 1 109 THR 109 101 101 THR THR A . n 
A 1 110 GLU 110 102 102 GLU GLU A . n 
A 1 111 GLU 111 103 103 GLU GLU A . n 
A 1 112 CYS 112 104 104 CYS CYS A . n 
A 1 113 ILE 113 105 105 ILE ILE A . n 
A 1 114 VAL 114 106 106 VAL VAL A . n 
A 1 115 ASP 115 107 107 ASP ASP A . n 
A 1 116 ILE 116 108 108 ILE ILE A . n 
A 1 117 TYR 117 109 109 TYR TYR A . n 
A 1 118 LEU 118 110 110 LEU LEU A . n 
A 1 119 LYS 119 111 111 LYS LYS A . n 
A 1 120 CYS 120 112 112 CYS CYS A . n 
A 1 121 GLU 121 113 113 GLU GLU A . n 
A 1 122 VAL 122 114 114 VAL VAL A . n 
A 1 123 ASP 123 115 115 ASP ASP A . n 
A 1 124 LYS 124 116 116 LYS LYS A . n 
A 1 125 THR 125 117 117 THR THR A . n 
A 1 126 LYS 126 118 118 LYS LYS A . n 
A 1 127 ASP 127 119 119 ASP ASP A . n 
A 1 128 PHE 128 120 120 PHE PHE A . n 
A 1 129 MET 129 121 121 MET MET A . n 
A 1 130 LYS 130 122 122 LYS LYS A . n 
A 1 131 THR 131 123 123 THR THR A . n 
A 1 132 ASN 132 124 124 ASN ASN A . n 
A 1 133 GLY 133 125 125 GLY GLY A . n 
A 1 134 ASN 134 126 126 ASN ASN A . n 
A 1 135 ARG 135 127 127 ARG ARG A . n 
A 1 136 LEU 136 128 128 LEU LEU A . n 
A 1 137 LYS 137 129 129 LYS LYS A . n 
A 1 138 PRO 138 130 130 PRO PRO A . n 
A 1 139 ARG 139 131 131 ARG ARG A . n 
A 1 140 ASP 140 132 132 ASP ASP A . n 
A 1 141 PHE 141 133 133 PHE PHE A . n 
A 1 142 LYS 142 134 134 LYS LYS A . n 
A 1 143 THR 143 135 135 THR THR A . n 
A 1 144 VAL 144 136 136 VAL VAL A . n 
A 1 145 PRO 145 137 137 PRO PRO A . n 
A 1 146 PRO 146 138 138 PRO PRO A . n 
A 1 147 SER 147 139 139 SER SER A . n 
A 1 148 ASN 148 140 140 ASN ASN A . n 
A 1 149 VAL 149 141 141 VAL VAL A . n 
A 1 150 GLY 150 142 142 GLY GLY A . n 
A 1 151 SER 151 143 143 SER SER A . n 
A 1 152 MET 152 144 144 MET MET A . n 
A 1 153 ILE 153 145 145 ILE ILE A . n 
A 1 154 GLU 154 146 146 GLU GLU A . n 
A 1 155 LEU 155 147 147 LEU LEU A . n 
A 1 156 GLN 156 148 148 GLN GLN A . n 
A 1 157 SER 157 149 149 SER SER A . n 
A 1 158 ASP 158 150 150 ASP ASP A . n 
A 1 159 TYR 159 151 151 TYR TYR A . n 
A 1 160 CYS 160 152 152 CYS CYS A . n 
A 1 161 VAL 161 153 153 VAL VAL A . n 
A 1 162 ASN 162 154 154 ASN ASN A . n 
A 1 163 ASP 163 155 155 ASP ASP A . n 
A 1 164 VAL 164 156 156 VAL VAL A . n 
A 1 165 THR 165 157 157 THR THR A . n 
A 1 166 THR 166 158 158 THR THR A . n 
A 1 167 TYR 167 159 159 TYR TYR A . n 
A 1 168 VAL 168 160 160 VAL VAL A . n 
A 1 169 LYS 169 161 161 LYS LYS A . n 
A 1 170 ILE 170 162 162 ILE ILE A . n 
A 1 171 TYR 171 163 163 TYR TYR A . n 
A 1 172 ASP 172 164 164 ASP ASP A . n 
A 1 173 GLU 173 165 165 GLU GLU A . n 
A 1 174 CYS 174 166 166 CYS CYS A . n 
A 1 175 GLY 175 167 167 GLY GLY A . n 
A 1 176 ASN 176 168 168 ASN ASN A . n 
A 1 177 ILE 177 169 169 ILE ILE A . n 
A 1 178 LYS 178 170 170 LYS LYS A . n 
A 1 179 GLN 179 171 171 GLN GLN A . n 
A 1 180 HIS 180 172 172 HIS HIS A . n 
A 1 181 SER 181 173 173 SER SER A . n 
A 1 182 ILE 182 174 174 ILE ILE A . n 
A 1 183 PRO 183 175 175 PRO PRO A . n 
A 1 184 THR 184 176 176 THR THR A . n 
A 1 185 LEU 185 177 177 LEU LEU A . n 
A 1 186 ARG 186 178 178 ARG ARG A . n 
A 1 187 ASP 187 179 179 ASP ASP A . n 
A 1 188 TYR 188 180 180 TYR TYR A . n 
A 1 189 PHE 189 181 181 PHE PHE A . n 
A 1 190 THR 190 182 182 THR THR A . n 
A 1 191 THR 191 183 183 THR THR A . n 
A 1 192 LYS 192 184 184 LYS LYS A . n 
A 1 193 ASN 193 185 185 ASN ASN A . n 
A 1 194 GLY 194 186 186 GLY GLY A . n 
A 1 195 GLN 195 187 187 GLN GLN A . n 
A 1 196 PRO 196 188 188 PRO PRO A . n 
A 1 197 ARG 197 189 189 ARG ARG A . n 
A 1 198 LYS 198 190 190 LYS LYS A . n 
A 1 199 ILE 199 191 191 ILE ILE A . n 
A 1 200 LEU 200 192 192 LEU LEU A . n 
A 1 201 LYS 201 193 193 LYS LYS A . n 
A 1 202 LYS 202 194 194 LYS LYS A . n 
A 1 203 LYS 203 195 195 LYS LYS A . n 
A 1 204 PHE 204 196 196 PHE PHE A . n 
A 1 205 ASP 205 197 197 ASP ASP A . n 
A 1 206 ASN 206 198 198 ASN ASN A . n 
A 1 207 CYS 207 199 199 CYS CYS A . n 
# 
loop_
_pdbx_nonpoly_scheme.asym_id 
_pdbx_nonpoly_scheme.entity_id 
_pdbx_nonpoly_scheme.mon_id 
_pdbx_nonpoly_scheme.ndb_seq_num 
_pdbx_nonpoly_scheme.pdb_seq_num 
_pdbx_nonpoly_scheme.auth_seq_num 
_pdbx_nonpoly_scheme.pdb_mon_id 
_pdbx_nonpoly_scheme.auth_mon_id 
_pdbx_nonpoly_scheme.pdb_strand_id 
_pdbx_nonpoly_scheme.pdb_ins_code 
B 2 HOH 1   2001 2001 HOH HOH A . 
B 2 HOH 2   2002 2002 HOH HOH A . 
B 2 HOH 3   2003 2003 HOH HOH A . 
B 2 HOH 4   2004 2004 HOH HOH A . 
B 2 HOH 5   2005 2005 HOH HOH A . 
B 2 HOH 6   2006 2006 HOH HOH A . 
B 2 HOH 7   2007 2007 HOH HOH A . 
B 2 HOH 8   2008 2008 HOH HOH A . 
B 2 HOH 9   2009 2009 HOH HOH A . 
B 2 HOH 10  2010 2010 HOH HOH A . 
B 2 HOH 11  2011 2011 HOH HOH A . 
B 2 HOH 12  2012 2012 HOH HOH A . 
B 2 HOH 13  2013 2013 HOH HOH A . 
B 2 HOH 14  2014 2014 HOH HOH A . 
B 2 HOH 15  2015 2015 HOH HOH A . 
B 2 HOH 16  2016 2016 HOH HOH A . 
B 2 HOH 17  2017 2017 HOH HOH A . 
B 2 HOH 18  2018 2018 HOH HOH A . 
B 2 HOH 19  2019 2019 HOH HOH A . 
B 2 HOH 20  2020 2020 HOH HOH A . 
B 2 HOH 21  2021 2021 HOH HOH A . 
B 2 HOH 22  2022 2022 HOH HOH A . 
B 2 HOH 23  2023 2023 HOH HOH A . 
B 2 HOH 24  2024 2024 HOH HOH A . 
B 2 HOH 25  2025 2025 HOH HOH A . 
B 2 HOH 26  2026 2026 HOH HOH A . 
B 2 HOH 27  2027 2027 HOH HOH A . 
B 2 HOH 28  2028 2028 HOH HOH A . 
B 2 HOH 29  2029 2029 HOH HOH A . 
B 2 HOH 30  2030 2030 HOH HOH A . 
B 2 HOH 31  2031 2031 HOH HOH A . 
B 2 HOH 32  2032 2032 HOH HOH A . 
B 2 HOH 33  2033 2033 HOH HOH A . 
B 2 HOH 34  2034 2034 HOH HOH A . 
B 2 HOH 35  2035 2035 HOH HOH A . 
B 2 HOH 36  2036 2036 HOH HOH A . 
B 2 HOH 37  2037 2037 HOH HOH A . 
B 2 HOH 38  2038 2038 HOH HOH A . 
B 2 HOH 39  2039 2039 HOH HOH A . 
B 2 HOH 40  2040 2040 HOH HOH A . 
B 2 HOH 41  2041 2041 HOH HOH A . 
B 2 HOH 42  2042 2042 HOH HOH A . 
B 2 HOH 43  2043 2043 HOH HOH A . 
B 2 HOH 44  2044 2044 HOH HOH A . 
B 2 HOH 45  2045 2045 HOH HOH A . 
B 2 HOH 46  2046 2046 HOH HOH A . 
B 2 HOH 47  2047 2047 HOH HOH A . 
B 2 HOH 48  2048 2048 HOH HOH A . 
B 2 HOH 49  2049 2049 HOH HOH A . 
B 2 HOH 50  2050 2050 HOH HOH A . 
B 2 HOH 51  2051 2051 HOH HOH A . 
B 2 HOH 52  2052 2052 HOH HOH A . 
B 2 HOH 53  2053 2053 HOH HOH A . 
B 2 HOH 54  2054 2054 HOH HOH A . 
B 2 HOH 55  2055 2055 HOH HOH A . 
B 2 HOH 56  2056 2056 HOH HOH A . 
B 2 HOH 57  2057 2057 HOH HOH A . 
B 2 HOH 58  2058 2058 HOH HOH A . 
B 2 HOH 59  2059 2059 HOH HOH A . 
B 2 HOH 60  2060 2060 HOH HOH A . 
B 2 HOH 61  2061 2061 HOH HOH A . 
B 2 HOH 62  2062 2062 HOH HOH A . 
B 2 HOH 63  2063 2063 HOH HOH A . 
B 2 HOH 64  2064 2064 HOH HOH A . 
B 2 HOH 65  2065 2065 HOH HOH A . 
B 2 HOH 66  2066 2066 HOH HOH A . 
B 2 HOH 67  2067 2067 HOH HOH A . 
B 2 HOH 68  2068 2068 HOH HOH A . 
B 2 HOH 69  2069 2069 HOH HOH A . 
B 2 HOH 70  2070 2070 HOH HOH A . 
B 2 HOH 71  2071 2071 HOH HOH A . 
B 2 HOH 72  2072 2072 HOH HOH A . 
B 2 HOH 73  2073 2073 HOH HOH A . 
B 2 HOH 74  2074 2074 HOH HOH A . 
B 2 HOH 75  2075 2075 HOH HOH A . 
B 2 HOH 76  2076 2076 HOH HOH A . 
B 2 HOH 77  2077 2077 HOH HOH A . 
B 2 HOH 78  2078 2078 HOH HOH A . 
B 2 HOH 79  2079 2079 HOH HOH A . 
B 2 HOH 80  2080 2080 HOH HOH A . 
B 2 HOH 81  2081 2081 HOH HOH A . 
B 2 HOH 82  2082 2082 HOH HOH A . 
B 2 HOH 83  2083 2083 HOH HOH A . 
B 2 HOH 84  2084 2084 HOH HOH A . 
B 2 HOH 85  2085 2085 HOH HOH A . 
B 2 HOH 86  2086 2086 HOH HOH A . 
B 2 HOH 87  2087 2087 HOH HOH A . 
B 2 HOH 88  2088 2088 HOH HOH A . 
B 2 HOH 89  2089 2089 HOH HOH A . 
B 2 HOH 90  2090 2090 HOH HOH A . 
B 2 HOH 91  2091 2091 HOH HOH A . 
B 2 HOH 92  2092 2092 HOH HOH A . 
B 2 HOH 93  2093 2093 HOH HOH A . 
B 2 HOH 94  2094 2094 HOH HOH A . 
B 2 HOH 95  2095 2095 HOH HOH A . 
B 2 HOH 96  2096 2096 HOH HOH A . 
B 2 HOH 97  2097 2097 HOH HOH A . 
B 2 HOH 98  2098 2098 HOH HOH A . 
B 2 HOH 99  2099 2099 HOH HOH A . 
B 2 HOH 100 2100 2100 HOH HOH A . 
B 2 HOH 101 2101 2101 HOH HOH A . 
B 2 HOH 102 2102 2102 HOH HOH A . 
B 2 HOH 103 2103 2103 HOH HOH A . 
B 2 HOH 104 2104 2104 HOH HOH A . 
B 2 HOH 105 2105 2105 HOH HOH A . 
B 2 HOH 106 2106 2106 HOH HOH A . 
B 2 HOH 107 2107 2107 HOH HOH A . 
B 2 HOH 108 2108 2108 HOH HOH A . 
B 2 HOH 109 2109 2109 HOH HOH A . 
B 2 HOH 110 2110 2110 HOH HOH A . 
B 2 HOH 111 2111 2111 HOH HOH A . 
B 2 HOH 112 2112 2112 HOH HOH A . 
B 2 HOH 113 2113 2113 HOH HOH A . 
B 2 HOH 114 2114 2114 HOH HOH A . 
B 2 HOH 115 2115 2115 HOH HOH A . 
B 2 HOH 116 2116 2116 HOH HOH A . 
B 2 HOH 117 2117 2117 HOH HOH A . 
B 2 HOH 118 2118 2118 HOH HOH A . 
B 2 HOH 119 2119 2119 HOH HOH A . 
B 2 HOH 120 2120 2120 HOH HOH A . 
B 2 HOH 121 2121 2121 HOH HOH A . 
B 2 HOH 122 2122 2122 HOH HOH A . 
B 2 HOH 123 2123 2123 HOH HOH A . 
B 2 HOH 124 2124 2124 HOH HOH A . 
B 2 HOH 125 2125 2125 HOH HOH A . 
B 2 HOH 126 2126 2126 HOH HOH A . 
B 2 HOH 127 2127 2127 HOH HOH A . 
B 2 HOH 128 2128 2128 HOH HOH A . 
B 2 HOH 129 2129 2129 HOH HOH A . 
B 2 HOH 130 2130 2130 HOH HOH A . 
B 2 HOH 131 2131 2131 HOH HOH A . 
B 2 HOH 132 2132 2132 HOH HOH A . 
B 2 HOH 133 2133 2133 HOH HOH A . 
B 2 HOH 134 2134 2134 HOH HOH A . 
B 2 HOH 135 2135 2135 HOH HOH A . 
B 2 HOH 136 2136 2136 HOH HOH A . 
B 2 HOH 137 2137 2137 HOH HOH A . 
B 2 HOH 138 2138 2138 HOH HOH A . 
B 2 HOH 139 2139 2139 HOH HOH A . 
B 2 HOH 140 2140 2140 HOH HOH A . 
B 2 HOH 141 2141 2141 HOH HOH A . 
B 2 HOH 142 2142 2142 HOH HOH A . 
B 2 HOH 143 2143 2143 HOH HOH A . 
B 2 HOH 144 2144 2144 HOH HOH A . 
B 2 HOH 145 2145 2145 HOH HOH A . 
B 2 HOH 146 2146 2146 HOH HOH A . 
B 2 HOH 147 2147 2147 HOH HOH A . 
B 2 HOH 148 2148 2148 HOH HOH A . 
B 2 HOH 149 2149 2149 HOH HOH A . 
B 2 HOH 150 2150 2150 HOH HOH A . 
B 2 HOH 151 2151 2151 HOH HOH A . 
B 2 HOH 152 2152 2152 HOH HOH A . 
B 2 HOH 153 2153 2153 HOH HOH A . 
B 2 HOH 154 2154 2154 HOH HOH A . 
B 2 HOH 155 2155 2155 HOH HOH A . 
B 2 HOH 156 2156 2156 HOH HOH A . 
B 2 HOH 157 2157 2157 HOH HOH A . 
B 2 HOH 158 2158 2158 HOH HOH A . 
B 2 HOH 159 2159 2159 HOH HOH A . 
B 2 HOH 160 2160 2160 HOH HOH A . 
# 
loop_
_software.name 
_software.classification 
_software.version 
_software.citation_id 
_software.pdbx_ordinal 
REFMAC    refinement       5.2.0019 ? 1 
DENZO     'data reduction' .        ? 2 
SCALEPACK 'data scaling'   .        ? 3 
SHELXD    phasing          .        ? 4 
# 
_cell.entry_id           2VGA 
_cell.length_a           36.608 
_cell.length_b           60.839 
_cell.length_c           50.407 
_cell.angle_alpha        90.00 
_cell.angle_beta         91.04 
_cell.angle_gamma        90.00 
_cell.Z_PDB              2 
_cell.pdbx_unique_axis   ? 
# 
_symmetry.entry_id                         2VGA 
_symmetry.space_group_name_H-M             'P 1 21 1' 
_symmetry.pdbx_full_space_group_name_H-M   ? 
_symmetry.cell_setting                     ? 
_symmetry.Int_Tables_number                4 
# 
_exptl.entry_id          2VGA 
_exptl.method            'X-RAY DIFFRACTION' 
_exptl.crystals_number   1 
# 
_exptl_crystal.id                    1 
_exptl_crystal.density_meas          ? 
_exptl_crystal.density_Matthews      2.34 
_exptl_crystal.density_percent_sol   47.09 
_exptl_crystal.description           'DATA COLLECTED ON BM14 FOR MAD EXPERIMENT' 
# 
_exptl_crystal_grow.crystal_id      1 
_exptl_crystal_grow.method          ? 
_exptl_crystal_grow.temp            ? 
_exptl_crystal_grow.temp_details    ? 
_exptl_crystal_grow.pH              ? 
_exptl_crystal_grow.pdbx_pH_range   ? 
_exptl_crystal_grow.pdbx_details    '0.2 M POTASSIUM FLUORIDE, 20 % POLYETHYLENE GLYCOL 3350.' 
# 
_diffrn.id                     1 
_diffrn.ambient_temp           100 
_diffrn.ambient_temp_details   ? 
_diffrn.crystal_id             1 
# 
_diffrn_detector.diffrn_id              1 
_diffrn_detector.detector               CCD 
_diffrn_detector.type                   'ADSC CCD' 
_diffrn_detector.pdbx_collection_date   ? 
_diffrn_detector.details                ? 
# 
_diffrn_radiation.diffrn_id                        1 
_diffrn_radiation.wavelength_id                    1 
_diffrn_radiation.pdbx_monochromatic_or_laue_m_l   M 
_diffrn_radiation.monochromator                    ? 
_diffrn_radiation.pdbx_diffrn_protocol             'SINGLE WAVELENGTH' 
_diffrn_radiation.pdbx_scattering_type             x-ray 
# 
_diffrn_radiation_wavelength.id           1 
_diffrn_radiation_wavelength.wavelength   0.931 
_diffrn_radiation_wavelength.wt           1.0 
# 
_diffrn_source.diffrn_id                   1 
_diffrn_source.source                      SYNCHROTRON 
_diffrn_source.type                        'ESRF BEAMLINE ID14-1' 
_diffrn_source.pdbx_synchrotron_site       ESRF 
_diffrn_source.pdbx_synchrotron_beamline   ID14-1 
_diffrn_source.pdbx_wavelength             0.931 
_diffrn_source.pdbx_wavelength_list        ? 
# 
_reflns.pdbx_diffrn_id               1 
_reflns.pdbx_ordinal                 1 
_reflns.entry_id                     2VGA 
_reflns.observed_criterion_sigma_I   0.0 
_reflns.observed_criterion_sigma_F   ? 
_reflns.d_resolution_low             30.00 
_reflns.d_resolution_high            1.90 
_reflns.number_obs                   17533 
_reflns.number_all                   ? 
_reflns.percent_possible_obs         99.9 
_reflns.pdbx_Rmerge_I_obs            0.08 
_reflns.pdbx_Rsym_value              ? 
_reflns.pdbx_netI_over_sigmaI        25.70 
_reflns.B_iso_Wilson_estimate        ? 
_reflns.pdbx_redundancy              7.7 
# 
_reflns_shell.pdbx_diffrn_id         1 
_reflns_shell.pdbx_ordinal           1 
_reflns_shell.d_res_high             1.90 
_reflns_shell.d_res_low              2.00 
_reflns_shell.percent_possible_all   99.8 
_reflns_shell.Rmerge_I_obs           0.88 
_reflns_shell.pdbx_Rsym_value        ? 
_reflns_shell.meanI_over_sigI_obs    2.40 
_reflns_shell.pdbx_redundancy        7 
# 
_refine.pdbx_refine_id                           'X-RAY DIFFRACTION' 
_refine.entry_id                                 2VGA 
_refine.pdbx_diffrn_id                           1 
_refine.pdbx_TLS_residual_ADP_flag               'LIKELY RESIDUAL' 
_refine.ls_number_reflns_obs                     15741 
_refine.ls_number_reflns_all                     ? 
_refine.pdbx_ls_sigma_I                          ? 
_refine.pdbx_ls_sigma_F                          ? 
_refine.pdbx_data_cutoff_high_absF               ? 
_refine.pdbx_data_cutoff_low_absF                ? 
_refine.pdbx_data_cutoff_high_rms_absF           ? 
_refine.ls_d_res_low                             50.38 
_refine.ls_d_res_high                            1.90 
_refine.ls_percent_reflns_obs                    99.9 
_refine.ls_R_factor_obs                          0.200 
_refine.ls_R_factor_all                          ? 
_refine.ls_R_factor_R_work                       0.194 
_refine.ls_R_factor_R_free                       0.249 
_refine.ls_R_factor_R_free_error                 ? 
_refine.ls_R_factor_R_free_error_details         ? 
_refine.ls_percent_reflns_R_free                 10.100 
_refine.ls_number_reflns_R_free                  1778 
_refine.ls_number_parameters                     ? 
_refine.ls_number_restraints                     ? 
_refine.occupancy_min                            ? 
_refine.occupancy_max                            ? 
_refine.correlation_coeff_Fo_to_Fc               0.966 
_refine.correlation_coeff_Fo_to_Fc_free          0.940 
_refine.B_iso_mean                               27.02 
_refine.aniso_B[1][1]                            -2.38000 
_refine.aniso_B[2][2]                            2.88000 
_refine.aniso_B[3][3]                            -0.54000 
_refine.aniso_B[1][2]                            0.00000 
_refine.aniso_B[1][3]                            -1.37000 
_refine.aniso_B[2][3]                            0.00000 
_refine.solvent_model_details                    MASK 
_refine.solvent_model_param_ksol                 ? 
_refine.solvent_model_param_bsol                 ? 
_refine.pdbx_solvent_vdw_probe_radii             1.40 
_refine.pdbx_solvent_ion_probe_radii             0.80 
_refine.pdbx_solvent_shrinkage_radii             0.80 
_refine.pdbx_ls_cross_valid_method               THROUGHOUT 
_refine.details                                  
'HYDROGENS HAVE BEEN ADDED IN THE RIDING POSITIONS. DISORDERED REGIONS WERE MODELED STEREOCHEMICALLY' 
_refine.pdbx_starting_model                      NONE 
_refine.pdbx_method_to_determine_struct          MAD 
_refine.pdbx_isotropic_thermal_model             ? 
_refine.pdbx_stereochemistry_target_values       'MAXIMUM LIKELIHOOD' 
_refine.pdbx_stereochem_target_val_spec_case     ? 
_refine.pdbx_R_Free_selection_details            RANDOM 
_refine.pdbx_overall_ESU_R                       0.168 
_refine.pdbx_overall_ESU_R_Free                  0.162 
_refine.overall_SU_ML                            0.149 
_refine.pdbx_overall_phase_error                 ? 
_refine.overall_SU_B                             10.302 
_refine.overall_SU_R_Cruickshank_DPI             ? 
_refine.pdbx_overall_SU_R_free_Cruickshank_DPI   ? 
_refine.pdbx_overall_SU_R_Blow_DPI               ? 
_refine.pdbx_overall_SU_R_free_Blow_DPI          ? 
# 
_refine_hist.pdbx_refine_id                   'X-RAY DIFFRACTION' 
_refine_hist.cycle_id                         LAST 
_refine_hist.pdbx_number_atoms_protein        1551 
_refine_hist.pdbx_number_atoms_nucleic_acid   0 
_refine_hist.pdbx_number_atoms_ligand         0 
_refine_hist.number_atoms_solvent             160 
_refine_hist.number_atoms_total               1711 
_refine_hist.d_res_high                       1.90 
_refine_hist.d_res_low                        50.38 
# 
loop_
_refine_ls_restr.type 
_refine_ls_restr.dev_ideal 
_refine_ls_restr.dev_ideal_target 
_refine_ls_restr.weight 
_refine_ls_restr.number 
_refine_ls_restr.pdbx_refine_id 
_refine_ls_restr.pdbx_restraint_function 
r_bond_refined_d             0.012  0.022  ? 1585 'X-RAY DIFFRACTION' ? 
r_bond_other_d               0.001  0.020  ? 1071 'X-RAY DIFFRACTION' ? 
r_angle_refined_deg          1.533  1.962  ? 2149 'X-RAY DIFFRACTION' ? 
r_angle_other_deg            1.115  3.006  ? 2623 'X-RAY DIFFRACTION' ? 
r_dihedral_angle_1_deg       8.601  5.000  ? 193  'X-RAY DIFFRACTION' ? 
r_dihedral_angle_2_deg       34.743 25.405 ? 74   'X-RAY DIFFRACTION' ? 
r_dihedral_angle_3_deg       14.935 15.000 ? 287  'X-RAY DIFFRACTION' ? 
r_dihedral_angle_4_deg       13.510 15.000 ? 6    'X-RAY DIFFRACTION' ? 
r_chiral_restr               0.203  0.200  ? 243  'X-RAY DIFFRACTION' ? 
r_gen_planes_refined         0.005  0.020  ? 1736 'X-RAY DIFFRACTION' ? 
r_gen_planes_other           0.001  0.020  ? 297  'X-RAY DIFFRACTION' ? 
r_nbd_refined                0.200  0.200  ? 265  'X-RAY DIFFRACTION' ? 
r_nbd_other                  0.198  0.200  ? 1103 'X-RAY DIFFRACTION' ? 
r_nbtor_refined              0.180  0.200  ? 728  'X-RAY DIFFRACTION' ? 
r_nbtor_other                0.085  0.200  ? 886  'X-RAY DIFFRACTION' ? 
r_xyhbond_nbd_refined        0.206  0.200  ? 100  'X-RAY DIFFRACTION' ? 
r_xyhbond_nbd_other          ?      ?      ? ?    'X-RAY DIFFRACTION' ? 
r_metal_ion_refined          ?      ?      ? ?    'X-RAY DIFFRACTION' ? 
r_metal_ion_other            ?      ?      ? ?    'X-RAY DIFFRACTION' ? 
r_symmetry_vdw_refined       0.166  0.200  ? 6    'X-RAY DIFFRACTION' ? 
r_symmetry_vdw_other         0.226  0.200  ? 51   'X-RAY DIFFRACTION' ? 
r_symmetry_hbond_refined     0.268  0.200  ? 7    'X-RAY DIFFRACTION' ? 
r_symmetry_hbond_other       ?      ?      ? ?    'X-RAY DIFFRACTION' ? 
r_symmetry_metal_ion_refined ?      ?      ? ?    'X-RAY DIFFRACTION' ? 
r_symmetry_metal_ion_other   ?      ?      ? ?    'X-RAY DIFFRACTION' ? 
r_mcbond_it                  2.657  2.000  ? 1243 'X-RAY DIFFRACTION' ? 
r_mcbond_other               ?      ?      ? ?    'X-RAY DIFFRACTION' ? 
r_mcangle_it                 3.078  3.000  ? 1586 'X-RAY DIFFRACTION' ? 
r_mcangle_other              ?      ?      ? ?    'X-RAY DIFFRACTION' ? 
r_scbond_it                  4.653  4.000  ? 722  'X-RAY DIFFRACTION' ? 
r_scbond_other               ?      ?      ? ?    'X-RAY DIFFRACTION' ? 
r_scangle_it                 5.743  6.000  ? 563  'X-RAY DIFFRACTION' ? 
r_scangle_other              ?      ?      ? ?    'X-RAY DIFFRACTION' ? 
r_long_range_B_refined       ?      ?      ? ?    'X-RAY DIFFRACTION' ? 
r_long_range_B_other         ?      ?      ? ?    'X-RAY DIFFRACTION' ? 
r_rigid_bond_restr           ?      ?      ? ?    'X-RAY DIFFRACTION' ? 
r_sphericity_free            ?      ?      ? ?    'X-RAY DIFFRACTION' ? 
r_sphericity_bonded          ?      ?      ? ?    'X-RAY DIFFRACTION' ? 
# 
_refine_ls_shell.pdbx_refine_id                   'X-RAY DIFFRACTION' 
_refine_ls_shell.pdbx_total_number_of_bins_used   20 
_refine_ls_shell.d_res_high                       1.90 
_refine_ls_shell.d_res_low                        1.95 
_refine_ls_shell.number_reflns_R_work             1168 
_refine_ls_shell.R_factor_R_work                  0.2980 
_refine_ls_shell.percent_reflns_obs               ? 
_refine_ls_shell.R_factor_R_free                  0.4380 
_refine_ls_shell.R_factor_R_free_error            ? 
_refine_ls_shell.percent_reflns_R_free            ? 
_refine_ls_shell.number_reflns_R_free             134 
_refine_ls_shell.number_reflns_all                ? 
_refine_ls_shell.R_factor_all                     ? 
# 
_struct.entry_id                  2VGA 
_struct.title                     'The structure of Vaccinia virus A41' 
_struct.pdbx_model_details        ? 
_struct.pdbx_CASP_flag            ? 
_struct.pdbx_model_type_details   ? 
# 
_struct_keywords.entry_id        2VGA 
_struct_keywords.pdbx_keywords   'VIRAL PROTEIN' 
_struct_keywords.text            'IMMUNOMODULATOR, CHEMOKINE BINDING PROTEIN, GLYCOPROTEIN, VIRAL PROTEIN, EARLY PROTEIN' 
# 
loop_
_struct_asym.id 
_struct_asym.pdbx_blank_PDB_chainid_flag 
_struct_asym.pdbx_modified 
_struct_asym.entity_id 
_struct_asym.details 
A N N 1 ? 
B N N 2 ? 
# 
loop_
_struct_ref.id 
_struct_ref.db_name 
_struct_ref.db_code 
_struct_ref.entity_id 
_struct_ref.pdbx_seq_one_letter_code 
_struct_ref.pdbx_align_begin 
_struct_ref.pdbx_db_accession 
_struct_ref.pdbx_db_isoform 
1 PDB 2VGA       1 ? ? 2VGA   ? 
2 UNP VA41_VACCV 1 ? ? P24766 ? 
# 
loop_
_struct_ref_seq.align_id 
_struct_ref_seq.ref_id 
_struct_ref_seq.pdbx_PDB_id_code 
_struct_ref_seq.pdbx_strand_id 
_struct_ref_seq.seq_align_beg 
_struct_ref_seq.pdbx_seq_align_beg_ins_code 
_struct_ref_seq.seq_align_end 
_struct_ref_seq.pdbx_seq_align_end_ins_code 
_struct_ref_seq.pdbx_db_accession 
_struct_ref_seq.db_align_beg 
_struct_ref_seq.pdbx_db_align_beg_ins_code 
_struct_ref_seq.db_align_end 
_struct_ref_seq.pdbx_db_align_end_ins_code 
_struct_ref_seq.pdbx_auth_seq_align_beg 
_struct_ref_seq.pdbx_auth_seq_align_end 
1 1 2VGA A 1 ? 8   ? 2VGA   -7 ? 0   ? -7 0   
2 2 2VGA A 9 ? 207 ? P24766 21 ? 219 ? 1  199 
# 
_pdbx_struct_assembly.id                   1 
_pdbx_struct_assembly.details              author_and_software_defined_assembly 
_pdbx_struct_assembly.method_details       PQS 
_pdbx_struct_assembly.oligomeric_details   monomeric 
_pdbx_struct_assembly.oligomeric_count     1 
# 
_pdbx_struct_assembly_gen.assembly_id       1 
_pdbx_struct_assembly_gen.oper_expression   1 
_pdbx_struct_assembly_gen.asym_id_list      A,B 
# 
_pdbx_struct_oper_list.id                   1 
_pdbx_struct_oper_list.type                 'identity operation' 
_pdbx_struct_oper_list.name                 1_555 
_pdbx_struct_oper_list.symmetry_operation   x,y,z 
_pdbx_struct_oper_list.matrix[1][1]         1.0000000000 
_pdbx_struct_oper_list.matrix[1][2]         0.0000000000 
_pdbx_struct_oper_list.matrix[1][3]         0.0000000000 
_pdbx_struct_oper_list.vector[1]            0.0000000000 
_pdbx_struct_oper_list.matrix[2][1]         0.0000000000 
_pdbx_struct_oper_list.matrix[2][2]         1.0000000000 
_pdbx_struct_oper_list.matrix[2][3]         0.0000000000 
_pdbx_struct_oper_list.vector[2]            0.0000000000 
_pdbx_struct_oper_list.matrix[3][1]         0.0000000000 
_pdbx_struct_oper_list.matrix[3][2]         0.0000000000 
_pdbx_struct_oper_list.matrix[3][3]         1.0000000000 
_pdbx_struct_oper_list.vector[3]            0.0000000000 
# 
_struct_biol.id   1 
# 
loop_
_struct_conf.conf_type_id 
_struct_conf.id 
_struct_conf.pdbx_PDB_helix_id 
_struct_conf.beg_label_comp_id 
_struct_conf.beg_label_asym_id 
_struct_conf.beg_label_seq_id 
_struct_conf.pdbx_beg_PDB_ins_code 
_struct_conf.end_label_comp_id 
_struct_conf.end_label_asym_id 
_struct_conf.end_label_seq_id 
_struct_conf.pdbx_end_PDB_ins_code 
_struct_conf.beg_auth_comp_id 
_struct_conf.beg_auth_asym_id 
_struct_conf.beg_auth_seq_id 
_struct_conf.end_auth_comp_id 
_struct_conf.end_auth_asym_id 
_struct_conf.end_auth_seq_id 
_struct_conf.pdbx_PDB_helix_class 
_struct_conf.details 
_struct_conf.pdbx_PDB_helix_length 
HELX_P HELX_P1 1 HIS A 102 ? CYS A 112 ? HIS A 94  CYS A 104 1 ? 11 
HELX_P HELX_P2 2 LYS A 137 ? ARG A 139 ? LYS A 129 ARG A 131 5 ? 3  
# 
_struct_conf_type.id          HELX_P 
_struct_conf_type.criteria    ? 
_struct_conf_type.reference   ? 
# 
loop_
_struct_conn.id 
_struct_conn.conn_type_id 
_struct_conn.pdbx_leaving_atom_flag 
_struct_conn.pdbx_PDB_id 
_struct_conn.ptnr1_label_asym_id 
_struct_conn.ptnr1_label_comp_id 
_struct_conn.ptnr1_label_seq_id 
_struct_conn.ptnr1_label_atom_id 
_struct_conn.pdbx_ptnr1_label_alt_id 
_struct_conn.pdbx_ptnr1_PDB_ins_code 
_struct_conn.pdbx_ptnr1_standard_comp_id 
_struct_conn.ptnr1_symmetry 
_struct_conn.ptnr2_label_asym_id 
_struct_conn.ptnr2_label_comp_id 
_struct_conn.ptnr2_label_seq_id 
_struct_conn.ptnr2_label_atom_id 
_struct_conn.pdbx_ptnr2_label_alt_id 
_struct_conn.pdbx_ptnr2_PDB_ins_code 
_struct_conn.ptnr1_auth_asym_id 
_struct_conn.ptnr1_auth_comp_id 
_struct_conn.ptnr1_auth_seq_id 
_struct_conn.ptnr2_auth_asym_id 
_struct_conn.ptnr2_auth_comp_id 
_struct_conn.ptnr2_auth_seq_id 
_struct_conn.ptnr2_symmetry 
_struct_conn.pdbx_ptnr3_label_atom_id 
_struct_conn.pdbx_ptnr3_label_seq_id 
_struct_conn.pdbx_ptnr3_label_comp_id 
_struct_conn.pdbx_ptnr3_label_asym_id 
_struct_conn.pdbx_ptnr3_label_alt_id 
_struct_conn.pdbx_ptnr3_PDB_ins_code 
_struct_conn.details 
_struct_conn.pdbx_dist_value 
_struct_conn.pdbx_value_order 
_struct_conn.pdbx_role 
disulf1 disulf ? ? A CYS 14  SG ? ? ? 1_555 A CYS 174 SG ? ? A CYS 6   A CYS 166 1_555 ? ? ? ? ? ? ? 2.034 ? ? 
disulf2 disulf ? ? A CYS 41  SG ? ? ? 1_555 A CYS 207 SG ? ? A CYS 33  A CYS 199 1_555 ? ? ? ? ? ? ? 2.028 ? ? 
disulf3 disulf ? ? A CYS 66  SG ? ? ? 1_555 A CYS 112 SG ? ? A CYS 58  A CYS 104 1_555 ? ? ? ? ? ? ? 2.033 ? ? 
disulf4 disulf ? ? A CYS 120 SG ? ? ? 1_555 A CYS 160 SG ? ? A CYS 112 A CYS 152 1_555 ? ? ? ? ? ? ? 2.042 ? ? 
# 
_struct_conn_type.id          disulf 
_struct_conn_type.criteria    ? 
_struct_conn_type.reference   ? 
# 
loop_
_pdbx_modification_feature.ordinal 
_pdbx_modification_feature.label_comp_id 
_pdbx_modification_feature.label_asym_id 
_pdbx_modification_feature.label_seq_id 
_pdbx_modification_feature.label_alt_id 
_pdbx_modification_feature.modified_residue_label_comp_id 
_pdbx_modification_feature.modified_residue_label_asym_id 
_pdbx_modification_feature.modified_residue_label_seq_id 
_pdbx_modification_feature.modified_residue_label_alt_id 
_pdbx_modification_feature.auth_comp_id 
_pdbx_modification_feature.auth_asym_id 
_pdbx_modification_feature.auth_seq_id 
_pdbx_modification_feature.PDB_ins_code 
_pdbx_modification_feature.symmetry 
_pdbx_modification_feature.modified_residue_auth_comp_id 
_pdbx_modification_feature.modified_residue_auth_asym_id 
_pdbx_modification_feature.modified_residue_auth_seq_id 
_pdbx_modification_feature.modified_residue_PDB_ins_code 
_pdbx_modification_feature.modified_residue_symmetry 
_pdbx_modification_feature.comp_id_linking_atom 
_pdbx_modification_feature.modified_residue_id_linking_atom 
_pdbx_modification_feature.modified_residue_id 
_pdbx_modification_feature.ref_pcm_id 
_pdbx_modification_feature.ref_comp_id 
_pdbx_modification_feature.type 
_pdbx_modification_feature.category 
1 CYS A 14  ? CYS A 174 ? CYS A 6   ? 1_555 CYS A 166 ? 1_555 SG SG . . . None 'Disulfide bridge' 
2 CYS A 41  ? CYS A 207 ? CYS A 33  ? 1_555 CYS A 199 ? 1_555 SG SG . . . None 'Disulfide bridge' 
3 CYS A 66  ? CYS A 112 ? CYS A 58  ? 1_555 CYS A 104 ? 1_555 SG SG . . . None 'Disulfide bridge' 
4 CYS A 120 ? CYS A 160 ? CYS A 112 ? 1_555 CYS A 152 ? 1_555 SG SG . . . None 'Disulfide bridge' 
# 
loop_
_struct_mon_prot_cis.pdbx_id 
_struct_mon_prot_cis.label_comp_id 
_struct_mon_prot_cis.label_seq_id 
_struct_mon_prot_cis.label_asym_id 
_struct_mon_prot_cis.label_alt_id 
_struct_mon_prot_cis.pdbx_PDB_ins_code 
_struct_mon_prot_cis.auth_comp_id 
_struct_mon_prot_cis.auth_seq_id 
_struct_mon_prot_cis.auth_asym_id 
_struct_mon_prot_cis.pdbx_label_comp_id_2 
_struct_mon_prot_cis.pdbx_label_seq_id_2 
_struct_mon_prot_cis.pdbx_label_asym_id_2 
_struct_mon_prot_cis.pdbx_PDB_ins_code_2 
_struct_mon_prot_cis.pdbx_auth_comp_id_2 
_struct_mon_prot_cis.pdbx_auth_seq_id_2 
_struct_mon_prot_cis.pdbx_auth_asym_id_2 
_struct_mon_prot_cis.pdbx_PDB_model_num 
_struct_mon_prot_cis.pdbx_omega_angle 
1 ASP 17 A . ? ASP 9  A ASN 18 A ? ASN 10 A 1 10.85 
2 GLU 95 A . ? GLU 87 A PRO 96 A ? PRO 88 A 1 -1.49 
# 
loop_
_struct_sheet.id 
_struct_sheet.type 
_struct_sheet.number_strands 
_struct_sheet.details 
AA ? 4 ? 
AB ? 5 ? 
AC ? 5 ? 
AD ? 2 ? 
# 
loop_
_struct_sheet_order.sheet_id 
_struct_sheet_order.range_id_1 
_struct_sheet_order.range_id_2 
_struct_sheet_order.offset 
_struct_sheet_order.sense 
AA 1 2 ? anti-parallel 
AA 2 3 ? anti-parallel 
AA 3 4 ? anti-parallel 
AB 1 2 ? anti-parallel 
AB 2 3 ? anti-parallel 
AB 3 4 ? anti-parallel 
AB 4 5 ? anti-parallel 
AC 1 2 ? anti-parallel 
AC 2 3 ? anti-parallel 
AC 3 4 ? anti-parallel 
AC 4 5 ? parallel      
AD 1 2 ? anti-parallel 
# 
loop_
_struct_sheet_range.sheet_id 
_struct_sheet_range.id 
_struct_sheet_range.beg_label_comp_id 
_struct_sheet_range.beg_label_asym_id 
_struct_sheet_range.beg_label_seq_id 
_struct_sheet_range.pdbx_beg_PDB_ins_code 
_struct_sheet_range.end_label_comp_id 
_struct_sheet_range.end_label_asym_id 
_struct_sheet_range.end_label_seq_id 
_struct_sheet_range.pdbx_end_PDB_ins_code 
_struct_sheet_range.beg_auth_comp_id 
_struct_sheet_range.beg_auth_asym_id 
_struct_sheet_range.beg_auth_seq_id 
_struct_sheet_range.end_auth_comp_id 
_struct_sheet_range.end_auth_asym_id 
_struct_sheet_range.end_auth_seq_id 
AA 1 SER A 99  ? THR A 101 ? SER A 91  THR A 93  
AA 2 LYS A 19  ? LEU A 32  ? LYS A 11  LEU A 24  
AA 3 VAL A 161 ? ASP A 172 ? VAL A 153 ASP A 164 
AA 4 LEU A 185 ? THR A 190 ? LEU A 177 THR A 182 
AB 1 SER A 99  ? THR A 101 ? SER A 91  THR A 93  
AB 2 LYS A 19  ? LEU A 32  ? LYS A 11  LEU A 24  
AB 3 THR A 81  ? ALA A 87  ? THR A 73  ALA A 79  
AB 4 THR A 72  ? ASN A 78  ? THR A 64  ASN A 70  
AB 5 ASP A 205 ? ASN A 206 ? ASP A 197 ASN A 198 
AC 1 GLU A 42  ? HIS A 46  ? GLU A 34  HIS A 38  
AC 2 GLY A 49  ? ASN A 54  ? GLY A 41  ASN A 46  
AC 3 LEU A 57  ? LEU A 64  ? LEU A 49  LEU A 56  
AC 4 ILE A 113 ? CYS A 120 ? ILE A 105 CYS A 112 
AC 5 ILE A 153 ? GLN A 156 ? ILE A 145 GLN A 148 
AD 1 PHE A 141 ? THR A 143 ? PHE A 133 THR A 135 
AD 2 LYS A 198 ? LEU A 200 ? LYS A 190 LEU A 192 
# 
loop_
_pdbx_struct_sheet_hbond.sheet_id 
_pdbx_struct_sheet_hbond.range_id_1 
_pdbx_struct_sheet_hbond.range_id_2 
_pdbx_struct_sheet_hbond.range_1_label_atom_id 
_pdbx_struct_sheet_hbond.range_1_label_comp_id 
_pdbx_struct_sheet_hbond.range_1_label_asym_id 
_pdbx_struct_sheet_hbond.range_1_label_seq_id 
_pdbx_struct_sheet_hbond.range_1_PDB_ins_code 
_pdbx_struct_sheet_hbond.range_1_auth_atom_id 
_pdbx_struct_sheet_hbond.range_1_auth_comp_id 
_pdbx_struct_sheet_hbond.range_1_auth_asym_id 
_pdbx_struct_sheet_hbond.range_1_auth_seq_id 
_pdbx_struct_sheet_hbond.range_2_label_atom_id 
_pdbx_struct_sheet_hbond.range_2_label_comp_id 
_pdbx_struct_sheet_hbond.range_2_label_asym_id 
_pdbx_struct_sheet_hbond.range_2_label_seq_id 
_pdbx_struct_sheet_hbond.range_2_PDB_ins_code 
_pdbx_struct_sheet_hbond.range_2_auth_atom_id 
_pdbx_struct_sheet_hbond.range_2_auth_comp_id 
_pdbx_struct_sheet_hbond.range_2_auth_asym_id 
_pdbx_struct_sheet_hbond.range_2_auth_seq_id 
AA 1 2 N MET A 100 ? N MET A 92  O GLU A 20  ? O GLU A 12  
AA 2 3 O THR A 31  ? O THR A 23  N ASN A 162 ? N ASN A 154 
AA 3 4 N ILE A 170 ? N ILE A 162 O LEU A 185 ? O LEU A 177 
AB 1 2 N MET A 100 ? N MET A 92  O GLU A 20  ? O GLU A 12  
AB 2 3 N ALA A 30  ? N ALA A 22  O VAL A 82  ? O VAL A 74  
AB 3 4 N ALA A 87  ? N ALA A 79  O THR A 72  ? O THR A 64  
AB 4 5 N VAL A 75  ? N VAL A 67  O ASP A 205 ? O ASP A 197 
AC 1 2 N HIS A 46  ? N HIS A 38  O GLY A 49  ? O GLY A 41  
AC 2 3 N ASN A 54  ? N ASN A 46  O LEU A 57  ? O LEU A 49  
AC 3 4 N LEU A 64  ? N LEU A 56  O ILE A 113 ? O ILE A 105 
AC 4 5 N ILE A 116 ? N ILE A 108 O GLU A 154 ? O GLU A 146 
AD 1 2 N LYS A 142 ? N LYS A 134 O ILE A 199 ? O ILE A 191 
# 
_pdbx_entry_details.entry_id                   2VGA 
_pdbx_entry_details.compound_details           ? 
_pdbx_entry_details.source_details             ? 
_pdbx_entry_details.nonpolymer_details         ? 
_pdbx_entry_details.sequence_details           ? 
_pdbx_entry_details.has_ligand_of_interest     ? 
_pdbx_entry_details.has_protein_modification   Y 
# 
_pdbx_validate_close_contact.id               1 
_pdbx_validate_close_contact.PDB_model_num    1 
_pdbx_validate_close_contact.auth_atom_id_1   NZ 
_pdbx_validate_close_contact.auth_asym_id_1   A 
_pdbx_validate_close_contact.auth_comp_id_1   LYS 
_pdbx_validate_close_contact.auth_seq_id_1    36 
_pdbx_validate_close_contact.PDB_ins_code_1   ? 
_pdbx_validate_close_contact.label_alt_id_1   ? 
_pdbx_validate_close_contact.auth_atom_id_2   O 
_pdbx_validate_close_contact.auth_asym_id_2   A 
_pdbx_validate_close_contact.auth_comp_id_2   HOH 
_pdbx_validate_close_contact.auth_seq_id_2    2039 
_pdbx_validate_close_contact.PDB_ins_code_2   ? 
_pdbx_validate_close_contact.label_alt_id_2   ? 
_pdbx_validate_close_contact.dist             2.09 
# 
_pdbx_validate_rmsd_angle.id                         1 
_pdbx_validate_rmsd_angle.PDB_model_num              1 
_pdbx_validate_rmsd_angle.auth_atom_id_1             CG1 
_pdbx_validate_rmsd_angle.auth_asym_id_1             A 
_pdbx_validate_rmsd_angle.auth_comp_id_1             ILE 
_pdbx_validate_rmsd_angle.auth_seq_id_1              169 
_pdbx_validate_rmsd_angle.PDB_ins_code_1             ? 
_pdbx_validate_rmsd_angle.label_alt_id_1             ? 
_pdbx_validate_rmsd_angle.auth_atom_id_2             CB 
_pdbx_validate_rmsd_angle.auth_asym_id_2             A 
_pdbx_validate_rmsd_angle.auth_comp_id_2             ILE 
_pdbx_validate_rmsd_angle.auth_seq_id_2              169 
_pdbx_validate_rmsd_angle.PDB_ins_code_2             ? 
_pdbx_validate_rmsd_angle.label_alt_id_2             ? 
_pdbx_validate_rmsd_angle.auth_atom_id_3             CG2 
_pdbx_validate_rmsd_angle.auth_asym_id_3             A 
_pdbx_validate_rmsd_angle.auth_comp_id_3             ILE 
_pdbx_validate_rmsd_angle.auth_seq_id_3              169 
_pdbx_validate_rmsd_angle.PDB_ins_code_3             ? 
_pdbx_validate_rmsd_angle.label_alt_id_3             ? 
_pdbx_validate_rmsd_angle.angle_value                126.91 
_pdbx_validate_rmsd_angle.angle_target_value         111.40 
_pdbx_validate_rmsd_angle.angle_deviation            15.51 
_pdbx_validate_rmsd_angle.angle_standard_deviation   2.20 
_pdbx_validate_rmsd_angle.linker_flag                N 
# 
loop_
_pdbx_validate_torsion.id 
_pdbx_validate_torsion.PDB_model_num 
_pdbx_validate_torsion.auth_comp_id 
_pdbx_validate_torsion.auth_asym_id 
_pdbx_validate_torsion.auth_seq_id 
_pdbx_validate_torsion.PDB_ins_code 
_pdbx_validate_torsion.label_alt_id 
_pdbx_validate_torsion.phi 
_pdbx_validate_torsion.psi 
1 1 SER A 8   ? ? -36.57  93.06   
2 1 HIS A 38  ? ? -125.06 -168.53 
3 1 ARG A 71  ? ? 60.84   -98.09  
4 1 GLU A 113 ? ? -144.99 43.86   
5 1 ASN A 124 ? ? -82.23  -102.90 
6 1 ILE A 169 ? ? 110.27  -177.10 
7 1 LYS A 170 ? ? 13.98   -20.54  
8 1 GLN A 171 ? ? 94.84   -22.56  
# 
_pdbx_validate_peptide_omega.id               1 
_pdbx_validate_peptide_omega.PDB_model_num    1 
_pdbx_validate_peptide_omega.auth_comp_id_1   ASN 
_pdbx_validate_peptide_omega.auth_asym_id_1   A 
_pdbx_validate_peptide_omega.auth_seq_id_1    168 
_pdbx_validate_peptide_omega.PDB_ins_code_1   ? 
_pdbx_validate_peptide_omega.label_alt_id_1   ? 
_pdbx_validate_peptide_omega.auth_comp_id_2   ILE 
_pdbx_validate_peptide_omega.auth_asym_id_2   A 
_pdbx_validate_peptide_omega.auth_seq_id_2    169 
_pdbx_validate_peptide_omega.PDB_ins_code_2   ? 
_pdbx_validate_peptide_omega.label_alt_id_2   ? 
_pdbx_validate_peptide_omega.omega            -70.99 
# 
_pdbx_validate_chiral.id              1 
_pdbx_validate_chiral.PDB_model_num   1 
_pdbx_validate_chiral.auth_atom_id    CB 
_pdbx_validate_chiral.label_alt_id    ? 
_pdbx_validate_chiral.auth_asym_id    A 
_pdbx_validate_chiral.auth_comp_id    ILE 
_pdbx_validate_chiral.auth_seq_id     169 
_pdbx_validate_chiral.PDB_ins_code    ? 
_pdbx_validate_chiral.details         PLANAR 
_pdbx_validate_chiral.omega           . 
# 
_pdbx_refine_tls.pdbx_refine_id   'X-RAY DIFFRACTION' 
_pdbx_refine_tls.id               1 
_pdbx_refine_tls.details          ? 
_pdbx_refine_tls.method           refined 
_pdbx_refine_tls.origin_x         0.2880 
_pdbx_refine_tls.origin_y         -0.0848 
_pdbx_refine_tls.origin_z         -0.2832 
_pdbx_refine_tls.T[1][1]          -0.1641 
_pdbx_refine_tls.T[2][2]          -0.1695 
_pdbx_refine_tls.T[3][3]          -0.2938 
_pdbx_refine_tls.T[1][2]          0.0072 
_pdbx_refine_tls.T[1][3]          -0.1052 
_pdbx_refine_tls.T[2][3]          0.0174 
_pdbx_refine_tls.L[1][1]          1.8950 
_pdbx_refine_tls.L[2][2]          3.5259 
_pdbx_refine_tls.L[3][3]          5.4787 
_pdbx_refine_tls.L[1][2]          -0.4864 
_pdbx_refine_tls.L[1][3]          0.9628 
_pdbx_refine_tls.L[2][3]          -1.4702 
_pdbx_refine_tls.S[1][1]          -0.1464 
_pdbx_refine_tls.S[1][2]          0.0217 
_pdbx_refine_tls.S[1][3]          0.0933 
_pdbx_refine_tls.S[2][1]          0.1865 
_pdbx_refine_tls.S[2][2]          -0.0134 
_pdbx_refine_tls.S[2][3]          -0.2319 
_pdbx_refine_tls.S[3][1]          -0.4091 
_pdbx_refine_tls.S[3][2]          0.1003 
_pdbx_refine_tls.S[3][3]          0.1598 
# 
_pdbx_refine_tls_group.pdbx_refine_id      'X-RAY DIFFRACTION' 
_pdbx_refine_tls_group.id                  1 
_pdbx_refine_tls_group.refine_tls_id       1 
_pdbx_refine_tls_group.beg_auth_asym_id    A 
_pdbx_refine_tls_group.beg_auth_seq_id     6 
_pdbx_refine_tls_group.beg_label_asym_id   ? 
_pdbx_refine_tls_group.beg_label_seq_id    ? 
_pdbx_refine_tls_group.end_auth_asym_id    A 
_pdbx_refine_tls_group.end_auth_seq_id     199 
_pdbx_refine_tls_group.end_label_asym_id   ? 
_pdbx_refine_tls_group.end_label_seq_id    ? 
_pdbx_refine_tls_group.selection           ? 
_pdbx_refine_tls_group.selection_details   ? 
# 
_pdbx_database_remark.id     700 
_pdbx_database_remark.text   
;
SHEET
THE SHEET STRUCTURE OF THIS MOLECULE IS BIFURCATED. IN
ORDER TO REPRESENT THIS FEATURE IN THE SHEET RECORDS BELOW,
TWO SHEETS ARE DEFINED.
;
# 
_pdbx_distant_solvent_atoms.id                                1 
_pdbx_distant_solvent_atoms.PDB_model_num                     1 
_pdbx_distant_solvent_atoms.auth_atom_id                      O 
_pdbx_distant_solvent_atoms.label_alt_id                      ? 
_pdbx_distant_solvent_atoms.auth_asym_id                      A 
_pdbx_distant_solvent_atoms.auth_comp_id                      HOH 
_pdbx_distant_solvent_atoms.auth_seq_id                       2059 
_pdbx_distant_solvent_atoms.PDB_ins_code                      ? 
_pdbx_distant_solvent_atoms.neighbor_macromolecule_distance   6.51 
_pdbx_distant_solvent_atoms.neighbor_ligand_distance          . 
# 
loop_
_pdbx_unobs_or_zero_occ_residues.id 
_pdbx_unobs_or_zero_occ_residues.PDB_model_num 
_pdbx_unobs_or_zero_occ_residues.polymer_flag 
_pdbx_unobs_or_zero_occ_residues.occupancy_flag 
_pdbx_unobs_or_zero_occ_residues.auth_asym_id 
_pdbx_unobs_or_zero_occ_residues.auth_comp_id 
_pdbx_unobs_or_zero_occ_residues.auth_seq_id 
_pdbx_unobs_or_zero_occ_residues.PDB_ins_code 
_pdbx_unobs_or_zero_occ_residues.label_asym_id 
_pdbx_unobs_or_zero_occ_residues.label_comp_id 
_pdbx_unobs_or_zero_occ_residues.label_seq_id 
1  1 Y 1 A MET -7 ? A MET 1  
2  1 Y 1 A ALA -6 ? A ALA 2  
3  1 Y 1 A HIS -5 ? A HIS 3  
4  1 Y 1 A HIS -4 ? A HIS 4  
5  1 Y 1 A HIS -3 ? A HIS 5  
6  1 Y 1 A HIS -2 ? A HIS 6  
7  1 Y 1 A HIS -1 ? A HIS 7  
8  1 Y 1 A HIS 0  ? A HIS 8  
9  1 Y 1 A ASP 1  ? A ASP 9  
10 1 Y 1 A ASP 2  ? A ASP 10 
11 1 Y 1 A LYS 3  ? A LYS 11 
12 1 Y 1 A SER 4  ? A SER 12 
13 1 Y 1 A VAL 5  ? A VAL 13 
# 
loop_
_chem_comp_atom.comp_id 
_chem_comp_atom.atom_id 
_chem_comp_atom.type_symbol 
_chem_comp_atom.pdbx_aromatic_flag 
_chem_comp_atom.pdbx_stereo_config 
_chem_comp_atom.pdbx_ordinal 
ALA N    N N N 1   
ALA CA   C N S 2   
ALA C    C N N 3   
ALA O    O N N 4   
ALA CB   C N N 5   
ALA OXT  O N N 6   
ALA H    H N N 7   
ALA H2   H N N 8   
ALA HA   H N N 9   
ALA HB1  H N N 10  
ALA HB2  H N N 11  
ALA HB3  H N N 12  
ALA HXT  H N N 13  
ARG N    N N N 14  
ARG CA   C N S 15  
ARG C    C N N 16  
ARG O    O N N 17  
ARG CB   C N N 18  
ARG CG   C N N 19  
ARG CD   C N N 20  
ARG NE   N N N 21  
ARG CZ   C N N 22  
ARG NH1  N N N 23  
ARG NH2  N N N 24  
ARG OXT  O N N 25  
ARG H    H N N 26  
ARG H2   H N N 27  
ARG HA   H N N 28  
ARG HB2  H N N 29  
ARG HB3  H N N 30  
ARG HG2  H N N 31  
ARG HG3  H N N 32  
ARG HD2  H N N 33  
ARG HD3  H N N 34  
ARG HE   H N N 35  
ARG HH11 H N N 36  
ARG HH12 H N N 37  
ARG HH21 H N N 38  
ARG HH22 H N N 39  
ARG HXT  H N N 40  
ASN N    N N N 41  
ASN CA   C N S 42  
ASN C    C N N 43  
ASN O    O N N 44  
ASN CB   C N N 45  
ASN CG   C N N 46  
ASN OD1  O N N 47  
ASN ND2  N N N 48  
ASN OXT  O N N 49  
ASN H    H N N 50  
ASN H2   H N N 51  
ASN HA   H N N 52  
ASN HB2  H N N 53  
ASN HB3  H N N 54  
ASN HD21 H N N 55  
ASN HD22 H N N 56  
ASN HXT  H N N 57  
ASP N    N N N 58  
ASP CA   C N S 59  
ASP C    C N N 60  
ASP O    O N N 61  
ASP CB   C N N 62  
ASP CG   C N N 63  
ASP OD1  O N N 64  
ASP OD2  O N N 65  
ASP OXT  O N N 66  
ASP H    H N N 67  
ASP H2   H N N 68  
ASP HA   H N N 69  
ASP HB2  H N N 70  
ASP HB3  H N N 71  
ASP HD2  H N N 72  
ASP HXT  H N N 73  
CYS N    N N N 74  
CYS CA   C N R 75  
CYS C    C N N 76  
CYS O    O N N 77  
CYS CB   C N N 78  
CYS SG   S N N 79  
CYS OXT  O N N 80  
CYS H    H N N 81  
CYS H2   H N N 82  
CYS HA   H N N 83  
CYS HB2  H N N 84  
CYS HB3  H N N 85  
CYS HG   H N N 86  
CYS HXT  H N N 87  
GLN N    N N N 88  
GLN CA   C N S 89  
GLN C    C N N 90  
GLN O    O N N 91  
GLN CB   C N N 92  
GLN CG   C N N 93  
GLN CD   C N N 94  
GLN OE1  O N N 95  
GLN NE2  N N N 96  
GLN OXT  O N N 97  
GLN H    H N N 98  
GLN H2   H N N 99  
GLN HA   H N N 100 
GLN HB2  H N N 101 
GLN HB3  H N N 102 
GLN HG2  H N N 103 
GLN HG3  H N N 104 
GLN HE21 H N N 105 
GLN HE22 H N N 106 
GLN HXT  H N N 107 
GLU N    N N N 108 
GLU CA   C N S 109 
GLU C    C N N 110 
GLU O    O N N 111 
GLU CB   C N N 112 
GLU CG   C N N 113 
GLU CD   C N N 114 
GLU OE1  O N N 115 
GLU OE2  O N N 116 
GLU OXT  O N N 117 
GLU H    H N N 118 
GLU H2   H N N 119 
GLU HA   H N N 120 
GLU HB2  H N N 121 
GLU HB3  H N N 122 
GLU HG2  H N N 123 
GLU HG3  H N N 124 
GLU HE2  H N N 125 
GLU HXT  H N N 126 
GLY N    N N N 127 
GLY CA   C N N 128 
GLY C    C N N 129 
GLY O    O N N 130 
GLY OXT  O N N 131 
GLY H    H N N 132 
GLY H2   H N N 133 
GLY HA2  H N N 134 
GLY HA3  H N N 135 
GLY HXT  H N N 136 
HIS N    N N N 137 
HIS CA   C N S 138 
HIS C    C N N 139 
HIS O    O N N 140 
HIS CB   C N N 141 
HIS CG   C Y N 142 
HIS ND1  N Y N 143 
HIS CD2  C Y N 144 
HIS CE1  C Y N 145 
HIS NE2  N Y N 146 
HIS OXT  O N N 147 
HIS H    H N N 148 
HIS H2   H N N 149 
HIS HA   H N N 150 
HIS HB2  H N N 151 
HIS HB3  H N N 152 
HIS HD1  H N N 153 
HIS HD2  H N N 154 
HIS HE1  H N N 155 
HIS HE2  H N N 156 
HIS HXT  H N N 157 
HOH O    O N N 158 
HOH H1   H N N 159 
HOH H2   H N N 160 
ILE N    N N N 161 
ILE CA   C N S 162 
ILE C    C N N 163 
ILE O    O N N 164 
ILE CB   C N S 165 
ILE CG1  C N N 166 
ILE CG2  C N N 167 
ILE CD1  C N N 168 
ILE OXT  O N N 169 
ILE H    H N N 170 
ILE H2   H N N 171 
ILE HA   H N N 172 
ILE HB   H N N 173 
ILE HG12 H N N 174 
ILE HG13 H N N 175 
ILE HG21 H N N 176 
ILE HG22 H N N 177 
ILE HG23 H N N 178 
ILE HD11 H N N 179 
ILE HD12 H N N 180 
ILE HD13 H N N 181 
ILE HXT  H N N 182 
LEU N    N N N 183 
LEU CA   C N S 184 
LEU C    C N N 185 
LEU O    O N N 186 
LEU CB   C N N 187 
LEU CG   C N N 188 
LEU CD1  C N N 189 
LEU CD2  C N N 190 
LEU OXT  O N N 191 
LEU H    H N N 192 
LEU H2   H N N 193 
LEU HA   H N N 194 
LEU HB2  H N N 195 
LEU HB3  H N N 196 
LEU HG   H N N 197 
LEU HD11 H N N 198 
LEU HD12 H N N 199 
LEU HD13 H N N 200 
LEU HD21 H N N 201 
LEU HD22 H N N 202 
LEU HD23 H N N 203 
LEU HXT  H N N 204 
LYS N    N N N 205 
LYS CA   C N S 206 
LYS C    C N N 207 
LYS O    O N N 208 
LYS CB   C N N 209 
LYS CG   C N N 210 
LYS CD   C N N 211 
LYS CE   C N N 212 
LYS NZ   N N N 213 
LYS OXT  O N N 214 
LYS H    H N N 215 
LYS H2   H N N 216 
LYS HA   H N N 217 
LYS HB2  H N N 218 
LYS HB3  H N N 219 
LYS HG2  H N N 220 
LYS HG3  H N N 221 
LYS HD2  H N N 222 
LYS HD3  H N N 223 
LYS HE2  H N N 224 
LYS HE3  H N N 225 
LYS HZ1  H N N 226 
LYS HZ2  H N N 227 
LYS HZ3  H N N 228 
LYS HXT  H N N 229 
MET N    N N N 230 
MET CA   C N S 231 
MET C    C N N 232 
MET O    O N N 233 
MET CB   C N N 234 
MET CG   C N N 235 
MET SD   S N N 236 
MET CE   C N N 237 
MET OXT  O N N 238 
MET H    H N N 239 
MET H2   H N N 240 
MET HA   H N N 241 
MET HB2  H N N 242 
MET HB3  H N N 243 
MET HG2  H N N 244 
MET HG3  H N N 245 
MET HE1  H N N 246 
MET HE2  H N N 247 
MET HE3  H N N 248 
MET HXT  H N N 249 
PHE N    N N N 250 
PHE CA   C N S 251 
PHE C    C N N 252 
PHE O    O N N 253 
PHE CB   C N N 254 
PHE CG   C Y N 255 
PHE CD1  C Y N 256 
PHE CD2  C Y N 257 
PHE CE1  C Y N 258 
PHE CE2  C Y N 259 
PHE CZ   C Y N 260 
PHE OXT  O N N 261 
PHE H    H N N 262 
PHE H2   H N N 263 
PHE HA   H N N 264 
PHE HB2  H N N 265 
PHE HB3  H N N 266 
PHE HD1  H N N 267 
PHE HD2  H N N 268 
PHE HE1  H N N 269 
PHE HE2  H N N 270 
PHE HZ   H N N 271 
PHE HXT  H N N 272 
PRO N    N N N 273 
PRO CA   C N S 274 
PRO C    C N N 275 
PRO O    O N N 276 
PRO CB   C N N 277 
PRO CG   C N N 278 
PRO CD   C N N 279 
PRO OXT  O N N 280 
PRO H    H N N 281 
PRO HA   H N N 282 
PRO HB2  H N N 283 
PRO HB3  H N N 284 
PRO HG2  H N N 285 
PRO HG3  H N N 286 
PRO HD2  H N N 287 
PRO HD3  H N N 288 
PRO HXT  H N N 289 
SER N    N N N 290 
SER CA   C N S 291 
SER C    C N N 292 
SER O    O N N 293 
SER CB   C N N 294 
SER OG   O N N 295 
SER OXT  O N N 296 
SER H    H N N 297 
SER H2   H N N 298 
SER HA   H N N 299 
SER HB2  H N N 300 
SER HB3  H N N 301 
SER HG   H N N 302 
SER HXT  H N N 303 
THR N    N N N 304 
THR CA   C N S 305 
THR C    C N N 306 
THR O    O N N 307 
THR CB   C N R 308 
THR OG1  O N N 309 
THR CG2  C N N 310 
THR OXT  O N N 311 
THR H    H N N 312 
THR H2   H N N 313 
THR HA   H N N 314 
THR HB   H N N 315 
THR HG1  H N N 316 
THR HG21 H N N 317 
THR HG22 H N N 318 
THR HG23 H N N 319 
THR HXT  H N N 320 
TRP N    N N N 321 
TRP CA   C N S 322 
TRP C    C N N 323 
TRP O    O N N 324 
TRP CB   C N N 325 
TRP CG   C Y N 326 
TRP CD1  C Y N 327 
TRP CD2  C Y N 328 
TRP NE1  N Y N 329 
TRP CE2  C Y N 330 
TRP CE3  C Y N 331 
TRP CZ2  C Y N 332 
TRP CZ3  C Y N 333 
TRP CH2  C Y N 334 
TRP OXT  O N N 335 
TRP H    H N N 336 
TRP H2   H N N 337 
TRP HA   H N N 338 
TRP HB2  H N N 339 
TRP HB3  H N N 340 
TRP HD1  H N N 341 
TRP HE1  H N N 342 
TRP HE3  H N N 343 
TRP HZ2  H N N 344 
TRP HZ3  H N N 345 
TRP HH2  H N N 346 
TRP HXT  H N N 347 
TYR N    N N N 348 
TYR CA   C N S 349 
TYR C    C N N 350 
TYR O    O N N 351 
TYR CB   C N N 352 
TYR CG   C Y N 353 
TYR CD1  C Y N 354 
TYR CD2  C Y N 355 
TYR CE1  C Y N 356 
TYR CE2  C Y N 357 
TYR CZ   C Y N 358 
TYR OH   O N N 359 
TYR OXT  O N N 360 
TYR H    H N N 361 
TYR H2   H N N 362 
TYR HA   H N N 363 
TYR HB2  H N N 364 
TYR HB3  H N N 365 
TYR HD1  H N N 366 
TYR HD2  H N N 367 
TYR HE1  H N N 368 
TYR HE2  H N N 369 
TYR HH   H N N 370 
TYR HXT  H N N 371 
VAL N    N N N 372 
VAL CA   C N S 373 
VAL C    C N N 374 
VAL O    O N N 375 
VAL CB   C N N 376 
VAL CG1  C N N 377 
VAL CG2  C N N 378 
VAL OXT  O N N 379 
VAL H    H N N 380 
VAL H2   H N N 381 
VAL HA   H N N 382 
VAL HB   H N N 383 
VAL HG11 H N N 384 
VAL HG12 H N N 385 
VAL HG13 H N N 386 
VAL HG21 H N N 387 
VAL HG22 H N N 388 
VAL HG23 H N N 389 
VAL HXT  H N N 390 
# 
loop_
_chem_comp_bond.comp_id 
_chem_comp_bond.atom_id_1 
_chem_comp_bond.atom_id_2 
_chem_comp_bond.value_order 
_chem_comp_bond.pdbx_aromatic_flag 
_chem_comp_bond.pdbx_stereo_config 
_chem_comp_bond.pdbx_ordinal 
ALA N   CA   sing N N 1   
ALA N   H    sing N N 2   
ALA N   H2   sing N N 3   
ALA CA  C    sing N N 4   
ALA CA  CB   sing N N 5   
ALA CA  HA   sing N N 6   
ALA C   O    doub N N 7   
ALA C   OXT  sing N N 8   
ALA CB  HB1  sing N N 9   
ALA CB  HB2  sing N N 10  
ALA CB  HB3  sing N N 11  
ALA OXT HXT  sing N N 12  
ARG N   CA   sing N N 13  
ARG N   H    sing N N 14  
ARG N   H2   sing N N 15  
ARG CA  C    sing N N 16  
ARG CA  CB   sing N N 17  
ARG CA  HA   sing N N 18  
ARG C   O    doub N N 19  
ARG C   OXT  sing N N 20  
ARG CB  CG   sing N N 21  
ARG CB  HB2  sing N N 22  
ARG CB  HB3  sing N N 23  
ARG CG  CD   sing N N 24  
ARG CG  HG2  sing N N 25  
ARG CG  HG3  sing N N 26  
ARG CD  NE   sing N N 27  
ARG CD  HD2  sing N N 28  
ARG CD  HD3  sing N N 29  
ARG NE  CZ   sing N N 30  
ARG NE  HE   sing N N 31  
ARG CZ  NH1  sing N N 32  
ARG CZ  NH2  doub N N 33  
ARG NH1 HH11 sing N N 34  
ARG NH1 HH12 sing N N 35  
ARG NH2 HH21 sing N N 36  
ARG NH2 HH22 sing N N 37  
ARG OXT HXT  sing N N 38  
ASN N   CA   sing N N 39  
ASN N   H    sing N N 40  
ASN N   H2   sing N N 41  
ASN CA  C    sing N N 42  
ASN CA  CB   sing N N 43  
ASN CA  HA   sing N N 44  
ASN C   O    doub N N 45  
ASN C   OXT  sing N N 46  
ASN CB  CG   sing N N 47  
ASN CB  HB2  sing N N 48  
ASN CB  HB3  sing N N 49  
ASN CG  OD1  doub N N 50  
ASN CG  ND2  sing N N 51  
ASN ND2 HD21 sing N N 52  
ASN ND2 HD22 sing N N 53  
ASN OXT HXT  sing N N 54  
ASP N   CA   sing N N 55  
ASP N   H    sing N N 56  
ASP N   H2   sing N N 57  
ASP CA  C    sing N N 58  
ASP CA  CB   sing N N 59  
ASP CA  HA   sing N N 60  
ASP C   O    doub N N 61  
ASP C   OXT  sing N N 62  
ASP CB  CG   sing N N 63  
ASP CB  HB2  sing N N 64  
ASP CB  HB3  sing N N 65  
ASP CG  OD1  doub N N 66  
ASP CG  OD2  sing N N 67  
ASP OD2 HD2  sing N N 68  
ASP OXT HXT  sing N N 69  
CYS N   CA   sing N N 70  
CYS N   H    sing N N 71  
CYS N   H2   sing N N 72  
CYS CA  C    sing N N 73  
CYS CA  CB   sing N N 74  
CYS CA  HA   sing N N 75  
CYS C   O    doub N N 76  
CYS C   OXT  sing N N 77  
CYS CB  SG   sing N N 78  
CYS CB  HB2  sing N N 79  
CYS CB  HB3  sing N N 80  
CYS SG  HG   sing N N 81  
CYS OXT HXT  sing N N 82  
GLN N   CA   sing N N 83  
GLN N   H    sing N N 84  
GLN N   H2   sing N N 85  
GLN CA  C    sing N N 86  
GLN CA  CB   sing N N 87  
GLN CA  HA   sing N N 88  
GLN C   O    doub N N 89  
GLN C   OXT  sing N N 90  
GLN CB  CG   sing N N 91  
GLN CB  HB2  sing N N 92  
GLN CB  HB3  sing N N 93  
GLN CG  CD   sing N N 94  
GLN CG  HG2  sing N N 95  
GLN CG  HG3  sing N N 96  
GLN CD  OE1  doub N N 97  
GLN CD  NE2  sing N N 98  
GLN NE2 HE21 sing N N 99  
GLN NE2 HE22 sing N N 100 
GLN OXT HXT  sing N N 101 
GLU N   CA   sing N N 102 
GLU N   H    sing N N 103 
GLU N   H2   sing N N 104 
GLU CA  C    sing N N 105 
GLU CA  CB   sing N N 106 
GLU CA  HA   sing N N 107 
GLU C   O    doub N N 108 
GLU C   OXT  sing N N 109 
GLU CB  CG   sing N N 110 
GLU CB  HB2  sing N N 111 
GLU CB  HB3  sing N N 112 
GLU CG  CD   sing N N 113 
GLU CG  HG2  sing N N 114 
GLU CG  HG3  sing N N 115 
GLU CD  OE1  doub N N 116 
GLU CD  OE2  sing N N 117 
GLU OE2 HE2  sing N N 118 
GLU OXT HXT  sing N N 119 
GLY N   CA   sing N N 120 
GLY N   H    sing N N 121 
GLY N   H2   sing N N 122 
GLY CA  C    sing N N 123 
GLY CA  HA2  sing N N 124 
GLY CA  HA3  sing N N 125 
GLY C   O    doub N N 126 
GLY C   OXT  sing N N 127 
GLY OXT HXT  sing N N 128 
HIS N   CA   sing N N 129 
HIS N   H    sing N N 130 
HIS N   H2   sing N N 131 
HIS CA  C    sing N N 132 
HIS CA  CB   sing N N 133 
HIS CA  HA   sing N N 134 
HIS C   O    doub N N 135 
HIS C   OXT  sing N N 136 
HIS CB  CG   sing N N 137 
HIS CB  HB2  sing N N 138 
HIS CB  HB3  sing N N 139 
HIS CG  ND1  sing Y N 140 
HIS CG  CD2  doub Y N 141 
HIS ND1 CE1  doub Y N 142 
HIS ND1 HD1  sing N N 143 
HIS CD2 NE2  sing Y N 144 
HIS CD2 HD2  sing N N 145 
HIS CE1 NE2  sing Y N 146 
HIS CE1 HE1  sing N N 147 
HIS NE2 HE2  sing N N 148 
HIS OXT HXT  sing N N 149 
HOH O   H1   sing N N 150 
HOH O   H2   sing N N 151 
ILE N   CA   sing N N 152 
ILE N   H    sing N N 153 
ILE N   H2   sing N N 154 
ILE CA  C    sing N N 155 
ILE CA  CB   sing N N 156 
ILE CA  HA   sing N N 157 
ILE C   O    doub N N 158 
ILE C   OXT  sing N N 159 
ILE CB  CG1  sing N N 160 
ILE CB  CG2  sing N N 161 
ILE CB  HB   sing N N 162 
ILE CG1 CD1  sing N N 163 
ILE CG1 HG12 sing N N 164 
ILE CG1 HG13 sing N N 165 
ILE CG2 HG21 sing N N 166 
ILE CG2 HG22 sing N N 167 
ILE CG2 HG23 sing N N 168 
ILE CD1 HD11 sing N N 169 
ILE CD1 HD12 sing N N 170 
ILE CD1 HD13 sing N N 171 
ILE OXT HXT  sing N N 172 
LEU N   CA   sing N N 173 
LEU N   H    sing N N 174 
LEU N   H2   sing N N 175 
LEU CA  C    sing N N 176 
LEU CA  CB   sing N N 177 
LEU CA  HA   sing N N 178 
LEU C   O    doub N N 179 
LEU C   OXT  sing N N 180 
LEU CB  CG   sing N N 181 
LEU CB  HB2  sing N N 182 
LEU CB  HB3  sing N N 183 
LEU CG  CD1  sing N N 184 
LEU CG  CD2  sing N N 185 
LEU CG  HG   sing N N 186 
LEU CD1 HD11 sing N N 187 
LEU CD1 HD12 sing N N 188 
LEU CD1 HD13 sing N N 189 
LEU CD2 HD21 sing N N 190 
LEU CD2 HD22 sing N N 191 
LEU CD2 HD23 sing N N 192 
LEU OXT HXT  sing N N 193 
LYS N   CA   sing N N 194 
LYS N   H    sing N N 195 
LYS N   H2   sing N N 196 
LYS CA  C    sing N N 197 
LYS CA  CB   sing N N 198 
LYS CA  HA   sing N N 199 
LYS C   O    doub N N 200 
LYS C   OXT  sing N N 201 
LYS CB  CG   sing N N 202 
LYS CB  HB2  sing N N 203 
LYS CB  HB3  sing N N 204 
LYS CG  CD   sing N N 205 
LYS CG  HG2  sing N N 206 
LYS CG  HG3  sing N N 207 
LYS CD  CE   sing N N 208 
LYS CD  HD2  sing N N 209 
LYS CD  HD3  sing N N 210 
LYS CE  NZ   sing N N 211 
LYS CE  HE2  sing N N 212 
LYS CE  HE3  sing N N 213 
LYS NZ  HZ1  sing N N 214 
LYS NZ  HZ2  sing N N 215 
LYS NZ  HZ3  sing N N 216 
LYS OXT HXT  sing N N 217 
MET N   CA   sing N N 218 
MET N   H    sing N N 219 
MET N   H2   sing N N 220 
MET CA  C    sing N N 221 
MET CA  CB   sing N N 222 
MET CA  HA   sing N N 223 
MET C   O    doub N N 224 
MET C   OXT  sing N N 225 
MET CB  CG   sing N N 226 
MET CB  HB2  sing N N 227 
MET CB  HB3  sing N N 228 
MET CG  SD   sing N N 229 
MET CG  HG2  sing N N 230 
MET CG  HG3  sing N N 231 
MET SD  CE   sing N N 232 
MET CE  HE1  sing N N 233 
MET CE  HE2  sing N N 234 
MET CE  HE3  sing N N 235 
MET OXT HXT  sing N N 236 
PHE N   CA   sing N N 237 
PHE N   H    sing N N 238 
PHE N   H2   sing N N 239 
PHE CA  C    sing N N 240 
PHE CA  CB   sing N N 241 
PHE CA  HA   sing N N 242 
PHE C   O    doub N N 243 
PHE C   OXT  sing N N 244 
PHE CB  CG   sing N N 245 
PHE CB  HB2  sing N N 246 
PHE CB  HB3  sing N N 247 
PHE CG  CD1  doub Y N 248 
PHE CG  CD2  sing Y N 249 
PHE CD1 CE1  sing Y N 250 
PHE CD1 HD1  sing N N 251 
PHE CD2 CE2  doub Y N 252 
PHE CD2 HD2  sing N N 253 
PHE CE1 CZ   doub Y N 254 
PHE CE1 HE1  sing N N 255 
PHE CE2 CZ   sing Y N 256 
PHE CE2 HE2  sing N N 257 
PHE CZ  HZ   sing N N 258 
PHE OXT HXT  sing N N 259 
PRO N   CA   sing N N 260 
PRO N   CD   sing N N 261 
PRO N   H    sing N N 262 
PRO CA  C    sing N N 263 
PRO CA  CB   sing N N 264 
PRO CA  HA   sing N N 265 
PRO C   O    doub N N 266 
PRO C   OXT  sing N N 267 
PRO CB  CG   sing N N 268 
PRO CB  HB2  sing N N 269 
PRO CB  HB3  sing N N 270 
PRO CG  CD   sing N N 271 
PRO CG  HG2  sing N N 272 
PRO CG  HG3  sing N N 273 
PRO CD  HD2  sing N N 274 
PRO CD  HD3  sing N N 275 
PRO OXT HXT  sing N N 276 
SER N   CA   sing N N 277 
SER N   H    sing N N 278 
SER N   H2   sing N N 279 
SER CA  C    sing N N 280 
SER CA  CB   sing N N 281 
SER CA  HA   sing N N 282 
SER C   O    doub N N 283 
SER C   OXT  sing N N 284 
SER CB  OG   sing N N 285 
SER CB  HB2  sing N N 286 
SER CB  HB3  sing N N 287 
SER OG  HG   sing N N 288 
SER OXT HXT  sing N N 289 
THR N   CA   sing N N 290 
THR N   H    sing N N 291 
THR N   H2   sing N N 292 
THR CA  C    sing N N 293 
THR CA  CB   sing N N 294 
THR CA  HA   sing N N 295 
THR C   O    doub N N 296 
THR C   OXT  sing N N 297 
THR CB  OG1  sing N N 298 
THR CB  CG2  sing N N 299 
THR CB  HB   sing N N 300 
THR OG1 HG1  sing N N 301 
THR CG2 HG21 sing N N 302 
THR CG2 HG22 sing N N 303 
THR CG2 HG23 sing N N 304 
THR OXT HXT  sing N N 305 
TRP N   CA   sing N N 306 
TRP N   H    sing N N 307 
TRP N   H2   sing N N 308 
TRP CA  C    sing N N 309 
TRP CA  CB   sing N N 310 
TRP CA  HA   sing N N 311 
TRP C   O    doub N N 312 
TRP C   OXT  sing N N 313 
TRP CB  CG   sing N N 314 
TRP CB  HB2  sing N N 315 
TRP CB  HB3  sing N N 316 
TRP CG  CD1  doub Y N 317 
TRP CG  CD2  sing Y N 318 
TRP CD1 NE1  sing Y N 319 
TRP CD1 HD1  sing N N 320 
TRP CD2 CE2  doub Y N 321 
TRP CD2 CE3  sing Y N 322 
TRP NE1 CE2  sing Y N 323 
TRP NE1 HE1  sing N N 324 
TRP CE2 CZ2  sing Y N 325 
TRP CE3 CZ3  doub Y N 326 
TRP CE3 HE3  sing N N 327 
TRP CZ2 CH2  doub Y N 328 
TRP CZ2 HZ2  sing N N 329 
TRP CZ3 CH2  sing Y N 330 
TRP CZ3 HZ3  sing N N 331 
TRP CH2 HH2  sing N N 332 
TRP OXT HXT  sing N N 333 
TYR N   CA   sing N N 334 
TYR N   H    sing N N 335 
TYR N   H2   sing N N 336 
TYR CA  C    sing N N 337 
TYR CA  CB   sing N N 338 
TYR CA  HA   sing N N 339 
TYR C   O    doub N N 340 
TYR C   OXT  sing N N 341 
TYR CB  CG   sing N N 342 
TYR CB  HB2  sing N N 343 
TYR CB  HB3  sing N N 344 
TYR CG  CD1  doub Y N 345 
TYR CG  CD2  sing Y N 346 
TYR CD1 CE1  sing Y N 347 
TYR CD1 HD1  sing N N 348 
TYR CD2 CE2  doub Y N 349 
TYR CD2 HD2  sing N N 350 
TYR CE1 CZ   doub Y N 351 
TYR CE1 HE1  sing N N 352 
TYR CE2 CZ   sing Y N 353 
TYR CE2 HE2  sing N N 354 
TYR CZ  OH   sing N N 355 
TYR OH  HH   sing N N 356 
TYR OXT HXT  sing N N 357 
VAL N   CA   sing N N 358 
VAL N   H    sing N N 359 
VAL N   H2   sing N N 360 
VAL CA  C    sing N N 361 
VAL CA  CB   sing N N 362 
VAL CA  HA   sing N N 363 
VAL C   O    doub N N 364 
VAL C   OXT  sing N N 365 
VAL CB  CG1  sing N N 366 
VAL CB  CG2  sing N N 367 
VAL CB  HB   sing N N 368 
VAL CG1 HG11 sing N N 369 
VAL CG1 HG12 sing N N 370 
VAL CG1 HG13 sing N N 371 
VAL CG2 HG21 sing N N 372 
VAL CG2 HG22 sing N N 373 
VAL CG2 HG23 sing N N 374 
VAL OXT HXT  sing N N 375 
# 
_atom_sites.entry_id                    2VGA 
_atom_sites.fract_transf_matrix[1][1]   0.00728598 
_atom_sites.fract_transf_matrix[1][2]   0.02309534 
_atom_sites.fract_transf_matrix[1][3]   0.01264633 
_atom_sites.fract_transf_matrix[2][1]   0.01550392 
_atom_sites.fract_transf_matrix[2][2]   -0.00214132 
_atom_sites.fract_transf_matrix[2][3]   -0.00502177 
_atom_sites.fract_transf_matrix[3][1]   -0.00383131 
_atom_sites.fract_transf_matrix[3][2]   0.01058272 
_atom_sites.fract_transf_matrix[3][3]   -0.01634112 
_atom_sites.fract_transf_vector[1]      0.238012 
_atom_sites.fract_transf_vector[2]      0.274905 
_atom_sites.fract_transf_vector[3]      0.597574 
# 
loop_
_atom_type.symbol 
C 
N 
O 
S 
# 
loop_
_atom_site.group_PDB 
_atom_site.id 
_atom_site.type_symbol 
_atom_site.label_atom_id 
_atom_site.label_alt_id 
_atom_site.label_comp_id 
_atom_site.label_asym_id 
_atom_site.label_entity_id 
_atom_site.label_seq_id 
_atom_site.pdbx_PDB_ins_code 
_atom_site.Cartn_x 
_atom_site.Cartn_y 
_atom_site.Cartn_z 
_atom_site.occupancy 
_atom_site.B_iso_or_equiv 
_atom_site.pdbx_formal_charge 
_atom_site.auth_seq_id 
_atom_site.auth_comp_id 
_atom_site.auth_asym_id 
_atom_site.auth_atom_id 
_atom_site.pdbx_PDB_model_num 
ATOM   1    N N   . CYS A 1 14  ? 12.109  2.341   21.849  1.00 50.02 ? 6    CYS A N   1 
ATOM   2    C CA  . CYS A 1 14  ? 11.969  0.853   21.983  1.00 50.01 ? 6    CYS A CA  1 
ATOM   3    C C   . CYS A 1 14  ? 12.218  0.440   23.410  1.00 49.56 ? 6    CYS A C   1 
ATOM   4    O O   . CYS A 1 14  ? 12.729  -0.640  23.699  1.00 44.23 ? 6    CYS A O   1 
ATOM   5    C CB  . CYS A 1 14  ? 12.956  0.135   21.073  1.00 50.14 ? 6    CYS A CB  1 
ATOM   6    S SG  . CYS A 1 14  ? 12.578  0.320   19.363  1.00 49.43 ? 6    CYS A SG  1 
ATOM   7    N N   . ASP A 1 15  ? 11.815  1.324   24.302  1.00 52.23 ? 7    ASP A N   1 
ATOM   8    C CA  . ASP A 1 15  ? 12.164  1.246   25.695  1.00 53.57 ? 7    ASP A CA  1 
ATOM   9    C C   . ASP A 1 15  ? 10.814  1.164   26.396  1.00 53.78 ? 7    ASP A C   1 
ATOM   10   O O   . ASP A 1 15  ? 10.256  2.179   26.823  1.00 53.66 ? 7    ASP A O   1 
ATOM   11   C CB  . ASP A 1 15  ? 12.978  2.497   26.047  1.00 53.77 ? 7    ASP A CB  1 
ATOM   12   C CG  . ASP A 1 15  ? 12.984  2.804   27.508  1.00 56.24 ? 7    ASP A CG  1 
ATOM   13   O OD1 . ASP A 1 15  ? 12.802  3.994   27.848  1.00 56.44 ? 7    ASP A OD1 1 
ATOM   14   O OD2 . ASP A 1 15  ? 13.162  1.863   28.311  1.00 64.73 ? 7    ASP A OD2 1 
ATOM   15   N N   . SER A 1 16  ? 10.289  -0.060  26.470  1.00 55.38 ? 8    SER A N   1 
ATOM   16   C CA  . SER A 1 16  ? 8.877   -0.306  26.801  1.00 55.67 ? 8    SER A CA  1 
ATOM   17   C C   . SER A 1 16  ? 8.349   0.686   27.843  1.00 55.52 ? 8    SER A C   1 
ATOM   18   O O   . SER A 1 16  ? 8.498   0.497   29.060  1.00 58.95 ? 8    SER A O   1 
ATOM   19   C CB  . SER A 1 16  ? 8.635   -1.764  27.240  1.00 56.63 ? 8    SER A CB  1 
ATOM   20   O OG  . SER A 1 16  ? 7.290   -2.144  26.978  1.00 54.22 ? 8    SER A OG  1 
ATOM   21   N N   . ASP A 1 17  ? 7.764   1.763   27.319  1.00 54.00 ? 9    ASP A N   1 
ATOM   22   C CA  . ASP A 1 17  ? 7.080   2.790   28.100  1.00 53.64 ? 9    ASP A CA  1 
ATOM   23   C C   . ASP A 1 17  ? 5.845   2.350   28.944  1.00 52.58 ? 9    ASP A C   1 
ATOM   24   O O   . ASP A 1 17  ? 5.678   2.901   30.048  1.00 52.44 ? 9    ASP A O   1 
ATOM   25   C CB  . ASP A 1 17  ? 6.682   3.985   27.206  1.00 53.25 ? 9    ASP A CB  1 
ATOM   26   C CG  . ASP A 1 17  ? 7.885   4.704   26.580  1.00 53.80 ? 9    ASP A CG  1 
ATOM   27   O OD1 . ASP A 1 17  ? 8.207   5.823   27.036  1.00 52.07 ? 9    ASP A OD1 1 
ATOM   28   O OD2 . ASP A 1 17  ? 8.488   4.173   25.618  1.00 54.78 ? 9    ASP A OD2 1 
ATOM   29   N N   . ASN A 1 18  ? 4.991   1.395   28.520  1.00 48.97 ? 10   ASN A N   1 
ATOM   30   C CA  . ASN A 1 18  ? 5.164   0.477   27.375  1.00 45.38 ? 10   ASN A CA  1 
ATOM   31   C C   . ASN A 1 18  ? 4.578   0.982   26.057  1.00 43.42 ? 10   ASN A C   1 
ATOM   32   O O   . ASN A 1 18  ? 3.387   0.829   25.796  1.00 41.81 ? 10   ASN A O   1 
ATOM   33   C CB  . ASN A 1 18  ? 4.603   -0.931  27.699  1.00 45.73 ? 10   ASN A CB  1 
ATOM   34   C CG  . ASN A 1 18  ? 3.114   -0.929  28.095  1.00 49.20 ? 10   ASN A CG  1 
ATOM   35   O OD1 . ASN A 1 18  ? 2.721   -1.606  29.047  1.00 54.38 ? 10   ASN A OD1 1 
ATOM   36   N ND2 . ASN A 1 18  ? 2.286   -0.189  27.353  1.00 54.49 ? 10   ASN A ND2 1 
ATOM   37   N N   . LYS A 1 19  ? 5.433   1.582   25.238  1.00 40.44 ? 11   LYS A N   1 
ATOM   38   C CA  . LYS A 1 19  ? 5.082   1.981   23.901  1.00 39.00 ? 11   LYS A CA  1 
ATOM   39   C C   . LYS A 1 19  ? 5.607   0.915   22.938  1.00 35.67 ? 11   LYS A C   1 
ATOM   40   O O   . LYS A 1 19  ? 6.640   0.285   23.188  1.00 31.18 ? 11   LYS A O   1 
ATOM   41   C CB  . LYS A 1 19  ? 5.653   3.369   23.572  1.00 38.52 ? 11   LYS A CB  1 
ATOM   42   C CG  . LYS A 1 19  ? 4.732   4.503   23.983  1.00 39.70 ? 11   LYS A CG  1 
ATOM   43   C CD  . LYS A 1 19  ? 5.111   5.831   23.338  1.00 40.01 ? 11   LYS A CD  1 
ATOM   44   C CE  . LYS A 1 19  ? 6.341   6.441   23.983  1.00 42.21 ? 11   LYS A CE  1 
ATOM   45   N NZ  . LYS A 1 19  ? 6.520   7.866   23.596  1.00 40.10 ? 11   LYS A NZ  1 
ATOM   46   N N   . GLU A 1 20  ? 4.840   0.684   21.877  1.00 34.97 ? 12   GLU A N   1 
ATOM   47   C CA  . GLU A 1 20  ? 5.252   -0.134  20.736  1.00 33.09 ? 12   GLU A CA  1 
ATOM   48   C C   . GLU A 1 20  ? 5.406   0.795   19.529  1.00 31.33 ? 12   GLU A C   1 
ATOM   49   O O   . GLU A 1 20  ? 4.660   1.763   19.402  1.00 29.25 ? 12   GLU A O   1 
ATOM   50   C CB  . GLU A 1 20  ? 4.196   -1.198  20.424  1.00 32.17 ? 12   GLU A CB  1 
ATOM   51   C CG  . GLU A 1 20  ? 3.805   -2.100  21.590  1.00 31.24 ? 12   GLU A CG  1 
ATOM   52   C CD  . GLU A 1 20  ? 4.925   -3.021  22.061  1.00 32.43 ? 12   GLU A CD  1 
ATOM   53   O OE1 . GLU A 1 20  ? 5.956   -3.136  21.361  1.00 38.14 ? 12   GLU A OE1 1 
ATOM   54   O OE2 . GLU A 1 20  ? 4.768   -3.641  23.139  1.00 34.98 ? 12   GLU A OE2 1 
ATOM   55   N N   . TYR A 1 21  ? 6.379   0.490   18.669  1.00 28.32 ? 13   TYR A N   1 
ATOM   56   C CA  . TYR A 1 21  ? 6.636   1.233   17.438  1.00 30.33 ? 13   TYR A CA  1 
ATOM   57   C C   . TYR A 1 21  ? 6.523   0.263   16.269  1.00 29.13 ? 13   TYR A C   1 
ATOM   58   O O   . TYR A 1 21  ? 7.234   -0.743  16.223  1.00 29.32 ? 13   TYR A O   1 
ATOM   59   C CB  . TYR A 1 21  ? 8.032   1.881   17.473  1.00 32.99 ? 13   TYR A CB  1 
ATOM   60   C CG  . TYR A 1 21  ? 8.222   2.876   18.602  1.00 30.64 ? 13   TYR A CG  1 
ATOM   61   C CD1 . TYR A 1 21  ? 8.209   4.251   18.370  1.00 33.28 ? 13   TYR A CD1 1 
ATOM   62   C CD2 . TYR A 1 21  ? 8.426   2.441   19.909  1.00 36.78 ? 13   TYR A CD2 1 
ATOM   63   C CE1 . TYR A 1 21  ? 8.396   5.164   19.420  1.00 32.32 ? 13   TYR A CE1 1 
ATOM   64   C CE2 . TYR A 1 21  ? 8.605   3.346   20.962  1.00 32.62 ? 13   TYR A CE2 1 
ATOM   65   C CZ  . TYR A 1 21  ? 8.581   4.701   20.710  1.00 33.08 ? 13   TYR A CZ  1 
ATOM   66   O OH  . TYR A 1 21  ? 8.762   5.584   21.763  1.00 34.85 ? 13   TYR A OH  1 
ATOM   67   N N   . MET A 1 22  ? 5.597   0.559   15.368  1.00 25.94 ? 14   MET A N   1 
ATOM   68   C CA  . MET A 1 22  ? 5.278   -0.297  14.232  1.00 28.24 ? 14   MET A CA  1 
ATOM   69   C C   . MET A 1 22  ? 5.506   0.447   12.939  1.00 27.07 ? 14   MET A C   1 
ATOM   70   O O   . MET A 1 22  ? 5.452   1.676   12.894  1.00 28.14 ? 14   MET A O   1 
ATOM   71   C CB  . MET A 1 22  ? 3.806   -0.740  14.295  1.00 26.93 ? 14   MET A CB  1 
ATOM   72   C CG  . MET A 1 22  ? 3.400   -1.513  15.545  1.00 37.05 ? 14   MET A CG  1 
ATOM   73   S SD  . MET A 1 22  ? 4.244   -3.083  15.763  1.00 36.31 ? 14   MET A SD  1 
ATOM   74   C CE  . MET A 1 22  ? 3.276   -4.127  14.665  1.00 27.25 ? 14   MET A CE  1 
ATOM   75   N N   . GLY A 1 23  ? 5.733   -0.311  11.879  1.00 27.28 ? 15   GLY A N   1 
ATOM   76   C CA  . GLY A 1 23  ? 5.749   0.221   10.525  1.00 25.68 ? 15   GLY A CA  1 
ATOM   77   C C   . GLY A 1 23  ? 4.706   -0.482  9.673   1.00 27.24 ? 15   GLY A C   1 
ATOM   78   O O   . GLY A 1 23  ? 4.148   -1.518  10.067  1.00 24.07 ? 15   GLY A O   1 
ATOM   79   N N   . ILE A 1 24  ? 4.431   0.096   8.508   1.00 28.01 ? 16   ILE A N   1 
ATOM   80   C CA  . ILE A 1 24  ? 3.406   -0.414  7.632   1.00 29.74 ? 16   ILE A CA  1 
ATOM   81   C C   . ILE A 1 24  ? 3.731   -0.122  6.173   1.00 30.80 ? 16   ILE A C   1 
ATOM   82   O O   . ILE A 1 24  ? 4.172   0.968   5.820   1.00 30.49 ? 16   ILE A O   1 
ATOM   83   C CB  . ILE A 1 24  ? 1.993   0.147   7.976   1.00 31.68 ? 16   ILE A CB  1 
ATOM   84   C CG1 . ILE A 1 24  ? 0.938   -0.501  7.074   1.00 33.51 ? 16   ILE A CG1 1 
ATOM   85   C CG2 . ILE A 1 24  ? 1.962   1.682   7.843   1.00 31.83 ? 16   ILE A CG2 1 
ATOM   86   C CD1 . ILE A 1 24  ? -0.522  -0.307  7.510   1.00 30.76 ? 16   ILE A CD1 1 
ATOM   87   N N   . GLU A 1 25  ? 3.496   -1.119  5.323   1.00 30.57 ? 17   GLU A N   1 
ATOM   88   C CA  . GLU A 1 25  ? 3.551   -0.931  3.888   1.00 30.60 ? 17   GLU A CA  1 
ATOM   89   C C   . GLU A 1 25  ? 2.252   -1.464  3.326   1.00 28.03 ? 17   GLU A C   1 
ATOM   90   O O   . GLU A 1 25  ? 1.858   -2.573  3.659   1.00 27.95 ? 17   GLU A O   1 
ATOM   91   C CB  . GLU A 1 25  ? 4.721   -1.702  3.291   1.00 33.72 ? 17   GLU A CB  1 
ATOM   92   C CG  . GLU A 1 25  ? 5.964   -0.908  3.157   1.00 37.47 ? 17   GLU A CG  1 
ATOM   93   C CD  . GLU A 1 25  ? 7.235   -1.763  3.060   1.00 45.47 ? 17   GLU A CD  1 
ATOM   94   O OE1 . GLU A 1 25  ? 7.271   -2.906  3.595   1.00 53.99 ? 17   GLU A OE1 1 
ATOM   95   O OE2 . GLU A 1 25  ? 8.212   -1.269  2.448   1.00 61.45 ? 17   GLU A OE2 1 
ATOM   96   N N   . VAL A 1 26  ? 1.589   -0.665  2.494   1.00 28.34 ? 18   VAL A N   1 
ATOM   97   C CA  . VAL A 1 26  ? 0.452   -1.128  1.690   1.00 28.04 ? 18   VAL A CA  1 
ATOM   98   C C   . VAL A 1 26  ? 0.738   -0.916  0.224   1.00 28.35 ? 18   VAL A C   1 
ATOM   99   O O   . VAL A 1 26  ? 1.104   0.181   -0.197  1.00 25.71 ? 18   VAL A O   1 
ATOM   100  C CB  . VAL A 1 26  ? -0.847  -0.423  2.098   1.00 30.30 ? 18   VAL A CB  1 
ATOM   101  C CG1 . VAL A 1 26  ? -2.048  -0.928  1.238   1.00 30.60 ? 18   VAL A CG1 1 
ATOM   102  C CG2 . VAL A 1 26  ? -1.081  -0.632  3.568   1.00 25.48 ? 18   VAL A CG2 1 
ATOM   103  N N   . TYR A 1 27  ? 0.591   -1.994  -0.544  1.00 28.16 ? 19   TYR A N   1 
ATOM   104  C CA  . TYR A 1 27  ? 0.801   -1.999  -1.978  1.00 30.69 ? 19   TYR A CA  1 
ATOM   105  C C   . TYR A 1 27  ? -0.531  -2.216  -2.680  1.00 29.57 ? 19   TYR A C   1 
ATOM   106  O O   . TYR A 1 27  ? -1.303  -3.083  -2.286  1.00 29.13 ? 19   TYR A O   1 
ATOM   107  C CB  . TYR A 1 27  ? 1.785   -3.110  -2.336  1.00 30.99 ? 19   TYR A CB  1 
ATOM   108  C CG  . TYR A 1 27  ? 1.901   -3.470  -3.803  1.00 30.19 ? 19   TYR A CG  1 
ATOM   109  C CD1 . TYR A 1 27  ? 2.873   -2.888  -4.589  1.00 33.97 ? 19   TYR A CD1 1 
ATOM   110  C CD2 . TYR A 1 27  ? 1.092   -4.462  -4.388  1.00 33.98 ? 19   TYR A CD2 1 
ATOM   111  C CE1 . TYR A 1 27  ? 3.019   -3.216  -5.909  1.00 30.12 ? 19   TYR A CE1 1 
ATOM   112  C CE2 . TYR A 1 27  ? 1.248   -4.810  -5.728  1.00 31.44 ? 19   TYR A CE2 1 
ATOM   113  C CZ  . TYR A 1 27  ? 2.246   -4.189  -6.472  1.00 27.37 ? 19   TYR A CZ  1 
ATOM   114  O OH  . TYR A 1 27  ? 2.486   -4.484  -7.794  1.00 32.93 ? 19   TYR A OH  1 
ATOM   115  N N   . VAL A 1 28  ? -0.820  -1.382  -3.677  1.00 28.59 ? 20   VAL A N   1 
ATOM   116  C CA  . VAL A 1 28  ? -1.991  -1.555  -4.527  1.00 30.12 ? 20   VAL A CA  1 
ATOM   117  C C   . VAL A 1 28  ? -1.558  -1.526  -5.984  1.00 28.79 ? 20   VAL A C   1 
ATOM   118  O O   . VAL A 1 28  ? -0.859  -0.626  -6.402  1.00 29.20 ? 20   VAL A O   1 
ATOM   119  C CB  . VAL A 1 28  ? -3.068  -0.466  -4.266  1.00 29.27 ? 20   VAL A CB  1 
ATOM   120  C CG1 . VAL A 1 28  ? -4.254  -0.616  -5.235  1.00 29.29 ? 20   VAL A CG1 1 
ATOM   121  C CG2 . VAL A 1 28  ? -3.540  -0.511  -2.799  1.00 31.07 ? 20   VAL A CG2 1 
ATOM   122  N N   . GLU A 1 29  ? -1.945  -2.546  -6.737  1.00 29.90 ? 21   GLU A N   1 
ATOM   123  C CA  . GLU A 1 29  ? -1.714  -2.612  -8.170  1.00 30.84 ? 21   GLU A CA  1 
ATOM   124  C C   . GLU A 1 29  ? -3.081  -2.753  -8.868  1.00 31.34 ? 21   GLU A C   1 
ATOM   125  O O   . GLU A 1 29  ? -3.840  -3.629  -8.513  1.00 31.86 ? 21   GLU A O   1 
ATOM   126  C CB  . GLU A 1 29  ? -0.798  -3.800  -8.468  1.00 33.34 ? 21   GLU A CB  1 
ATOM   127  C CG  . GLU A 1 29  ? -0.947  -4.411  -9.819  1.00 38.53 ? 21   GLU A CG  1 
ATOM   128  C CD  . GLU A 1 29  ? 0.026   -5.559  -10.059 1.00 37.36 ? 21   GLU A CD  1 
ATOM   129  O OE1 . GLU A 1 29  ? 0.889   -5.838  -9.186  1.00 36.19 ? 21   GLU A OE1 1 
ATOM   130  O OE2 . GLU A 1 29  ? -0.093  -6.179  -11.138 1.00 39.51 ? 21   GLU A OE2 1 
ATOM   131  N N   . ALA A 1 30  ? -3.382  -1.903  -9.847  1.00 29.48 ? 22   ALA A N   1 
ATOM   132  C CA  . ALA A 1 30  ? -4.697  -1.936  -10.524 1.00 29.31 ? 22   ALA A CA  1 
ATOM   133  C C   . ALA A 1 30  ? -4.536  -1.778  -12.020 1.00 28.18 ? 22   ALA A C   1 
ATOM   134  O O   . ALA A 1 30  ? -4.000  -0.781  -12.485 1.00 29.59 ? 22   ALA A O   1 
ATOM   135  C CB  . ALA A 1 30  ? -5.634  -0.849  -9.973  1.00 30.13 ? 22   ALA A CB  1 
ATOM   136  N N   . THR A 1 31  ? -5.011  -2.772  -12.760 1.00 28.58 ? 23   THR A N   1 
ATOM   137  C CA  . THR A 1 31  ? -5.003  -2.741  -14.203 1.00 30.56 ? 23   THR A CA  1 
ATOM   138  C C   . THR A 1 31  ? -6.333  -2.224  -14.695 1.00 29.52 ? 23   THR A C   1 
ATOM   139  O O   . THR A 1 31  ? -7.371  -2.769  -14.342 1.00 30.44 ? 23   THR A O   1 
ATOM   140  C CB  . THR A 1 31  ? -4.762  -4.131  -14.770 1.00 30.84 ? 23   THR A CB  1 
ATOM   141  O OG1 . THR A 1 31  ? -3.482  -4.578  -14.321 1.00 32.39 ? 23   THR A OG1 1 
ATOM   142  C CG2 . THR A 1 31  ? -4.780  -4.107  -16.271 1.00 26.67 ? 23   THR A CG2 1 
ATOM   143  N N   . LEU A 1 32  ? -6.280  -1.177  -15.515 1.00 27.79 ? 24   LEU A N   1 
ATOM   144  C CA  . LEU A 1 32  ? -7.471  -0.499  -16.011 1.00 28.64 ? 24   LEU A CA  1 
ATOM   145  C C   . LEU A 1 32  ? -7.829  -1.035  -17.372 1.00 30.05 ? 24   LEU A C   1 
ATOM   146  O O   . LEU A 1 32  ? -7.065  -1.783  -17.977 1.00 31.00 ? 24   LEU A O   1 
ATOM   147  C CB  . LEU A 1 32  ? -7.234  1.010   -16.091 1.00 29.74 ? 24   LEU A CB  1 
ATOM   148  C CG  . LEU A 1 32  ? -6.686  1.667   -14.816 1.00 34.73 ? 24   LEU A CG  1 
ATOM   149  C CD1 . LEU A 1 32  ? -6.579  3.172   -15.011 1.00 31.95 ? 24   LEU A CD1 1 
ATOM   150  C CD2 . LEU A 1 32  ? -7.571  1.328   -13.639 1.00 30.13 ? 24   LEU A CD2 1 
ATOM   151  N N   . ASP A 1 33  ? -8.979  -0.621  -17.873 1.00 30.77 ? 25   ASP A N   1 
ATOM   152  C CA  . ASP A 1 33  ? -9.544  -1.235  -19.072 1.00 30.59 ? 25   ASP A CA  1 
ATOM   153  C C   . ASP A 1 33  ? -9.142  -0.523  -20.367 1.00 29.97 ? 25   ASP A C   1 
ATOM   154  O O   . ASP A 1 33  ? -9.505  -0.946  -21.450 1.00 27.90 ? 25   ASP A O   1 
ATOM   155  C CB  . ASP A 1 33  ? -11.063 -1.389  -18.909 1.00 29.54 ? 25   ASP A CB  1 
ATOM   156  C CG  . ASP A 1 33  ? -11.802 -0.072  -18.901 1.00 35.43 ? 25   ASP A CG  1 
ATOM   157  O OD1 . ASP A 1 33  ? -11.180 0.984   -19.114 1.00 37.58 ? 25   ASP A OD1 1 
ATOM   158  O OD2 . ASP A 1 33  ? -13.030 -0.101  -18.683 1.00 36.49 ? 25   ASP A OD2 1 
ATOM   159  N N   . GLU A 1 34  ? -8.368  0.544   -20.245 1.00 31.60 ? 26   GLU A N   1 
ATOM   160  C CA  . GLU A 1 34  ? -7.725  1.169   -21.389 1.00 34.31 ? 26   GLU A CA  1 
ATOM   161  C C   . GLU A 1 34  ? -6.284  1.442   -21.016 1.00 32.25 ? 26   GLU A C   1 
ATOM   162  O O   . GLU A 1 34  ? -5.938  1.434   -19.831 1.00 34.85 ? 26   GLU A O   1 
ATOM   163  C CB  . GLU A 1 34  ? -8.404  2.484   -21.747 1.00 32.66 ? 26   GLU A CB  1 
ATOM   164  C CG  . GLU A 1 34  ? -9.804  2.326   -22.318 1.00 44.31 ? 26   GLU A CG  1 
ATOM   165  C CD  . GLU A 1 34  ? -10.451 3.660   -22.675 1.00 44.81 ? 26   GLU A CD  1 
ATOM   166  O OE1 . GLU A 1 34  ? -9.725  4.678   -22.831 1.00 57.59 ? 26   GLU A OE1 1 
ATOM   167  O OE2 . GLU A 1 34  ? -11.695 3.686   -22.798 1.00 57.14 ? 26   GLU A OE2 1 
ATOM   168  N N   . PRO A 1 35  ? -5.433  1.695   -22.017 1.00 32.41 ? 27   PRO A N   1 
ATOM   169  C CA  . PRO A 1 35  ? -4.069  2.083   -21.673 1.00 32.24 ? 27   PRO A CA  1 
ATOM   170  C C   . PRO A 1 35  ? -4.091  3.431   -20.952 1.00 31.51 ? 27   PRO A C   1 
ATOM   171  O O   . PRO A 1 35  ? -5.014  4.236   -21.139 1.00 31.53 ? 27   PRO A O   1 
ATOM   172  C CB  . PRO A 1 35  ? -3.367  2.199   -23.043 1.00 33.42 ? 27   PRO A CB  1 
ATOM   173  C CG  . PRO A 1 35  ? -4.250  1.492   -24.002 1.00 33.90 ? 27   PRO A CG  1 
ATOM   174  C CD  . PRO A 1 35  ? -5.639  1.655   -23.474 1.00 33.79 ? 27   PRO A CD  1 
ATOM   175  N N   . LEU A 1 36  ? -3.081  3.665   -20.140 1.00 30.24 ? 28   LEU A N   1 
ATOM   176  C CA  . LEU A 1 36  ? -3.086  4.799   -19.247 1.00 30.37 ? 28   LEU A CA  1 
ATOM   177  C C   . LEU A 1 36  ? -2.857  6.092   -19.985 1.00 28.24 ? 28   LEU A C   1 
ATOM   178  O O   . LEU A 1 36  ? -2.128  6.143   -20.980 1.00 27.13 ? 28   LEU A O   1 
ATOM   179  C CB  . LEU A 1 36  ? -2.002  4.643   -18.179 1.00 30.90 ? 28   LEU A CB  1 
ATOM   180  C CG  . LEU A 1 36  ? -2.084  3.496   -17.175 1.00 33.69 ? 28   LEU A CG  1 
ATOM   181  C CD1 . LEU A 1 36  ? -1.028  3.749   -16.122 1.00 29.29 ? 28   LEU A CD1 1 
ATOM   182  C CD2 . LEU A 1 36  ? -3.481  3.373   -16.540 1.00 35.31 ? 28   LEU A CD2 1 
ATOM   183  N N   . ARG A 1 37  ? -3.497  7.134   -19.470 1.00 29.79 ? 29   ARG A N   1 
ATOM   184  C CA  . ARG A 1 37  ? -3.245  8.496   -19.885 1.00 30.18 ? 29   ARG A CA  1 
ATOM   185  C C   . ARG A 1 37  ? -2.195  9.144   -18.970 1.00 27.32 ? 29   ARG A C   1 
ATOM   186  O O   . ARG A 1 37  ? -2.062  8.756   -17.805 1.00 30.62 ? 29   ARG A O   1 
ATOM   187  C CB  . ARG A 1 37  ? -4.562  9.266   -19.904 1.00 27.47 ? 29   ARG A CB  1 
ATOM   188  C CG  . ARG A 1 37  ? -5.493  8.761   -20.992 1.00 34.67 ? 29   ARG A CG  1 
ATOM   189  C CD  . ARG A 1 37  ? -6.854  9.391   -20.924 1.00 34.84 ? 29   ARG A CD  1 
ATOM   190  N NE  . ARG A 1 37  ? -7.770  8.795   -21.890 1.00 33.30 ? 29   ARG A NE  1 
ATOM   191  C CZ  . ARG A 1 37  ? -7.987  9.235   -23.126 1.00 36.59 ? 29   ARG A CZ  1 
ATOM   192  N NH1 . ARG A 1 37  ? -7.364  10.314  -23.610 1.00 30.61 ? 29   ARG A NH1 1 
ATOM   193  N NH2 . ARG A 1 37  ? -8.858  8.589   -23.894 1.00 41.64 ? 29   ARG A NH2 1 
ATOM   194  N N   . GLN A 1 38  ? -1.406  10.057  -19.537 1.00 28.41 ? 30   GLN A N   1 
ATOM   195  C CA  . GLN A 1 38  ? -0.394  10.831  -18.808 1.00 31.18 ? 30   GLN A CA  1 
ATOM   196  C C   . GLN A 1 38  ? -1.073  11.858  -17.888 1.00 30.70 ? 30   GLN A C   1 
ATOM   197  O O   . GLN A 1 38  ? -1.776  12.734  -18.350 1.00 28.75 ? 30   GLN A O   1 
ATOM   198  C CB  . GLN A 1 38  ? 0.625   11.515  -19.778 1.00 32.21 ? 30   GLN A CB  1 
ATOM   199  C CG  . GLN A 1 38  ? 0.048   12.467  -20.896 1.00 38.12 ? 30   GLN A CG  1 
ATOM   200  C CD  . GLN A 1 38  ? 0.982   12.678  -22.123 1.00 35.70 ? 30   GLN A CD  1 
ATOM   201  O OE1 . GLN A 1 38  ? 0.814   12.041  -23.165 1.00 39.97 ? 30   GLN A OE1 1 
ATOM   202  N NE2 . GLN A 1 38  ? 1.942   13.586  -21.998 1.00 33.97 ? 30   GLN A NE2 1 
ATOM   203  N N   . THR A 1 39  ? -0.876  11.738  -16.580 1.00 31.28 ? 31   THR A N   1 
ATOM   204  C CA  . THR A 1 39  ? -1.535  12.622  -15.628 1.00 31.05 ? 31   THR A CA  1 
ATOM   205  C C   . THR A 1 39  ? -0.488  13.224  -14.716 1.00 33.39 ? 31   THR A C   1 
ATOM   206  O O   . THR A 1 39  ? 0.661   12.758  -14.682 1.00 32.86 ? 31   THR A O   1 
ATOM   207  C CB  . THR A 1 39  ? -2.569  11.854  -14.764 1.00 31.56 ? 31   THR A CB  1 
ATOM   208  O OG1 . THR A 1 39  ? -1.898  10.934  -13.909 1.00 32.08 ? 31   THR A OG1 1 
ATOM   209  C CG2 . THR A 1 39  ? -3.556  11.083  -15.633 1.00 34.25 ? 31   THR A CG2 1 
ATOM   210  N N   . THR A 1 40  ? -0.877  14.254  -13.965 1.00 33.96 ? 32   THR A N   1 
ATOM   211  C CA  . THR A 1 40  ? -0.035  14.728  -12.867 1.00 33.95 ? 32   THR A CA  1 
ATOM   212  C C   . THR A 1 40  ? -0.469  14.042  -11.559 1.00 33.50 ? 32   THR A C   1 
ATOM   213  O O   . THR A 1 40  ? -1.641  13.986  -11.212 1.00 37.93 ? 32   THR A O   1 
ATOM   214  C CB  . THR A 1 40  ? 0.053   16.278  -12.761 1.00 36.11 ? 32   THR A CB  1 
ATOM   215  O OG1 . THR A 1 40  ? 0.229   16.659  -11.387 1.00 39.57 ? 32   THR A OG1 1 
ATOM   216  C CG2 . THR A 1 40  ? -1.170  16.979  -13.370 1.00 37.89 ? 32   THR A CG2 1 
ATOM   217  N N   . CYS A 1 41  ? 0.499   13.478  -10.863 1.00 33.97 ? 33   CYS A N   1 
ATOM   218  C CA  . CYS A 1 41  ? 0.245   12.764  -9.636  1.00 32.43 ? 33   CYS A CA  1 
ATOM   219  C C   . CYS A 1 41  ? -0.027  13.724  -8.470  1.00 32.52 ? 33   CYS A C   1 
ATOM   220  O O   . CYS A 1 41  ? 0.684   14.711  -8.295  1.00 30.00 ? 33   CYS A O   1 
ATOM   221  C CB  . CYS A 1 41  ? 1.462   11.911  -9.295  1.00 34.49 ? 33   CYS A CB  1 
ATOM   222  S SG  . CYS A 1 41  ? 1.148   10.707  -8.019  1.00 36.19 ? 33   CYS A SG  1 
ATOM   223  N N   . GLU A 1 42  ? -1.054  13.422  -7.679  1.00 31.04 ? 34   GLU A N   1 
ATOM   224  C CA  . GLU A 1 42  ? -1.335  14.152  -6.449  1.00 33.57 ? 34   GLU A CA  1 
ATOM   225  C C   . GLU A 1 42  ? -1.689  13.168  -5.355  1.00 31.31 ? 34   GLU A C   1 
ATOM   226  O O   . GLU A 1 42  ? -2.566  12.338  -5.545  1.00 30.73 ? 34   GLU A O   1 
ATOM   227  C CB  . GLU A 1 42  ? -2.497  15.121  -6.655  1.00 35.32 ? 34   GLU A CB  1 
ATOM   228  C CG  . GLU A 1 42  ? -2.806  16.003  -5.429  1.00 37.19 ? 34   GLU A CG  1 
ATOM   229  C CD  . GLU A 1 42  ? -3.794  17.132  -5.737  1.00 42.63 ? 34   GLU A CD  1 
ATOM   230  O OE1 . GLU A 1 42  ? -4.187  17.295  -6.917  1.00 50.87 ? 34   GLU A OE1 1 
ATOM   231  O OE2 . GLU A 1 42  ? -4.182  17.854  -4.792  1.00 51.31 ? 34   GLU A OE2 1 
ATOM   232  N N   . SER A 1 43  ? -1.014  13.277  -4.210  1.00 32.20 ? 35   SER A N   1 
ATOM   233  C CA  . SER A 1 43  ? -1.273  12.429  -3.050  1.00 34.15 ? 35   SER A CA  1 
ATOM   234  C C   . SER A 1 43  ? -1.549  13.267  -1.805  1.00 34.85 ? 35   SER A C   1 
ATOM   235  O O   . SER A 1 43  ? -1.106  14.416  -1.695  1.00 31.99 ? 35   SER A O   1 
ATOM   236  C CB  . SER A 1 43  ? -0.100  11.487  -2.768  1.00 35.04 ? 35   SER A CB  1 
ATOM   237  O OG  . SER A 1 43  ? 1.104   12.198  -2.578  1.00 38.86 ? 35   SER A OG  1 
ATOM   238  N N   . LYS A 1 44  ? -2.311  12.688  -0.888  1.00 32.39 ? 36   LYS A N   1 
ATOM   239  C CA  . LYS A 1 44  ? -2.656  13.333  0.361   1.00 34.42 ? 36   LYS A CA  1 
ATOM   240  C C   . LYS A 1 44  ? -2.545  12.286  1.440   1.00 33.62 ? 36   LYS A C   1 
ATOM   241  O O   . LYS A 1 44  ? -3.054  11.185  1.270   1.00 30.17 ? 36   LYS A O   1 
ATOM   242  C CB  . LYS A 1 44  ? -4.082  13.890  0.302   1.00 34.84 ? 36   LYS A CB  1 
ATOM   243  C CG  . LYS A 1 44  ? -4.274  14.933  -0.791  1.00 39.64 ? 36   LYS A CG  1 
ATOM   244  C CD  . LYS A 1 44  ? -5.696  15.501  -0.871  1.00 43.98 ? 36   LYS A CD  1 
ATOM   245  C CE  . LYS A 1 44  ? -6.633  14.635  -1.713  1.00 48.64 ? 36   LYS A CE  1 
ATOM   246  N NZ  . LYS A 1 44  ? -6.133  14.432  -3.093  1.00 51.32 ? 36   LYS A NZ  1 
ATOM   247  N N   . ILE A 1 45  ? -1.836  12.608  2.519   1.00 32.12 ? 37   ILE A N   1 
ATOM   248  C CA  . ILE A 1 45  ? -1.792  11.756  3.710   1.00 33.83 ? 37   ILE A CA  1 
ATOM   249  C C   . ILE A 1 45  ? -2.660  12.440  4.729   1.00 33.63 ? 37   ILE A C   1 
ATOM   250  O O   . ILE A 1 45  ? -2.516  13.643  4.961   1.00 37.58 ? 37   ILE A O   1 
ATOM   251  C CB  . ILE A 1 45  ? -0.362  11.609  4.262   1.00 32.12 ? 37   ILE A CB  1 
ATOM   252  C CG1 . ILE A 1 45  ? 0.505   10.794  3.296   1.00 32.94 ? 37   ILE A CG1 1 
ATOM   253  C CG2 . ILE A 1 45  ? -0.364  10.978  5.655   1.00 34.64 ? 37   ILE A CG2 1 
ATOM   254  C CD1 . ILE A 1 45  ? 1.984   11.138  3.408   1.00 34.73 ? 37   ILE A CD1 1 
ATOM   255  N N   . HIS A 1 46  ? -3.593  11.702  5.311   1.00 32.89 ? 38   HIS A N   1 
ATOM   256  C CA  . HIS A 1 46  ? -4.429  12.251  6.377   1.00 35.55 ? 38   HIS A CA  1 
ATOM   257  C C   . HIS A 1 46  ? -4.323  11.353  7.601   1.00 34.84 ? 38   HIS A C   1 
ATOM   258  O O   . HIS A 1 46  ? -3.425  10.517  7.657   1.00 32.22 ? 38   HIS A O   1 
ATOM   259  C CB  . HIS A 1 46  ? -5.873  12.452  5.896   1.00 36.61 ? 38   HIS A CB  1 
ATOM   260  C CG  . HIS A 1 46  ? -6.416  11.301  5.118   1.00 38.88 ? 38   HIS A CG  1 
ATOM   261  N ND1 . HIS A 1 46  ? -6.972  10.187  5.714   1.00 41.15 ? 38   HIS A ND1 1 
ATOM   262  C CD2 . HIS A 1 46  ? -6.478  11.086  3.787   1.00 36.81 ? 38   HIS A CD2 1 
ATOM   263  C CE1 . HIS A 1 46  ? -7.364  9.343   4.777   1.00 39.85 ? 38   HIS A CE1 1 
ATOM   264  N NE2 . HIS A 1 46  ? -7.069  9.861   3.601   1.00 41.17 ? 38   HIS A NE2 1 
ATOM   265  N N   . LYS A 1 47  ? -5.186  11.551  8.597   1.00 37.49 ? 39   LYS A N   1 
ATOM   266  C CA  . LYS A 1 47  ? -5.063  10.806  9.852   1.00 38.13 ? 39   LYS A CA  1 
ATOM   267  C C   . LYS A 1 47  ? -5.520  9.364   9.648   1.00 38.18 ? 39   LYS A C   1 
ATOM   268  O O   . LYS A 1 47  ? -6.676  9.109   9.305   1.00 40.74 ? 39   LYS A O   1 
ATOM   269  C CB  . LYS A 1 47  ? -5.849  11.469  10.988  1.00 39.40 ? 39   LYS A CB  1 
ATOM   270  C CG  . LYS A 1 47  ? -5.514  10.893  12.362  1.00 39.88 ? 39   LYS A CG  1 
ATOM   271  C CD  . LYS A 1 47  ? -6.003  11.783  13.494  1.00 44.46 ? 39   LYS A CD  1 
ATOM   272  C CE  . LYS A 1 47  ? -5.691  11.193  14.849  1.00 46.84 ? 39   LYS A CE  1 
ATOM   273  N NZ  . LYS A 1 47  ? -4.248  10.815  15.013  1.00 53.11 ? 39   LYS A NZ  1 
ATOM   274  N N   . TYR A 1 48  ? -4.587  8.435   9.850   1.00 37.26 ? 40   TYR A N   1 
ATOM   275  C CA  . TYR A 1 48  ? -4.799  6.997   9.612   1.00 34.50 ? 40   TYR A CA  1 
ATOM   276  C C   . TYR A 1 48  ? -5.261  6.656   8.194   1.00 34.32 ? 40   TYR A C   1 
ATOM   277  O O   . TYR A 1 48  ? -6.109  5.780   7.987   1.00 31.24 ? 40   TYR A O   1 
ATOM   278  C CB  . TYR A 1 48  ? -5.782  6.415   10.637  1.00 35.83 ? 40   TYR A CB  1 
ATOM   279  C CG  . TYR A 1 48  ? -5.452  6.716   12.082  1.00 34.02 ? 40   TYR A CG  1 
ATOM   280  C CD1 . TYR A 1 48  ? -4.140  6.694   12.542  1.00 37.22 ? 40   TYR A CD1 1 
ATOM   281  C CD2 . TYR A 1 48  ? -6.464  6.986   12.996  1.00 39.23 ? 40   TYR A CD2 1 
ATOM   282  C CE1 . TYR A 1 48  ? -3.836  6.959   13.886  1.00 36.11 ? 40   TYR A CE1 1 
ATOM   283  C CE2 . TYR A 1 48  ? -6.179  7.252   14.330  1.00 36.92 ? 40   TYR A CE2 1 
ATOM   284  C CZ  . TYR A 1 48  ? -4.863  7.232   14.771  1.00 38.14 ? 40   TYR A CZ  1 
ATOM   285  O OH  . TYR A 1 48  ? -4.582  7.502   16.099  1.00 41.56 ? 40   TYR A OH  1 
ATOM   286  N N   . GLY A 1 49  ? -4.720  7.362   7.212   1.00 32.55 ? 41   GLY A N   1 
ATOM   287  C CA  . GLY A 1 49  ? -4.961  6.989   5.847   1.00 29.15 ? 41   GLY A CA  1 
ATOM   288  C C   . GLY A 1 49  ? -4.205  7.866   4.892   1.00 28.29 ? 41   GLY A C   1 
ATOM   289  O O   . GLY A 1 49  ? -3.449  8.737   5.296   1.00 27.41 ? 41   GLY A O   1 
ATOM   290  N N   . ALA A 1 50  ? -4.456  7.643   3.614   1.00 26.09 ? 42   ALA A N   1 
ATOM   291  C CA  . ALA A 1 50  ? -3.787  8.347   2.553   1.00 28.29 ? 42   ALA A CA  1 
ATOM   292  C C   . ALA A 1 50  ? -4.483  8.029   1.227   1.00 30.58 ? 42   ALA A C   1 
ATOM   293  O O   . ALA A 1 50  ? -5.163  7.012   1.092   1.00 33.05 ? 42   ALA A O   1 
ATOM   294  C CB  . ALA A 1 50  ? -2.321  7.952   2.511   1.00 24.97 ? 42   ALA A CB  1 
ATOM   295  N N   . SER A 1 51  ? -4.313  8.902   0.248   1.00 32.39 ? 43   SER A N   1 
ATOM   296  C CA  . SER A 1 51  ? -4.903  8.683   -1.041  1.00 31.43 ? 43   SER A CA  1 
ATOM   297  C C   . SER A 1 51  ? -3.987  9.242   -2.107  1.00 33.30 ? 43   SER A C   1 
ATOM   298  O O   . SER A 1 51  ? -3.124  10.056  -1.818  1.00 32.36 ? 43   SER A O   1 
ATOM   299  C CB  . SER A 1 51  ? -6.262  9.357   -1.109  1.00 33.85 ? 43   SER A CB  1 
ATOM   300  O OG  . SER A 1 51  ? -6.108  10.754  -1.134  1.00 30.17 ? 43   SER A OG  1 
ATOM   301  N N   . VAL A 1 52  ? -4.149  8.761   -3.329  1.00 29.08 ? 44   VAL A N   1 
ATOM   302  C CA  . VAL A 1 52  ? -3.346  9.220   -4.438  1.00 31.43 ? 44   VAL A CA  1 
ATOM   303  C C   . VAL A 1 52  ? -4.157  9.162   -5.732  1.00 31.81 ? 44   VAL A C   1 
ATOM   304  O O   . VAL A 1 52  ? -4.830  8.169   -6.007  1.00 32.16 ? 44   VAL A O   1 
ATOM   305  C CB  . VAL A 1 52  ? -2.038  8.396   -4.563  1.00 30.60 ? 44   VAL A CB  1 
ATOM   306  C CG1 . VAL A 1 52  ? -2.348  6.926   -4.831  1.00 34.73 ? 44   VAL A CG1 1 
ATOM   307  C CG2 . VAL A 1 52  ? -1.137  8.997   -5.665  1.00 30.48 ? 44   VAL A CG2 1 
ATOM   308  N N   . SER A 1 53  ? -4.092  10.251  -6.492  1.00 31.28 ? 45   SER A N   1 
ATOM   309  C CA  . SER A 1 53  ? -4.766  10.414  -7.764  1.00 31.45 ? 45   SER A CA  1 
ATOM   310  C C   . SER A 1 53  ? -3.667  10.348  -8.816  1.00 31.05 ? 45   SER A C   1 
ATOM   311  O O   . SER A 1 53  ? -2.795  11.202  -8.863  1.00 29.03 ? 45   SER A O   1 
ATOM   312  C CB  . SER A 1 53  ? -5.481  11.773  -7.799  1.00 32.87 ? 45   SER A CB  1 
ATOM   313  O OG  . SER A 1 53  ? -5.922  12.120  -9.081  1.00 33.54 ? 45   SER A OG  1 
ATOM   314  N N   . ASN A 1 54  ? -3.698  9.319   -9.650  1.00 31.12 ? 46   ASN A N   1 
ATOM   315  C CA  . ASN A 1 54  ? -2.651  9.128   -10.633 1.00 29.23 ? 46   ASN A CA  1 
ATOM   316  C C   . ASN A 1 54  ? -3.092  8.120   -11.664 1.00 28.04 ? 46   ASN A C   1 
ATOM   317  O O   . ASN A 1 54  ? -3.675  7.099   -11.313 1.00 29.46 ? 46   ASN A O   1 
ATOM   318  C CB  . ASN A 1 54  ? -1.385  8.616   -9.938  1.00 28.16 ? 46   ASN A CB  1 
ATOM   319  C CG  . ASN A 1 54  ? -0.170  8.545   -10.873 1.00 30.66 ? 46   ASN A CG  1 
ATOM   320  O OD1 . ASN A 1 54  ? 0.609   7.572   -10.848 1.00 31.11 ? 46   ASN A OD1 1 
ATOM   321  N ND2 . ASN A 1 54  ? 0.010   9.582   -11.671 1.00 26.43 ? 46   ASN A ND2 1 
ATOM   322  N N   . GLY A 1 55  ? -2.812  8.409   -12.926 1.00 27.43 ? 47   GLY A N   1 
ATOM   323  C CA  . GLY A 1 55  ? -2.974  7.440   -14.005 1.00 30.36 ? 47   GLY A CA  1 
ATOM   324  C C   . GLY A 1 55  ? -4.402  7.115   -14.408 1.00 31.32 ? 47   GLY A C   1 
ATOM   325  O O   . GLY A 1 55  ? -4.620  6.155   -15.145 1.00 31.87 ? 47   GLY A O   1 
ATOM   326  N N   . GLY A 1 56  ? -5.361  7.898   -13.911 1.00 29.76 ? 48   GLY A N   1 
ATOM   327  C CA  . GLY A 1 56  ? -6.782  7.661   -14.144 1.00 29.78 ? 48   GLY A CA  1 
ATOM   328  C C   . GLY A 1 56  ? -7.526  7.007   -12.990 1.00 28.23 ? 48   GLY A C   1 
ATOM   329  O O   . GLY A 1 56  ? -8.719  6.695   -13.116 1.00 31.28 ? 48   GLY A O   1 
ATOM   330  N N   . LEU A 1 57  ? -6.841  6.805   -11.871 1.00 30.64 ? 49   LEU A N   1 
ATOM   331  C CA  . LEU A 1 57  ? -7.419  6.176   -10.703 1.00 29.53 ? 49   LEU A CA  1 
ATOM   332  C C   . LEU A 1 57  ? -7.039  6.923   -9.417  1.00 30.90 ? 49   LEU A C   1 
ATOM   333  O O   . LEU A 1 57  ? -5.874  7.262   -9.194  1.00 28.89 ? 49   LEU A O   1 
ATOM   334  C CB  . LEU A 1 57  ? -6.927  4.733   -10.621 1.00 31.05 ? 49   LEU A CB  1 
ATOM   335  C CG  . LEU A 1 57  ? -7.696  3.726   -9.771  1.00 32.54 ? 49   LEU A CG  1 
ATOM   336  C CD1 . LEU A 1 57  ? -9.047  3.424   -10.375 1.00 29.21 ? 49   LEU A CD1 1 
ATOM   337  C CD2 . LEU A 1 57  ? -6.874  2.454   -9.608  1.00 31.30 ? 49   LEU A CD2 1 
ATOM   338  N N   . ASN A 1 58  ? -8.038  7.180   -8.584  1.00 30.22 ? 50   ASN A N   1 
ATOM   339  C CA  . ASN A 1 58  ? -7.815  7.523   -7.202  1.00 29.07 ? 50   ASN A CA  1 
ATOM   340  C C   . ASN A 1 58  ? -7.827  6.233   -6.359  1.00 29.31 ? 50   ASN A C   1 
ATOM   341  O O   . ASN A 1 58  ? -8.784  5.460   -6.399  1.00 30.03 ? 50   ASN A O   1 
ATOM   342  C CB  . ASN A 1 58  ? -8.888  8.497   -6.698  1.00 29.78 ? 50   ASN A CB  1 
ATOM   343  C CG  . ASN A 1 58  ? -8.560  9.066   -5.349  1.00 31.78 ? 50   ASN A CG  1 
ATOM   344  O OD1 . ASN A 1 58  ? -8.700  8.391   -4.326  1.00 36.94 ? 50   ASN A OD1 1 
ATOM   345  N ND2 . ASN A 1 58  ? -8.111  10.307  -5.330  1.00 34.13 ? 50   ASN A ND2 1 
ATOM   346  N N   . ILE A 1 59  ? -6.738  6.007   -5.627  1.00 27.87 ? 51   ILE A N   1 
ATOM   347  C CA  . ILE A 1 59  ? -6.602  4.895   -4.718  1.00 26.32 ? 51   ILE A CA  1 
ATOM   348  C C   . ILE A 1 59  ? -6.568  5.493   -3.312  1.00 28.75 ? 51   ILE A C   1 
ATOM   349  O O   . ILE A 1 59  ? -5.733  6.352   -3.018  1.00 29.01 ? 51   ILE A O   1 
ATOM   350  C CB  . ILE A 1 59  ? -5.287  4.098   -4.971  1.00 26.03 ? 51   ILE A CB  1 
ATOM   351  C CG1 . ILE A 1 59  ? -5.205  3.585   -6.403  1.00 29.10 ? 51   ILE A CG1 1 
ATOM   352  C CG2 . ILE A 1 59  ? -5.195  2.923   -3.979  1.00 24.67 ? 51   ILE A CG2 1 
ATOM   353  C CD1 . ILE A 1 59  ? -3.871  2.953   -6.770  1.00 26.80 ? 51   ILE A CD1 1 
ATOM   354  N N   . SER A 1 60  ? -7.511  5.071   -2.477  1.00 27.99 ? 52   SER A N   1 
ATOM   355  C CA  . SER A 1 60  ? -7.620  5.529   -1.098  1.00 32.46 ? 52   SER A CA  1 
ATOM   356  C C   . SER A 1 60  ? -7.435  4.357   -0.159  1.00 33.90 ? 52   SER A C   1 
ATOM   357  O O   . SER A 1 60  ? -8.035  3.307   -0.374  1.00 32.64 ? 52   SER A O   1 
ATOM   358  C CB  . SER A 1 60  ? -8.990  6.166   -0.885  1.00 34.10 ? 52   SER A CB  1 
ATOM   359  O OG  . SER A 1 60  ? -9.170  6.516   0.468   1.00 45.19 ? 52   SER A OG  1 
ATOM   360  N N   . VAL A 1 61  ? -6.592  4.534   0.865   1.00 32.58 ? 53   VAL A N   1 
ATOM   361  C CA  . VAL A 1 61  ? -6.385  3.537   1.922   1.00 31.14 ? 53   VAL A CA  1 
ATOM   362  C C   . VAL A 1 61  ? -6.718  4.168   3.263   1.00 31.92 ? 53   VAL A C   1 
ATOM   363  O O   . VAL A 1 61  ? -6.114  5.174   3.636   1.00 31.88 ? 53   VAL A O   1 
ATOM   364  C CB  . VAL A 1 61  ? -4.912  3.026   1.969   1.00 29.21 ? 53   VAL A CB  1 
ATOM   365  C CG1 . VAL A 1 61  ? -4.774  1.904   2.995   1.00 27.68 ? 53   VAL A CG1 1 
ATOM   366  C CG2 . VAL A 1 61  ? -4.469  2.548   0.620   1.00 32.20 ? 53   VAL A CG2 1 
ATOM   367  N N   . ASP A 1 62  ? -7.698  3.606   3.973   1.00 33.52 ? 54   ASP A N   1 
ATOM   368  C CA  . ASP A 1 62  ? -7.961  3.965   5.370   1.00 34.49 ? 54   ASP A CA  1 
ATOM   369  C C   . ASP A 1 62  ? -7.677  2.815   6.310   1.00 34.48 ? 54   ASP A C   1 
ATOM   370  O O   . ASP A 1 62  ? -8.088  1.673   6.062   1.00 32.51 ? 54   ASP A O   1 
ATOM   371  C CB  . ASP A 1 62  ? -9.400  4.421   5.571   1.00 36.16 ? 54   ASP A CB  1 
ATOM   372  C CG  . ASP A 1 62  ? -9.674  5.758   4.907   1.00 45.36 ? 54   ASP A CG  1 
ATOM   373  O OD1 . ASP A 1 62  ? -8.707  6.385   4.423   1.00 51.12 ? 54   ASP A OD1 1 
ATOM   374  O OD2 . ASP A 1 62  ? -10.849 6.179   4.875   1.00 50.87 ? 54   ASP A OD2 1 
ATOM   375  N N   . LEU A 1 63  ? -6.994  3.150   7.402   1.00 32.55 ? 55   LEU A N   1 
ATOM   376  C CA  . LEU A 1 63  ? -6.543  2.192   8.386   1.00 32.48 ? 55   LEU A CA  1 
ATOM   377  C C   . LEU A 1 63  ? -7.504  2.265   9.567   1.00 33.77 ? 55   LEU A C   1 
ATOM   378  O O   . LEU A 1 63  ? -7.547  3.271   10.279  1.00 34.76 ? 55   LEU A O   1 
ATOM   379  C CB  . LEU A 1 63  ? -5.106  2.525   8.801   1.00 33.22 ? 55   LEU A CB  1 
ATOM   380  C CG  . LEU A 1 63  ? -4.085  2.532   7.648   1.00 30.62 ? 55   LEU A CG  1 
ATOM   381  C CD1 . LEU A 1 63  ? -2.674  2.943   8.100   1.00 24.34 ? 55   LEU A CD1 1 
ATOM   382  C CD2 . LEU A 1 63  ? -4.061  1.165   6.965   1.00 31.52 ? 55   LEU A CD2 1 
ATOM   383  N N   . LEU A 1 64  ? -8.294  1.207   9.739   1.00 33.96 ? 56   LEU A N   1 
ATOM   384  C CA  . LEU A 1 64  ? -9.336  1.136   10.756  1.00 33.06 ? 56   LEU A CA  1 
ATOM   385  C C   . LEU A 1 64  ? -8.854  0.288   11.922  1.00 34.33 ? 56   LEU A C   1 
ATOM   386  O O   . LEU A 1 64  ? -8.521  -0.888  11.738  1.00 33.45 ? 56   LEU A O   1 
ATOM   387  C CB  . LEU A 1 64  ? -10.605 0.513   10.167  1.00 32.82 ? 56   LEU A CB  1 
ATOM   388  C CG  . LEU A 1 64  ? -11.167 1.112   8.870   1.00 35.29 ? 56   LEU A CG  1 
ATOM   389  C CD1 . LEU A 1 64  ? -12.403 0.326   8.455   1.00 35.69 ? 56   LEU A CD1 1 
ATOM   390  C CD2 . LEU A 1 64  ? -11.496 2.591   9.050   1.00 29.48 ? 56   LEU A CD2 1 
ATOM   391  N N   . ASN A 1 65  ? -8.816  0.887   13.118  1.00 31.23 ? 57   ASN A N   1 
ATOM   392  C CA  . ASN A 1 65  ? -8.257  0.262   14.317  1.00 30.49 ? 57   ASN A CA  1 
ATOM   393  C C   . ASN A 1 65  ? -6.831  -0.245  14.136  1.00 29.81 ? 57   ASN A C   1 
ATOM   394  O O   . ASN A 1 65  ? -6.515  -1.337  14.568  1.00 28.17 ? 57   ASN A O   1 
ATOM   395  C CB  . ASN A 1 65  ? -9.164  -0.868  14.815  1.00 30.18 ? 57   ASN A CB  1 
ATOM   396  C CG  . ASN A 1 65  ? -10.530 -0.367  15.217  1.00 31.58 ? 57   ASN A CG  1 
ATOM   397  O OD1 . ASN A 1 65  ? -10.649 0.515   16.066  1.00 33.60 ? 57   ASN A OD1 1 
ATOM   398  N ND2 . ASN A 1 65  ? -11.569 -0.909  14.598  1.00 32.98 ? 57   ASN A ND2 1 
ATOM   399  N N   . CYS A 1 66  ? -5.996  0.556   13.475  1.00 30.40 ? 58   CYS A N   1 
ATOM   400  C CA  . CYS A 1 66  ? -4.586  0.229   13.269  1.00 32.21 ? 58   CYS A CA  1 
ATOM   401  C C   . CYS A 1 66  ? -3.629  1.181   14.018  1.00 33.49 ? 58   CYS A C   1 
ATOM   402  O O   . CYS A 1 66  ? -2.510  0.784   14.328  1.00 32.29 ? 58   CYS A O   1 
ATOM   403  C CB  . CYS A 1 66  ? -4.250  0.230   11.783  1.00 33.35 ? 58   CYS A CB  1 
ATOM   404  S SG  . CYS A 1 66  ? -5.358  -0.795  10.738  1.00 36.81 ? 58   CYS A SG  1 
ATOM   405  N N   . PHE A 1 67  ? -4.059  2.423   14.280  1.00 34.99 ? 59   PHE A N   1 
ATOM   406  C CA  . PHE A 1 67  ? -3.284  3.381   15.106  1.00 36.85 ? 59   PHE A CA  1 
ATOM   407  C C   . PHE A 1 67  ? -1.903  3.630   14.507  1.00 36.68 ? 59   PHE A C   1 
ATOM   408  O O   . PHE A 1 67  ? -0.897  3.675   15.209  1.00 29.50 ? 59   PHE A O   1 
ATOM   409  C CB  . PHE A 1 67  ? -3.169  2.853   16.527  1.00 40.53 ? 59   PHE A CB  1 
ATOM   410  C CG  . PHE A 1 67  ? -4.453  2.286   17.047  1.00 44.58 ? 59   PHE A CG  1 
ATOM   411  C CD1 . PHE A 1 67  ? -5.578  3.092   17.147  1.00 49.68 ? 59   PHE A CD1 1 
ATOM   412  C CD2 . PHE A 1 67  ? -4.558  0.941   17.380  1.00 40.47 ? 59   PHE A CD2 1 
ATOM   413  C CE1 . PHE A 1 67  ? -6.785  2.576   17.606  1.00 50.68 ? 59   PHE A CE1 1 
ATOM   414  C CE2 . PHE A 1 67  ? -5.756  0.422   17.838  1.00 45.40 ? 59   PHE A CE2 1 
ATOM   415  C CZ  . PHE A 1 67  ? -6.869  1.240   17.953  1.00 47.49 ? 59   PHE A CZ  1 
ATOM   416  N N   . LEU A 1 68  ? -1.890  3.747   13.183  1.00 31.40 ? 60   LEU A N   1 
ATOM   417  C CA  . LEU A 1 68  ? -0.679  3.881   12.375  1.00 34.00 ? 60   LEU A CA  1 
ATOM   418  C C   . LEU A 1 68  ? -0.932  4.948   11.313  1.00 30.18 ? 60   LEU A C   1 
ATOM   419  O O   . LEU A 1 68  ? -2.047  5.101   10.825  1.00 31.40 ? 60   LEU A O   1 
ATOM   420  C CB  . LEU A 1 68  ? -0.310  2.541   11.679  1.00 34.05 ? 60   LEU A CB  1 
ATOM   421  C CG  . LEU A 1 68  ? 0.380   1.448   12.505  1.00 37.47 ? 60   LEU A CG  1 
ATOM   422  C CD1 . LEU A 1 68  ? 0.719   0.227   11.652  1.00 35.38 ? 60   LEU A CD1 1 
ATOM   423  C CD2 . LEU A 1 68  ? 1.625   2.002   13.179  1.00 39.86 ? 60   LEU A CD2 1 
ATOM   424  N N   . ASN A 1 69  ? 0.126   5.668   10.963  1.00 30.28 ? 61   ASN A N   1 
ATOM   425  C CA  . ASN A 1 69  ? 0.097   6.668   9.913   1.00 30.09 ? 61   ASN A CA  1 
ATOM   426  C C   . ASN A 1 69  ? 1.093   6.327   8.823   1.00 30.64 ? 61   ASN A C   1 
ATOM   427  O O   . ASN A 1 69  ? 2.178   5.809   9.084   1.00 29.25 ? 61   ASN A O   1 
ATOM   428  C CB  . ASN A 1 69  ? 0.435   8.057   10.472  1.00 29.52 ? 61   ASN A CB  1 
ATOM   429  C CG  . ASN A 1 69  ? -0.791  8.808   10.977  1.00 33.75 ? 61   ASN A CG  1 
ATOM   430  O OD1 . ASN A 1 69  ? -1.500  9.462   10.206  1.00 34.83 ? 61   ASN A OD1 1 
ATOM   431  N ND2 . ASN A 1 69  ? -1.010  8.768   12.282  1.00 27.75 ? 61   ASN A ND2 1 
ATOM   432  N N   . PHE A 1 70  ? 0.706   6.652   7.595   1.00 29.81 ? 62   PHE A N   1 
ATOM   433  C CA  . PHE A 1 70  ? 1.610   6.606   6.479   1.00 31.43 ? 62   PHE A CA  1 
ATOM   434  C C   . PHE A 1 70  ? 2.427   7.880   6.459   1.00 28.77 ? 62   PHE A C   1 
ATOM   435  O O   . PHE A 1 70  ? 1.975   8.921   6.924   1.00 30.26 ? 62   PHE A O   1 
ATOM   436  C CB  . PHE A 1 70  ? 0.836   6.501   5.169   1.00 28.77 ? 62   PHE A CB  1 
ATOM   437  C CG  . PHE A 1 70  ? 0.044   5.232   5.006   1.00 30.71 ? 62   PHE A CG  1 
ATOM   438  C CD1 . PHE A 1 70  ? 0.670   4.003   4.990   1.00 28.83 ? 62   PHE A CD1 1 
ATOM   439  C CD2 . PHE A 1 70  ? -1.331  5.280   4.804   1.00 29.93 ? 62   PHE A CD2 1 
ATOM   440  C CE1 . PHE A 1 70  ? -0.058  2.828   4.794   1.00 30.53 ? 62   PHE A CE1 1 
ATOM   441  C CE2 . PHE A 1 70  ? -2.064  4.110   4.610   1.00 32.47 ? 62   PHE A CE2 1 
ATOM   442  C CZ  . PHE A 1 70  ? -1.417  2.886   4.587   1.00 29.87 ? 62   PHE A CZ  1 
ATOM   443  N N   . HIS A 1 71  ? 3.627   7.785   5.900   1.00 30.26 ? 63   HIS A N   1 
ATOM   444  C CA  . HIS A 1 71  ? 4.534   8.920   5.792   1.00 30.60 ? 63   HIS A CA  1 
ATOM   445  C C   . HIS A 1 71  ? 4.838   9.262   4.348   1.00 30.37 ? 63   HIS A C   1 
ATOM   446  O O   . HIS A 1 71  ? 5.211   10.393  4.037   1.00 28.32 ? 63   HIS A O   1 
ATOM   447  C CB  . HIS A 1 71  ? 5.846   8.604   6.489   1.00 30.08 ? 63   HIS A CB  1 
ATOM   448  C CG  . HIS A 1 71  ? 5.731   8.438   7.971   1.00 27.17 ? 63   HIS A CG  1 
ATOM   449  N ND1 . HIS A 1 71  ? 6.451   7.491   8.657   1.00 28.07 ? 63   HIS A ND1 1 
ATOM   450  C CD2 . HIS A 1 71  ? 5.000   9.102   8.900   1.00 25.23 ? 63   HIS A CD2 1 
ATOM   451  C CE1 . HIS A 1 71  ? 6.185   7.583   9.947   1.00 26.34 ? 63   HIS A CE1 1 
ATOM   452  N NE2 . HIS A 1 71  ? 5.298   8.546   10.120  1.00 29.15 ? 63   HIS A NE2 1 
ATOM   453  N N   . THR A 1 72  ? 4.707   8.282   3.463   1.00 28.58 ? 64   THR A N   1 
ATOM   454  C CA  . THR A 1 72  ? 5.097   8.460   2.089   1.00 30.22 ? 64   THR A CA  1 
ATOM   455  C C   . THR A 1 72  ? 4.148   7.697   1.169   1.00 29.79 ? 64   THR A C   1 
ATOM   456  O O   . THR A 1 72  ? 3.550   6.698   1.569   1.00 27.96 ? 64   THR A O   1 
ATOM   457  C CB  . THR A 1 72  ? 6.580   8.029   1.890   1.00 33.16 ? 64   THR A CB  1 
ATOM   458  O OG1 . THR A 1 72  ? 7.056   8.504   0.622   1.00 45.07 ? 64   THR A OG1 1 
ATOM   459  C CG2 . THR A 1 72  ? 6.742   6.521   1.959   1.00 31.65 ? 64   THR A CG2 1 
ATOM   460  N N   . VAL A 1 73  ? 3.955   8.238   -0.035  1.00 31.33 ? 65   VAL A N   1 
ATOM   461  C CA  . VAL A 1 73  ? 3.240   7.570   -1.108  1.00 31.78 ? 65   VAL A CA  1 
ATOM   462  C C   . VAL A 1 73  ? 4.165   7.622   -2.317  1.00 32.33 ? 65   VAL A C   1 
ATOM   463  O O   . VAL A 1 73  ? 4.655   8.687   -2.705  1.00 31.11 ? 65   VAL A O   1 
ATOM   464  C CB  . VAL A 1 73  ? 1.887   8.250   -1.437  1.00 33.55 ? 65   VAL A CB  1 
ATOM   465  C CG1 . VAL A 1 73  ? 1.159   7.517   -2.595  1.00 30.68 ? 65   VAL A CG1 1 
ATOM   466  C CG2 . VAL A 1 73  ? 1.003   8.329   -0.209  1.00 36.84 ? 65   VAL A CG2 1 
ATOM   467  N N   . GLY A 1 74  ? 4.447   6.454   -2.873  1.00 30.03 ? 66   GLY A N   1 
ATOM   468  C CA  . GLY A 1 74  ? 5.144   6.344   -4.141  1.00 30.54 ? 66   GLY A CA  1 
ATOM   469  C C   . GLY A 1 74  ? 4.170   5.777   -5.150  1.00 29.74 ? 66   GLY A C   1 
ATOM   470  O O   . GLY A 1 74  ? 3.202   5.095   -4.787  1.00 27.59 ? 66   GLY A O   1 
ATOM   471  N N   . VAL A 1 75  ? 4.437   6.057   -6.424  1.00 30.33 ? 67   VAL A N   1 
ATOM   472  C CA  . VAL A 1 75  ? 3.618   5.559   -7.520  1.00 30.88 ? 67   VAL A CA  1 
ATOM   473  C C   . VAL A 1 75  ? 4.472   4.974   -8.627  1.00 29.25 ? 67   VAL A C   1 
ATOM   474  O O   . VAL A 1 75  ? 5.673   5.235   -8.714  1.00 30.93 ? 67   VAL A O   1 
ATOM   475  C CB  . VAL A 1 75  ? 2.716   6.655   -8.135  1.00 30.48 ? 67   VAL A CB  1 
ATOM   476  C CG1 . VAL A 1 75  ? 1.743   7.213   -7.108  1.00 31.49 ? 67   VAL A CG1 1 
ATOM   477  C CG2 . VAL A 1 75  ? 3.554   7.768   -8.762  1.00 31.34 ? 67   VAL A CG2 1 
ATOM   478  N N   . TYR A 1 76  ? 3.837   4.140   -9.435  1.00 29.15 ? 68   TYR A N   1 
ATOM   479  C CA  . TYR A 1 76  ? 4.398   3.705   -10.703 1.00 30.78 ? 68   TYR A CA  1 
ATOM   480  C C   . TYR A 1 76  ? 3.257   3.562   -11.715 1.00 31.40 ? 68   TYR A C   1 
ATOM   481  O O   . TYR A 1 76  ? 2.123   3.278   -11.337 1.00 29.49 ? 68   TYR A O   1 
ATOM   482  C CB  . TYR A 1 76  ? 5.192   2.390   -10.565 1.00 29.73 ? 68   TYR A CB  1 
ATOM   483  C CG  . TYR A 1 76  ? 6.321   2.315   -11.578 1.00 28.13 ? 68   TYR A CG  1 
ATOM   484  C CD1 . TYR A 1 76  ? 6.150   1.667   -12.801 1.00 25.03 ? 68   TYR A CD1 1 
ATOM   485  C CD2 . TYR A 1 76  ? 7.525   2.955   -11.344 1.00 28.34 ? 68   TYR A CD2 1 
ATOM   486  C CE1 . TYR A 1 76  ? 7.179   1.641   -13.756 1.00 26.50 ? 68   TYR A CE1 1 
ATOM   487  C CE2 . TYR A 1 76  ? 8.557   2.929   -12.287 1.00 29.31 ? 68   TYR A CE2 1 
ATOM   488  C CZ  . TYR A 1 76  ? 8.372   2.267   -13.494 1.00 29.05 ? 68   TYR A CZ  1 
ATOM   489  O OH  . TYR A 1 76  ? 9.404   2.234   -14.431 1.00 27.63 ? 68   TYR A OH  1 
ATOM   490  N N   . THR A 1 77  ? 3.552   3.785   -12.994 1.00 32.03 ? 69   THR A N   1 
ATOM   491  C CA  . THR A 1 77  ? 2.569   3.553   -14.059 1.00 30.81 ? 69   THR A CA  1 
ATOM   492  C C   . THR A 1 77  ? 3.208   2.833   -15.237 1.00 31.59 ? 69   THR A C   1 
ATOM   493  O O   . THR A 1 77  ? 4.254   3.243   -15.713 1.00 30.69 ? 69   THR A O   1 
ATOM   494  C CB  . THR A 1 77  ? 1.920   4.862   -14.531 1.00 30.68 ? 69   THR A CB  1 
ATOM   495  O OG1 . THR A 1 77  ? 2.923   5.858   -14.734 1.00 35.38 ? 69   THR A OG1 1 
ATOM   496  C CG2 . THR A 1 77  ? 0.928   5.368   -13.520 1.00 32.04 ? 69   THR A CG2 1 
ATOM   497  N N   . ASN A 1 78  ? 2.575   1.763   -15.713 1.00 31.00 ? 70   ASN A N   1 
ATOM   498  C CA  . ASN A 1 78  ? 3.114   0.989   -16.836 1.00 31.95 ? 70   ASN A CA  1 
ATOM   499  C C   . ASN A 1 78  ? 1.977   0.386   -17.632 1.00 31.55 ? 70   ASN A C   1 
ATOM   500  O O   . ASN A 1 78  ? 1.112   -0.286  -17.056 1.00 34.02 ? 70   ASN A O   1 
ATOM   501  C CB  . ASN A 1 78  ? 4.040   -0.127  -16.343 1.00 30.79 ? 70   ASN A CB  1 
ATOM   502  C CG  . ASN A 1 78  ? 4.849   -0.752  -17.458 1.00 32.62 ? 70   ASN A CG  1 
ATOM   503  O OD1 . ASN A 1 78  ? 5.630   -0.080  -18.118 1.00 37.05 ? 70   ASN A OD1 1 
ATOM   504  N ND2 . ASN A 1 78  ? 4.657   -2.046  -17.679 1.00 37.50 ? 70   ASN A ND2 1 
ATOM   505  N N   . ARG A 1 79  ? 1.977   0.645   -18.941 1.00 33.73 ? 71   ARG A N   1 
ATOM   506  C CA  . ARG A 1 79  ? 1.007   0.080   -19.880 1.00 33.23 ? 71   ARG A CA  1 
ATOM   507  C C   . ARG A 1 79  ? -0.429  0.501   -19.517 1.00 31.40 ? 71   ARG A C   1 
ATOM   508  O O   . ARG A 1 79  ? -0.877  1.604   -19.844 1.00 31.62 ? 71   ARG A O   1 
ATOM   509  C CB  . ARG A 1 79  ? 1.153   -1.461  -19.948 1.00 36.71 ? 71   ARG A CB  1 
ATOM   510  C CG  . ARG A 1 79  ? 2.461   -1.969  -20.589 1.00 41.51 ? 71   ARG A CG  1 
ATOM   511  C CD  . ARG A 1 79  ? 2.310   -2.216  -22.076 1.00 49.96 ? 71   ARG A CD  1 
ATOM   512  N NE  . ARG A 1 79  ? 3.585   -2.498  -22.750 1.00 52.78 ? 71   ARG A NE  1 
ATOM   513  C CZ  . ARG A 1 79  ? 4.433   -1.578  -23.223 1.00 58.01 ? 71   ARG A CZ  1 
ATOM   514  N NH1 . ARG A 1 79  ? 4.191   -0.275  -23.087 1.00 61.43 ? 71   ARG A NH1 1 
ATOM   515  N NH2 . ARG A 1 79  ? 5.550   -1.962  -23.834 1.00 55.30 ? 71   ARG A NH2 1 
ATOM   516  N N   . ASP A 1 80  ? -1.129  -0.382  -18.828 1.00 34.01 ? 72   ASP A N   1 
ATOM   517  C CA  . ASP A 1 80  ? -2.512  -0.178  -18.426 1.00 33.17 ? 72   ASP A CA  1 
ATOM   518  C C   . ASP A 1 80  ? -2.660  -0.333  -16.911 1.00 30.19 ? 72   ASP A C   1 
ATOM   519  O O   . ASP A 1 80  ? -3.772  -0.469  -16.411 1.00 27.24 ? 72   ASP A O   1 
ATOM   520  C CB  . ASP A 1 80  ? -3.381  -1.222  -19.129 1.00 35.03 ? 72   ASP A CB  1 
ATOM   521  C CG  . ASP A 1 80  ? -2.830  -2.640  -18.977 1.00 39.92 ? 72   ASP A CG  1 
ATOM   522  O OD1 . ASP A 1 80  ? -1.820  -2.815  -18.255 1.00 39.00 ? 72   ASP A OD1 1 
ATOM   523  O OD2 . ASP A 1 80  ? -3.393  -3.578  -19.587 1.00 41.02 ? 72   ASP A OD2 1 
ATOM   524  N N   . THR A 1 81  ? -1.539  -0.334  -16.188 1.00 31.08 ? 73   THR A N   1 
ATOM   525  C CA  . THR A 1 81  ? -1.535  -0.649  -14.768 1.00 29.78 ? 73   THR A CA  1 
ATOM   526  C C   . THR A 1 81  ? -0.962  0.499   -13.913 1.00 27.53 ? 73   THR A C   1 
ATOM   527  O O   . THR A 1 81  ? 0.101   1.033   -14.195 1.00 27.98 ? 73   THR A O   1 
ATOM   528  C CB  . THR A 1 81  ? -0.807  -2.014  -14.496 1.00 28.52 ? 73   THR A CB  1 
ATOM   529  O OG1 . THR A 1 81  ? -1.406  -3.020  -15.311 1.00 24.37 ? 73   THR A OG1 1 
ATOM   530  C CG2 . THR A 1 81  ? -0.959  -2.459  -13.070 1.00 31.82 ? 73   THR A CG2 1 
ATOM   531  N N   . VAL A 1 82  ? -1.703  0.872   -12.877 1.00 28.30 ? 74   VAL A N   1 
ATOM   532  C CA  . VAL A 1 82  ? -1.261  1.863   -11.909 1.00 29.31 ? 74   VAL A CA  1 
ATOM   533  C C   . VAL A 1 82  ? -0.783  1.118   -10.662 1.00 28.90 ? 74   VAL A C   1 
ATOM   534  O O   . VAL A 1 82  ? -1.357  0.102   -10.280 1.00 31.49 ? 74   VAL A O   1 
ATOM   535  C CB  . VAL A 1 82  ? -2.396  2.874   -11.535 1.00 27.80 ? 74   VAL A CB  1 
ATOM   536  C CG1 . VAL A 1 82  ? -2.888  3.652   -12.804 1.00 30.96 ? 74   VAL A CG1 1 
ATOM   537  C CG2 . VAL A 1 82  ? -3.544  2.175   -10.851 1.00 35.45 ? 74   VAL A CG2 1 
ATOM   538  N N   . TYR A 1 83  ? 0.285   1.611   -10.052 1.00 29.72 ? 75   TYR A N   1 
ATOM   539  C CA  . TYR A 1 83  ? 0.806   1.039   -8.804  1.00 27.76 ? 75   TYR A CA  1 
ATOM   540  C C   . TYR A 1 83  ? 0.913   2.145   -7.779  1.00 29.06 ? 75   TYR A C   1 
ATOM   541  O O   . TYR A 1 83  ? 1.284   3.249   -8.137  1.00 27.97 ? 75   TYR A O   1 
ATOM   542  C CB  . TYR A 1 83  ? 2.206   0.420   -9.019  1.00 30.47 ? 75   TYR A CB  1 
ATOM   543  C CG  . TYR A 1 83  ? 2.286   -0.589  -10.154 1.00 31.50 ? 75   TYR A CG  1 
ATOM   544  C CD1 . TYR A 1 83  ? 2.398   -1.940  -9.894  1.00 34.67 ? 75   TYR A CD1 1 
ATOM   545  C CD2 . TYR A 1 83  ? 2.288   -0.181  -11.480 1.00 30.42 ? 75   TYR A CD2 1 
ATOM   546  C CE1 . TYR A 1 83  ? 2.480   -2.868  -10.923 1.00 31.52 ? 75   TYR A CE1 1 
ATOM   547  C CE2 . TYR A 1 83  ? 2.352   -1.103  -12.522 1.00 28.06 ? 75   TYR A CE2 1 
ATOM   548  C CZ  . TYR A 1 83  ? 2.445   -2.445  -12.240 1.00 29.57 ? 75   TYR A CZ  1 
ATOM   549  O OH  . TYR A 1 83  ? 2.531   -3.372  -13.279 1.00 27.69 ? 75   TYR A OH  1 
ATOM   550  N N   . ALA A 1 84  ? 0.614   1.830   -6.514  1.00 25.59 ? 76   ALA A N   1 
ATOM   551  C CA  . ALA A 1 84  ? 0.845   2.728   -5.377  1.00 26.63 ? 76   ALA A CA  1 
ATOM   552  C C   . ALA A 1 84  ? 1.423   1.956   -4.188  1.00 26.20 ? 76   ALA A C   1 
ATOM   553  O O   . ALA A 1 84  ? 1.064   0.805   -3.920  1.00 28.47 ? 76   ALA A O   1 
ATOM   554  C CB  . ALA A 1 84  ? -0.464  3.423   -4.963  1.00 26.23 ? 76   ALA A CB  1 
ATOM   555  N N   . LYS A 1 85  ? 2.314   2.596   -3.452  1.00 30.23 ? 77   LYS A N   1 
ATOM   556  C CA  . LYS A 1 85  ? 2.908   2.003   -2.267  1.00 30.25 ? 77   LYS A CA  1 
ATOM   557  C C   . LYS A 1 85  ? 2.765   3.079   -1.206  1.00 32.58 ? 77   LYS A C   1 
ATOM   558  O O   . LYS A 1 85  ? 3.309   4.184   -1.355  1.00 30.69 ? 77   LYS A O   1 
ATOM   559  C CB  . LYS A 1 85  ? 4.382   1.634   -2.540  1.00 32.16 ? 77   LYS A CB  1 
ATOM   560  C CG  . LYS A 1 85  ? 5.102   0.917   -1.438  1.00 40.90 ? 77   LYS A CG  1 
ATOM   561  C CD  . LYS A 1 85  ? 6.593   1.327   -1.347  1.00 43.67 ? 77   LYS A CD  1 
ATOM   562  C CE  . LYS A 1 85  ? 7.201   0.938   -0.007  1.00 51.47 ? 77   LYS A CE  1 
ATOM   563  N NZ  . LYS A 1 85  ? 8.169   1.948   0.506   1.00 56.06 ? 77   LYS A NZ  1 
ATOM   564  N N   . PHE A 1 86  ? 1.944   2.799   -0.199  1.00 30.08 ? 78   PHE A N   1 
ATOM   565  C CA  . PHE A 1 86  ? 1.809   3.681   0.952   1.00 28.79 ? 78   PHE A CA  1 
ATOM   566  C C   . PHE A 1 86  ? 2.704   3.108   2.057   1.00 28.48 ? 78   PHE A C   1 
ATOM   567  O O   . PHE A 1 86  ? 2.635   1.927   2.377   1.00 28.99 ? 78   PHE A O   1 
ATOM   568  C CB  . PHE A 1 86  ? 0.335   3.769   1.388   1.00 29.41 ? 78   PHE A CB  1 
ATOM   569  C CG  . PHE A 1 86  ? -0.624  4.095   0.276   1.00 33.08 ? 78   PHE A CG  1 
ATOM   570  C CD1 . PHE A 1 86  ? -1.116  5.390   0.102   1.00 30.09 ? 78   PHE A CD1 1 
ATOM   571  C CD2 . PHE A 1 86  ? -1.049  3.104   -0.605  1.00 31.72 ? 78   PHE A CD2 1 
ATOM   572  C CE1 . PHE A 1 86  ? -2.009  5.682   -0.920  1.00 31.87 ? 78   PHE A CE1 1 
ATOM   573  C CE2 . PHE A 1 86  ? -1.926  3.378   -1.620  1.00 31.54 ? 78   PHE A CE2 1 
ATOM   574  C CZ  . PHE A 1 86  ? -2.421  4.663   -1.791  1.00 30.53 ? 78   PHE A CZ  1 
ATOM   575  N N   . ALA A 1 87  ? 3.583   3.919   2.638   1.00 28.17 ? 79   ALA A N   1 
ATOM   576  C CA  . ALA A 1 87  ? 4.510   3.397   3.626   1.00 27.45 ? 79   ALA A CA  1 
ATOM   577  C C   . ALA A 1 87  ? 4.835   4.391   4.711   1.00 28.52 ? 79   ALA A C   1 
ATOM   578  O O   . ALA A 1 87  ? 4.619   5.605   4.584   1.00 28.45 ? 79   ALA A O   1 
ATOM   579  C CB  . ALA A 1 87  ? 5.804   2.889   2.958   1.00 27.48 ? 79   ALA A CB  1 
ATOM   580  N N   . SER A 1 88  ? 5.362   3.835   5.783   1.00 31.99 ? 80   SER A N   1 
ATOM   581  C CA  . SER A 1 88  ? 6.021   4.594   6.827   1.00 32.18 ? 80   SER A CA  1 
ATOM   582  C C   . SER A 1 88  ? 7.524   4.644   6.534   1.00 33.87 ? 80   SER A C   1 
ATOM   583  O O   . SER A 1 88  ? 8.056   3.797   5.809   1.00 35.24 ? 80   SER A O   1 
ATOM   584  C CB  . SER A 1 88  ? 5.768   3.935   8.161   1.00 30.51 ? 80   SER A CB  1 
ATOM   585  O OG  . SER A 1 88  ? 6.277   2.620   8.143   1.00 28.04 ? 80   SER A OG  1 
ATOM   586  N N   . LEU A 1 89  ? 8.181   5.671   7.066   1.00 34.16 ? 81   LEU A N   1 
ATOM   587  C CA  . LEU A 1 89  ? 9.619   5.881   6.919   1.00 36.95 ? 81   LEU A CA  1 
ATOM   588  C C   . LEU A 1 89  ? 10.303  5.713   8.283   1.00 37.74 ? 81   LEU A C   1 
ATOM   589  O O   . LEU A 1 89  ? 9.667   5.257   9.249   1.00 36.26 ? 81   LEU A O   1 
ATOM   590  C CB  . LEU A 1 89  ? 9.871   7.270   6.316   1.00 36.86 ? 81   LEU A CB  1 
ATOM   591  C CG  . LEU A 1 89  ? 9.404   7.443   4.871   1.00 43.98 ? 81   LEU A CG  1 
ATOM   592  C CD1 . LEU A 1 89  ? 9.394   8.913   4.463   1.00 46.68 ? 81   LEU A CD1 1 
ATOM   593  C CD2 . LEU A 1 89  ? 10.276  6.628   3.929   1.00 45.45 ? 81   LEU A CD2 1 
ATOM   594  N N   . ASP A 1 90  ? 11.595  6.050   8.363   1.00 40.93 ? 82   ASP A N   1 
ATOM   595  C CA  . ASP A 1 90  ? 12.346  5.982   9.629   1.00 40.91 ? 82   ASP A CA  1 
ATOM   596  C C   . ASP A 1 90  ? 11.498  6.472   10.817  1.00 40.14 ? 82   ASP A C   1 
ATOM   597  O O   . ASP A 1 90  ? 11.102  7.627   10.866  1.00 40.77 ? 82   ASP A O   1 
ATOM   598  C CB  . ASP A 1 90  ? 13.644  6.789   9.553   1.00 43.58 ? 82   ASP A CB  1 
ATOM   599  C CG  . ASP A 1 90  ? 14.526  6.577   10.770  1.00 43.30 ? 82   ASP A CG  1 
ATOM   600  O OD1 . ASP A 1 90  ? 14.986  5.433   10.982  1.00 53.53 ? 82   ASP A OD1 1 
ATOM   601  O OD2 . ASP A 1 90  ? 14.752  7.542   11.525  1.00 53.43 ? 82   ASP A OD2 1 
ATOM   602  N N   . PRO A 1 91  ? 11.194  5.578   11.763  1.00 38.42 ? 83   PRO A N   1 
ATOM   603  C CA  . PRO A 1 91  ? 10.154  5.860   12.752  1.00 40.23 ? 83   PRO A CA  1 
ATOM   604  C C   . PRO A 1 91  ? 10.549  6.789   13.901  1.00 42.80 ? 83   PRO A C   1 
ATOM   605  O O   . PRO A 1 91  ? 9.672   7.272   14.620  1.00 46.29 ? 83   PRO A O   1 
ATOM   606  C CB  . PRO A 1 91  ? 9.835   4.472   13.308  1.00 42.65 ? 83   PRO A CB  1 
ATOM   607  C CG  . PRO A 1 91  ? 11.114  3.747   13.202  1.00 41.52 ? 83   PRO A CG  1 
ATOM   608  C CD  . PRO A 1 91  ? 11.771  4.240   11.939  1.00 37.47 ? 83   PRO A CD  1 
ATOM   609  N N   . TRP A 1 92  ? 11.846  7.017   14.085  1.00 40.45 ? 84   TRP A N   1 
ATOM   610  C CA  . TRP A 1 92  ? 12.337  7.838   15.180  1.00 39.23 ? 84   TRP A CA  1 
ATOM   611  C C   . TRP A 1 92  ? 12.676  9.256   14.730  1.00 37.15 ? 84   TRP A C   1 
ATOM   612  O O   . TRP A 1 92  ? 12.907  10.128  15.557  1.00 38.49 ? 84   TRP A O   1 
ATOM   613  C CB  . TRP A 1 92  ? 13.538  7.138   15.839  1.00 42.84 ? 84   TRP A CB  1 
ATOM   614  C CG  . TRP A 1 92  ? 13.190  5.701   16.180  1.00 47.02 ? 84   TRP A CG  1 
ATOM   615  C CD1 . TRP A 1 92  ? 12.261  5.280   17.093  1.00 50.80 ? 84   TRP A CD1 1 
ATOM   616  C CD2 . TRP A 1 92  ? 13.712  4.512   15.567  1.00 49.19 ? 84   TRP A CD2 1 
ATOM   617  N NE1 . TRP A 1 92  ? 12.183  3.903   17.099  1.00 51.63 ? 84   TRP A NE1 1 
ATOM   618  C CE2 . TRP A 1 92  ? 13.064  3.408   16.173  1.00 49.93 ? 84   TRP A CE2 1 
ATOM   619  C CE3 . TRP A 1 92  ? 14.666  4.271   14.568  1.00 51.31 ? 84   TRP A CE3 1 
ATOM   620  C CZ2 . TRP A 1 92  ? 13.345  2.088   15.819  1.00 46.94 ? 84   TRP A CZ2 1 
ATOM   621  C CZ3 . TRP A 1 92  ? 14.941  2.953   14.212  1.00 50.07 ? 84   TRP A CZ3 1 
ATOM   622  C CH2 . TRP A 1 92  ? 14.281  1.881   14.836  1.00 49.39 ? 84   TRP A CH2 1 
ATOM   623  N N   . THR A 1 93  ? 12.688  9.495   13.425  1.00 35.64 ? 85   THR A N   1 
ATOM   624  C CA  . THR A 1 93  ? 12.991  10.826  12.892  1.00 34.48 ? 85   THR A CA  1 
ATOM   625  C C   . THR A 1 93  ? 11.869  11.437  12.030  1.00 29.61 ? 85   THR A C   1 
ATOM   626  O O   . THR A 1 93  ? 12.013  12.549  11.534  1.00 27.01 ? 85   THR A O   1 
ATOM   627  C CB  . THR A 1 93  ? 14.297  10.795  12.075  1.00 34.76 ? 85   THR A CB  1 
ATOM   628  O OG1 . THR A 1 93  ? 14.193  9.796   11.055  1.00 37.59 ? 85   THR A OG1 1 
ATOM   629  C CG2 . THR A 1 93  ? 15.494  10.490  12.969  1.00 36.06 ? 85   THR A CG2 1 
ATOM   630  N N   . THR A 1 94  ? 10.754  10.730  11.880  1.00 29.57 ? 86   THR A N   1 
ATOM   631  C CA  . THR A 1 94  ? 9.666   11.158  10.992  1.00 29.22 ? 86   THR A CA  1 
ATOM   632  C C   . THR A 1 94  ? 8.460   11.497  11.844  1.00 28.95 ? 86   THR A C   1 
ATOM   633  O O   . THR A 1 94  ? 8.163   10.804  12.810  1.00 29.38 ? 86   THR A O   1 
ATOM   634  C CB  . THR A 1 94  ? 9.291   10.053  9.969   1.00 29.50 ? 86   THR A CB  1 
ATOM   635  O OG1 . THR A 1 94  ? 10.458  9.666   9.248   1.00 30.34 ? 86   THR A OG1 1 
ATOM   636  C CG2 . THR A 1 94  ? 8.235   10.532  8.954   1.00 25.81 ? 86   THR A CG2 1 
ATOM   637  N N   . GLU A 1 95  ? 7.785   12.584  11.501  1.00 26.97 ? 87   GLU A N   1 
ATOM   638  C CA  . GLU A 1 95  ? 6.569   12.973  12.194  1.00 27.40 ? 87   GLU A CA  1 
ATOM   639  C C   . GLU A 1 95  ? 5.378   12.719  11.259  1.00 25.14 ? 87   GLU A C   1 
ATOM   640  O O   . GLU A 1 95  ? 5.497   12.930  10.048  1.00 24.93 ? 87   GLU A O   1 
ATOM   641  C CB  . GLU A 1 95  ? 6.649   14.440  12.622  1.00 26.27 ? 87   GLU A CB  1 
ATOM   642  C CG  . GLU A 1 95  ? 7.636   14.681  13.759  1.00 28.78 ? 87   GLU A CG  1 
ATOM   643  C CD  . GLU A 1 95  ? 7.081   14.339  15.137  1.00 26.85 ? 87   GLU A CD  1 
ATOM   644  O OE1 . GLU A 1 95  ? 5.847   14.293  15.284  1.00 31.42 ? 87   GLU A OE1 1 
ATOM   645  O OE2 . GLU A 1 95  ? 7.880   14.116  16.077  1.00 28.38 ? 87   GLU A OE2 1 
ATOM   646  N N   . PRO A 1 96  ? 4.250   12.212  11.802  1.00 25.84 ? 88   PRO A N   1 
ATOM   647  C CA  . PRO A 1 96  ? 4.037   11.841  13.202  1.00 29.04 ? 88   PRO A CA  1 
ATOM   648  C C   . PRO A 1 96  ? 4.634   10.479  13.517  1.00 26.82 ? 88   PRO A C   1 
ATOM   649  O O   . PRO A 1 96  ? 4.640   9.599   12.663  1.00 30.84 ? 88   PRO A O   1 
ATOM   650  C CB  . PRO A 1 96  ? 2.517   11.775  13.304  1.00 28.53 ? 88   PRO A CB  1 
ATOM   651  C CG  . PRO A 1 96  ? 2.092   11.318  12.018  1.00 27.27 ? 88   PRO A CG  1 
ATOM   652  C CD  . PRO A 1 96  ? 3.045   11.928  11.004  1.00 28.01 ? 88   PRO A CD  1 
ATOM   653  N N   . ILE A 1 97  ? 5.094   10.323  14.743  1.00 29.98 ? 89   ILE A N   1 
ATOM   654  C CA  . ILE A 1 97  ? 5.746   9.102   15.216  1.00 30.90 ? 89   ILE A CA  1 
ATOM   655  C C   . ILE A 1 97  ? 4.721   7.974   15.297  1.00 28.97 ? 89   ILE A C   1 
ATOM   656  O O   . ILE A 1 97  ? 3.656   8.156   15.883  1.00 27.79 ? 89   ILE A O   1 
ATOM   657  C CB  . ILE A 1 97  ? 6.381   9.308   16.642  1.00 30.24 ? 89   ILE A CB  1 
ATOM   658  C CG1 . ILE A 1 97  ? 7.387   10.479  16.647  1.00 36.65 ? 89   ILE A CG1 1 
ATOM   659  C CG2 . ILE A 1 97  ? 7.053   8.027   17.121  1.00 32.16 ? 89   ILE A CG2 1 
ATOM   660  C CD1 . ILE A 1 97  ? 7.664   11.109  18.046  1.00 30.15 ? 89   ILE A CD1 1 
ATOM   661  N N   . ASN A 1 98  ? 5.051   6.816   14.719  1.00 29.20 ? 90   ASN A N   1 
ATOM   662  C CA  . ASN A 1 98  ? 4.204   5.628   14.810  1.00 29.28 ? 90   ASN A CA  1 
ATOM   663  C C   . ASN A 1 98  ? 4.475   4.812   16.064  1.00 31.60 ? 90   ASN A C   1 
ATOM   664  O O   . ASN A 1 98  ? 5.071   3.728   16.014  1.00 34.67 ? 90   ASN A O   1 
ATOM   665  C CB  . ASN A 1 98  ? 4.376   4.740   13.571  1.00 32.29 ? 90   ASN A CB  1 
ATOM   666  C CG  . ASN A 1 98  ? 3.554   5.213   12.383  1.00 28.49 ? 90   ASN A CG  1 
ATOM   667  O OD1 . ASN A 1 98  ? 2.549   5.900   12.534  1.00 31.83 ? 90   ASN A OD1 1 
ATOM   668  N ND2 . ASN A 1 98  ? 3.972   4.818   11.199  1.00 30.28 ? 90   ASN A ND2 1 
ATOM   669  N N   . SER A 1 99  ? 4.024   5.350   17.186  1.00 30.14 ? 91   SER A N   1 
ATOM   670  C CA  . SER A 1 99  ? 4.089   4.680   18.451  1.00 30.12 ? 91   SER A CA  1 
ATOM   671  C C   . SER A 1 99  ? 2.675   4.479   18.972  1.00 31.22 ? 91   SER A C   1 
ATOM   672  O O   . SER A 1 99  ? 1.756   5.178   18.564  1.00 30.65 ? 91   SER A O   1 
ATOM   673  C CB  . SER A 1 99  ? 4.883   5.515   19.454  1.00 31.06 ? 91   SER A CB  1 
ATOM   674  O OG  . SER A 1 99  ? 4.325   6.808   19.578  1.00 29.73 ? 91   SER A OG  1 
ATOM   675  N N   . MET A 1 100 ? 2.518   3.542   19.905  1.00 30.03 ? 92   MET A N   1 
ATOM   676  C CA  . MET A 1 100 ? 1.207   3.198   20.432  1.00 31.58 ? 92   MET A CA  1 
ATOM   677  C C   . MET A 1 100 ? 1.391   2.403   21.724  1.00 30.61 ? 92   MET A C   1 
ATOM   678  O O   . MET A 1 100 ? 2.454   1.828   21.945  1.00 30.31 ? 92   MET A O   1 
ATOM   679  C CB  . MET A 1 100 ? 0.412   2.377   19.383  1.00 27.12 ? 92   MET A CB  1 
ATOM   680  C CG  . MET A 1 100 ? 0.993   0.970   19.147  1.00 31.04 ? 92   MET A CG  1 
ATOM   681  S SD  . MET A 1 100 ? 0.277   0.035   17.766  1.00 36.83 ? 92   MET A SD  1 
ATOM   682  C CE  . MET A 1 100 ? -1.451  0.198   18.110  1.00 44.52 ? 92   MET A CE  1 
ATOM   683  N N   . THR A 1 101 ? 0.364   2.366   22.569  1.00 32.60 ? 93   THR A N   1 
ATOM   684  C CA  . THR A 1 101 ? 0.403   1.573   23.805  1.00 33.27 ? 93   THR A CA  1 
ATOM   685  C C   . THR A 1 101 ? 0.325   0.090   23.483  1.00 32.38 ? 93   THR A C   1 
ATOM   686  O O   . THR A 1 101 ? -0.008  -0.283  22.365  1.00 31.76 ? 93   THR A O   1 
ATOM   687  C CB  . THR A 1 101 ? -0.771  1.928   24.756  1.00 35.66 ? 93   THR A CB  1 
ATOM   688  O OG1 . THR A 1 101 ? -2.017  1.607   24.123  1.00 39.02 ? 93   THR A OG1 1 
ATOM   689  C CG2 . THR A 1 101 ? -0.752  3.413   25.113  1.00 35.61 ? 93   THR A CG2 1 
ATOM   690  N N   . HIS A 1 102 ? 0.612   -0.763  24.459  1.00 31.44 ? 94   HIS A N   1 
ATOM   691  C CA  . HIS A 1 102 ? 0.537   -2.208  24.221  1.00 32.85 ? 94   HIS A CA  1 
ATOM   692  C C   . HIS A 1 102 ? -0.906  -2.678  23.996  1.00 34.11 ? 94   HIS A C   1 
ATOM   693  O O   . HIS A 1 102 ? -1.155  -3.559  23.168  1.00 31.57 ? 94   HIS A O   1 
ATOM   694  C CB  . HIS A 1 102 ? 1.180   -3.012  25.348  1.00 33.62 ? 94   HIS A CB  1 
ATOM   695  C CG  . HIS A 1 102 ? 1.182   -4.485  25.089  1.00 30.97 ? 94   HIS A CG  1 
ATOM   696  N ND1 . HIS A 1 102 ? 1.949   -5.058  24.096  1.00 32.30 ? 94   HIS A ND1 1 
ATOM   697  C CD2 . HIS A 1 102 ? 0.484   -5.494  25.659  1.00 29.10 ? 94   HIS A CD2 1 
ATOM   698  C CE1 . HIS A 1 102 ? 1.741   -6.360  24.083  1.00 28.74 ? 94   HIS A CE1 1 
ATOM   699  N NE2 . HIS A 1 102 ? 0.855   -6.653  25.019  1.00 30.01 ? 94   HIS A NE2 1 
ATOM   700  N N   . ASP A 1 103 ? -1.848  -2.083  24.725  1.00 34.92 ? 95   ASP A N   1 
ATOM   701  C CA  . ASP A 1 103 ? -3.274  -2.385  24.552  1.00 35.27 ? 95   ASP A CA  1 
ATOM   702  C C   . ASP A 1 103 ? -3.785  -2.004  23.174  1.00 34.82 ? 95   ASP A C   1 
ATOM   703  O O   . ASP A 1 103 ? -4.669  -2.654  22.622  1.00 36.87 ? 95   ASP A O   1 
ATOM   704  C CB  . ASP A 1 103 ? -4.105  -1.657  25.606  1.00 35.04 ? 95   ASP A CB  1 
ATOM   705  C CG  . ASP A 1 103 ? -3.827  -2.149  27.004  1.00 34.04 ? 95   ASP A CG  1 
ATOM   706  O OD1 . ASP A 1 103 ? -3.181  -3.209  27.162  1.00 32.00 ? 95   ASP A OD1 1 
ATOM   707  O OD2 . ASP A 1 103 ? -4.262  -1.470  27.953  1.00 35.65 ? 95   ASP A OD2 1 
ATOM   708  N N   . ASP A 1 104 ? -3.238  -0.931  22.623  1.00 32.97 ? 96   ASP A N   1 
ATOM   709  C CA  . ASP A 1 104 ? -3.574  -0.548  21.287  1.00 29.87 ? 96   ASP A CA  1 
ATOM   710  C C   . ASP A 1 104 ? -2.951  -1.509  20.282  1.00 28.38 ? 96   ASP A C   1 
ATOM   711  O O   . ASP A 1 104 ? -3.561  -1.772  19.252  1.00 25.97 ? 96   ASP A O   1 
ATOM   712  C CB  . ASP A 1 104 ? -3.187  0.909   21.019  1.00 30.51 ? 96   ASP A CB  1 
ATOM   713  C CG  . ASP A 1 104 ? -4.164  1.889   21.661  1.00 31.36 ? 96   ASP A CG  1 
ATOM   714  O OD1 . ASP A 1 104 ? -4.836  1.513   22.638  1.00 33.81 ? 96   ASP A OD1 1 
ATOM   715  O OD2 . ASP A 1 104 ? -4.281  3.021   21.171  1.00 41.12 ? 96   ASP A OD2 1 
ATOM   716  N N   . LEU A 1 105 ? -1.763  -2.047  20.578  1.00 26.37 ? 97   LEU A N   1 
ATOM   717  C CA  . LEU A 1 105 ? -1.149  -3.055  19.694  1.00 27.37 ? 97   LEU A CA  1 
ATOM   718  C C   . LEU A 1 105 ? -1.957  -4.352  19.687  1.00 26.77 ? 97   LEU A C   1 
ATOM   719  O O   . LEU A 1 105 ? -2.081  -5.005  18.652  1.00 28.36 ? 97   LEU A O   1 
ATOM   720  C CB  . LEU A 1 105 ? 0.302   -3.351  20.059  1.00 26.05 ? 97   LEU A CB  1 
ATOM   721  C CG  . LEU A 1 105 ? 0.912   -4.540  19.287  1.00 28.08 ? 97   LEU A CG  1 
ATOM   722  C CD1 . LEU A 1 105 ? 1.144   -4.149  17.830  1.00 26.09 ? 97   LEU A CD1 1 
ATOM   723  C CD2 . LEU A 1 105 ? 2.181   -5.049  19.926  1.00 31.32 ? 97   LEU A CD2 1 
ATOM   724  N N   . VAL A 1 106 ? -2.530  -4.704  20.829  1.00 27.08 ? 98   VAL A N   1 
ATOM   725  C CA  . VAL A 1 106 ? -3.358  -5.904  20.918  1.00 28.74 ? 98   VAL A CA  1 
ATOM   726  C C   . VAL A 1 106 ? -4.572  -5.743  20.015  1.00 29.01 ? 98   VAL A C   1 
ATOM   727  O O   . VAL A 1 106 ? -4.868  -6.641  19.224  1.00 25.39 ? 98   VAL A O   1 
ATOM   728  C CB  . VAL A 1 106 ? -3.765  -6.213  22.353  1.00 28.96 ? 98   VAL A CB  1 
ATOM   729  C CG1 . VAL A 1 106 ? -4.845  -7.299  22.387  1.00 32.11 ? 98   VAL A CG1 1 
ATOM   730  C CG2 . VAL A 1 106 ? -2.520  -6.630  23.157  1.00 25.07 ? 98   VAL A CG2 1 
ATOM   731  N N   . LYS A 1 107 ? -5.227  -4.581  20.102  1.00 30.81 ? 99   LYS A N   1 
ATOM   732  C CA  . LYS A 1 107 ? -6.340  -4.236  19.200  1.00 29.97 ? 99   LYS A CA  1 
ATOM   733  C C   . LYS A 1 107 ? -5.917  -4.185  17.733  1.00 28.52 ? 99   LYS A C   1 
ATOM   734  O O   . LYS A 1 107 ? -6.640  -4.661  16.854  1.00 30.62 ? 99   LYS A O   1 
ATOM   735  C CB  . LYS A 1 107 ? -7.008  -2.911  19.636  1.00 31.33 ? 99   LYS A CB  1 
ATOM   736  C CG  . LYS A 1 107 ? -8.204  -2.488  18.760  1.00 34.17 ? 99   LYS A CG  1 
ATOM   737  C CD  . LYS A 1 107 ? -8.941  -1.243  19.279  1.00 34.94 ? 99   LYS A CD  1 
ATOM   738  C CE  . LYS A 1 107 ? -10.175 -1.565  20.115  1.00 42.89 ? 99   LYS A CE  1 
ATOM   739  N NZ  . LYS A 1 107 ? -11.128 -0.410  20.101  1.00 41.47 ? 99   LYS A NZ  1 
ATOM   740  N N   . LEU A 1 108 ? -4.749  -3.625  17.437  1.00 26.46 ? 100  LEU A N   1 
ATOM   741  C CA  . LEU A 1 108 ? -4.258  -3.680  16.059  1.00 28.20 ? 100  LEU A CA  1 
ATOM   742  C C   . LEU A 1 108 ? -4.230  -5.139  15.594  1.00 27.69 ? 100  LEU A C   1 
ATOM   743  O O   . LEU A 1 108 ? -4.826  -5.502  14.565  1.00 27.85 ? 100  LEU A O   1 
ATOM   744  C CB  . LEU A 1 108 ? -2.872  -3.018  15.930  1.00 30.62 ? 100  LEU A CB  1 
ATOM   745  C CG  . LEU A 1 108 ? -2.216  -2.829  14.553  1.00 27.39 ? 100  LEU A CG  1 
ATOM   746  C CD1 . LEU A 1 108 ? -1.067  -1.860  14.664  1.00 31.54 ? 100  LEU A CD1 1 
ATOM   747  C CD2 . LEU A 1 108 ? -1.711  -4.135  13.965  1.00 32.74 ? 100  LEU A CD2 1 
ATOM   748  N N   . THR A 1 109 ? -3.545  -5.972  16.359  1.00 28.69 ? 101  THR A N   1 
ATOM   749  C CA  . THR A 1 109 ? -3.434  -7.387  16.046  1.00 29.88 ? 101  THR A CA  1 
ATOM   750  C C   . THR A 1 109 ? -4.779  -8.080  15.788  1.00 28.95 ? 101  THR A C   1 
ATOM   751  O O   . THR A 1 109 ? -4.886  -8.885  14.870  1.00 28.86 ? 101  THR A O   1 
ATOM   752  C CB  . THR A 1 109 ? -2.676  -8.122  17.153  1.00 32.66 ? 101  THR A CB  1 
ATOM   753  O OG1 . THR A 1 109 ? -1.294  -7.751  17.088  1.00 40.98 ? 101  THR A OG1 1 
ATOM   754  C CG2 . THR A 1 109 ? -2.802  -9.618  16.997  1.00 37.21 ? 101  THR A CG2 1 
ATOM   755  N N   . GLU A 1 110 ? -5.796  -7.744  16.570  1.00 28.48 ? 102  GLU A N   1 
ATOM   756  C CA  . GLU A 1 110 ? -7.095  -8.413  16.490  1.00 28.97 ? 102  GLU A CA  1 
ATOM   757  C C   . GLU A 1 110 ? -8.085  -7.787  15.540  1.00 25.92 ? 102  GLU A C   1 
ATOM   758  O O   . GLU A 1 110 ? -8.976  -8.479  15.043  1.00 28.74 ? 102  GLU A O   1 
ATOM   759  C CB  . GLU A 1 110 ? -7.759  -8.417  17.862  1.00 30.24 ? 102  GLU A CB  1 
ATOM   760  C CG  . GLU A 1 110 ? -7.143  -9.343  18.850  1.00 30.31 ? 102  GLU A CG  1 
ATOM   761  C CD  . GLU A 1 110 ? -7.954  -9.430  20.115  1.00 35.55 ? 102  GLU A CD  1 
ATOM   762  O OE1 . GLU A 1 110 ? -9.055  -8.825  20.194  1.00 40.45 ? 102  GLU A OE1 1 
ATOM   763  O OE2 . GLU A 1 110 ? -7.485  -10.115 21.040  1.00 39.97 ? 102  GLU A OE2 1 
ATOM   764  N N   . GLU A 1 111 ? -7.952  -6.482  15.311  1.00 27.24 ? 103  GLU A N   1 
ATOM   765  C CA  . GLU A 1 111 ? -9.003  -5.688  14.679  1.00 28.03 ? 103  GLU A CA  1 
ATOM   766  C C   . GLU A 1 111 ? -8.588  -4.762  13.532  1.00 28.37 ? 103  GLU A C   1 
ATOM   767  O O   . GLU A 1 111 ? -9.451  -4.195  12.863  1.00 30.25 ? 103  GLU A O   1 
ATOM   768  C CB  . GLU A 1 111 ? -9.676  -4.837  15.761  1.00 29.43 ? 103  GLU A CB  1 
ATOM   769  C CG  . GLU A 1 111 ? -10.435 -5.627  16.770  1.00 30.22 ? 103  GLU A CG  1 
ATOM   770  C CD  . GLU A 1 111 ? -11.225 -4.735  17.693  1.00 28.71 ? 103  GLU A CD  1 
ATOM   771  O OE1 . GLU A 1 111 ? -12.022 -3.918  17.185  1.00 32.49 ? 103  GLU A OE1 1 
ATOM   772  O OE2 . GLU A 1 111 ? -11.044 -4.844  18.915  1.00 36.00 ? 103  GLU A OE2 1 
ATOM   773  N N   . CYS A 1 112 ? -7.294  -4.585  13.284  1.00 26.55 ? 104  CYS A N   1 
ATOM   774  C CA  . CYS A 1 112 ? -6.862  -3.682  12.220  1.00 26.19 ? 104  CYS A CA  1 
ATOM   775  C C   . CYS A 1 112 ? -7.376  -4.143  10.848  1.00 28.27 ? 104  CYS A C   1 
ATOM   776  O O   . CYS A 1 112 ? -7.269  -5.313  10.465  1.00 27.69 ? 104  CYS A O   1 
ATOM   777  C CB  . CYS A 1 112 ? -5.330  -3.518  12.220  1.00 28.40 ? 104  CYS A CB  1 
ATOM   778  S SG  . CYS A 1 112 ? -4.571  -2.668  10.819  1.00 31.78 ? 104  CYS A SG  1 
ATOM   779  N N   . ILE A 1 113 ? -7.974  -3.207  10.123  1.00 27.32 ? 105  ILE A N   1 
ATOM   780  C CA  . ILE A 1 113 ? -8.472  -3.445  8.787   1.00 25.72 ? 105  ILE A CA  1 
ATOM   781  C C   . ILE A 1 113 ? -7.871  -2.362  7.911   1.00 25.16 ? 105  ILE A C   1 
ATOM   782  O O   . ILE A 1 113 ? -7.796  -1.191  8.310   1.00 30.56 ? 105  ILE A O   1 
ATOM   783  C CB  . ILE A 1 113 ? -10.029 -3.393  8.716   1.00 25.54 ? 105  ILE A CB  1 
ATOM   784  C CG1 . ILE A 1 113 ? -10.660 -4.550  9.521   1.00 31.92 ? 105  ILE A CG1 1 
ATOM   785  C CG2 . ILE A 1 113 ? -10.470 -3.405  7.279   1.00 28.93 ? 105  ILE A CG2 1 
ATOM   786  C CD1 . ILE A 1 113 ? -10.398 -5.972  8.971   1.00 33.37 ? 105  ILE A CD1 1 
ATOM   787  N N   . VAL A 1 114 ? -7.409  -2.772  6.740   1.00 26.92 ? 106  VAL A N   1 
ATOM   788  C CA  . VAL A 1 114 ? -6.844  -1.895  5.722   1.00 28.31 ? 106  VAL A CA  1 
ATOM   789  C C   . VAL A 1 114 ? -7.894  -1.804  4.647   1.00 27.66 ? 106  VAL A C   1 
ATOM   790  O O   . VAL A 1 114 ? -8.103  -2.774  3.912   1.00 27.21 ? 106  VAL A O   1 
ATOM   791  C CB  . VAL A 1 114 ? -5.511  -2.455  5.150   1.00 29.32 ? 106  VAL A CB  1 
ATOM   792  C CG1 . VAL A 1 114 ? -5.052  -1.623  3.965   1.00 26.69 ? 106  VAL A CG1 1 
ATOM   793  C CG2 . VAL A 1 114 ? -4.444  -2.500  6.222   1.00 26.56 ? 106  VAL A CG2 1 
ATOM   794  N N   . ASP A 1 115 ? -8.584  -0.657  4.614   1.00 31.59 ? 107  ASP A N   1 
ATOM   795  C CA  . ASP A 1 115 ? -9.801  -0.455  3.847   1.00 31.21 ? 107  ASP A CA  1 
ATOM   796  C C   . ASP A 1 115 ? -9.415  0.307   2.571   1.00 32.95 ? 107  ASP A C   1 
ATOM   797  O O   . ASP A 1 115 ? -9.066  1.494   2.619   1.00 31.98 ? 107  ASP A O   1 
ATOM   798  C CB  . ASP A 1 115 ? -10.834 0.302   4.708   1.00 31.82 ? 107  ASP A CB  1 
ATOM   799  C CG  . ASP A 1 115 ? -12.250 0.280   4.124   1.00 35.70 ? 107  ASP A CG  1 
ATOM   800  O OD1 . ASP A 1 115 ? -12.506 -0.439  3.139   1.00 52.14 ? 107  ASP A OD1 1 
ATOM   801  O OD2 . ASP A 1 115 ? -13.128 0.987   4.666   1.00 43.21 ? 107  ASP A OD2 1 
ATOM   802  N N   . ILE A 1 116 ? -9.449  -0.395  1.436   1.00 30.15 ? 108  ILE A N   1 
ATOM   803  C CA  . ILE A 1 116 ? -8.971  0.159   0.177   1.00 32.44 ? 108  ILE A CA  1 
ATOM   804  C C   . ILE A 1 116 ? -10.128 0.455   -0.752  1.00 30.04 ? 108  ILE A C   1 
ATOM   805  O O   . ILE A 1 116 ? -11.023 -0.362  -0.913  1.00 33.04 ? 108  ILE A O   1 
ATOM   806  C CB  . ILE A 1 116 ? -7.998  -0.808  -0.493  1.00 33.67 ? 108  ILE A CB  1 
ATOM   807  C CG1 . ILE A 1 116 ? -6.819  -1.086  0.450   1.00 33.59 ? 108  ILE A CG1 1 
ATOM   808  C CG2 . ILE A 1 116 ? -7.558  -0.262  -1.855  1.00 33.87 ? 108  ILE A CG2 1 
ATOM   809  C CD1 . ILE A 1 116 ? -5.961  -2.225  0.032   1.00 32.87 ? 108  ILE A CD1 1 
ATOM   810  N N   . TYR A 1 117 ? -10.106 1.634   -1.357  1.00 34.19 ? 109  TYR A N   1 
ATOM   811  C CA  . TYR A 1 117 ? -11.207 2.108   -2.182  1.00 32.91 ? 109  TYR A CA  1 
ATOM   812  C C   . TYR A 1 117 ? -10.672 2.717   -3.494  1.00 30.69 ? 109  TYR A C   1 
ATOM   813  O O   . TYR A 1 117 ? -9.782  3.576   -3.501  1.00 28.09 ? 109  TYR A O   1 
ATOM   814  C CB  . TYR A 1 117 ? -12.082 3.084   -1.367  1.00 36.84 ? 109  TYR A CB  1 
ATOM   815  C CG  . TYR A 1 117 ? -13.018 3.914   -2.193  1.00 43.17 ? 109  TYR A CG  1 
ATOM   816  C CD1 . TYR A 1 117 ? -14.122 3.343   -2.817  1.00 51.02 ? 109  TYR A CD1 1 
ATOM   817  C CD2 . TYR A 1 117 ? -12.794 5.280   -2.376  1.00 52.13 ? 109  TYR A CD2 1 
ATOM   818  C CE1 . TYR A 1 117 ? -14.983 4.103   -3.595  1.00 45.03 ? 109  TYR A CE1 1 
ATOM   819  C CE2 . TYR A 1 117 ? -13.642 6.045   -3.151  1.00 45.34 ? 109  TYR A CE2 1 
ATOM   820  C CZ  . TYR A 1 117 ? -14.744 5.454   -3.757  1.00 47.75 ? 109  TYR A CZ  1 
ATOM   821  O OH  . TYR A 1 117 ? -15.596 6.214   -4.530  1.00 46.44 ? 109  TYR A OH  1 
ATOM   822  N N   . LEU A 1 118 ? -11.170 2.205   -4.613  1.00 29.19 ? 110  LEU A N   1 
ATOM   823  C CA  . LEU A 1 118 ? -10.729 2.652   -5.920  1.00 30.64 ? 110  LEU A CA  1 
ATOM   824  C C   . LEU A 1 118 ? -11.825 3.470   -6.583  1.00 28.80 ? 110  LEU A C   1 
ATOM   825  O O   . LEU A 1 118 ? -12.985 3.096   -6.525  1.00 30.25 ? 110  LEU A O   1 
ATOM   826  C CB  . LEU A 1 118 ? -10.370 1.447   -6.797  1.00 30.90 ? 110  LEU A CB  1 
ATOM   827  C CG  . LEU A 1 118 ? -9.444  0.368   -6.241  1.00 29.32 ? 110  LEU A CG  1 
ATOM   828  C CD1 . LEU A 1 118 ? -9.111  -0.619  -7.360  1.00 34.37 ? 110  LEU A CD1 1 
ATOM   829  C CD2 . LEU A 1 118 ? -8.152  0.918   -5.616  1.00 31.60 ? 110  LEU A CD2 1 
ATOM   830  N N   . LYS A 1 119 ? -11.450 4.598   -7.185  1.00 28.55 ? 111  LYS A N   1 
ATOM   831  C CA  . LYS A 1 119 ? -12.379 5.465   -7.877  1.00 30.95 ? 111  LYS A CA  1 
ATOM   832  C C   . LYS A 1 119 ? -11.782 5.838   -9.236  1.00 31.42 ? 111  LYS A C   1 
ATOM   833  O O   . LYS A 1 119 ? -10.679 6.390   -9.318  1.00 27.81 ? 111  LYS A O   1 
ATOM   834  C CB  . LYS A 1 119 ? -12.693 6.719   -7.043  1.00 30.91 ? 111  LYS A CB  1 
ATOM   835  C CG  . LYS A 1 119 ? -13.636 7.727   -7.707  1.00 35.84 ? 111  LYS A CG  1 
ATOM   836  C CD  . LYS A 1 119 ? -15.016 7.141   -8.031  1.00 44.47 ? 111  LYS A CD  1 
ATOM   837  C CE  . LYS A 1 119 ? -15.981 8.195   -8.608  1.00 43.43 ? 111  LYS A CE  1 
ATOM   838  N NZ  . LYS A 1 119 ? -16.310 9.258   -7.611  1.00 51.04 ? 111  LYS A NZ  1 
ATOM   839  N N   . CYS A 1 120 ? -12.526 5.523   -10.296 1.00 32.10 ? 112  CYS A N   1 
ATOM   840  C CA  . CYS A 1 120 ? -12.113 5.847   -11.658 1.00 31.31 ? 112  CYS A CA  1 
ATOM   841  C C   . CYS A 1 120 ? -12.255 7.342   -11.931 1.00 29.72 ? 112  CYS A C   1 
ATOM   842  O O   . CYS A 1 120 ? -13.283 7.942   -11.620 1.00 29.28 ? 112  CYS A O   1 
ATOM   843  C CB  . CYS A 1 120 ? -12.912 5.021   -12.682 1.00 34.26 ? 112  CYS A CB  1 
ATOM   844  S SG  . CYS A 1 120 ? -12.583 3.241   -12.524 1.00 35.17 ? 112  CYS A SG  1 
ATOM   845  N N   . GLU A 1 121 ? -11.201 7.917   -12.502 1.00 29.92 ? 113  GLU A N   1 
ATOM   846  C CA  . GLU A 1 121 ? -11.124 9.337   -12.801 1.00 33.07 ? 113  GLU A CA  1 
ATOM   847  C C   . GLU A 1 121 ? -10.339 9.536   -14.104 1.00 32.26 ? 113  GLU A C   1 
ATOM   848  O O   . GLU A 1 121 ? -9.485  10.411  -14.237 1.00 34.20 ? 113  GLU A O   1 
ATOM   849  C CB  . GLU A 1 121 ? -10.487 10.098  -11.627 1.00 34.17 ? 113  GLU A CB  1 
ATOM   850  C CG  . GLU A 1 121 ? -9.107  9.645   -11.256 1.00 36.87 ? 113  GLU A CG  1 
ATOM   851  C CD  . GLU A 1 121 ? -8.468  10.441  -10.115 1.00 36.02 ? 113  GLU A CD  1 
ATOM   852  O OE1 . GLU A 1 121 ? -9.180  11.015  -9.253  1.00 35.07 ? 113  GLU A OE1 1 
ATOM   853  O OE2 . GLU A 1 121 ? -7.219  10.467  -10.084 1.00 35.96 ? 113  GLU A OE2 1 
ATOM   854  N N   . VAL A 1 122 ? -10.648 8.708   -15.076 1.00 33.98 ? 114  VAL A N   1 
ATOM   855  C CA  . VAL A 1 122 ? -10.030 8.844   -16.381 1.00 36.14 ? 114  VAL A CA  1 
ATOM   856  C C   . VAL A 1 122 ? -10.431 10.199  -17.006 1.00 33.96 ? 114  VAL A C   1 
ATOM   857  O O   . VAL A 1 122 ? -11.604 10.598  -17.046 1.00 34.31 ? 114  VAL A O   1 
ATOM   858  C CB  . VAL A 1 122 ? -10.327 7.621   -17.272 1.00 36.23 ? 114  VAL A CB  1 
ATOM   859  C CG1 . VAL A 1 122 ? -9.726  7.801   -18.661 1.00 41.37 ? 114  VAL A CG1 1 
ATOM   860  C CG2 . VAL A 1 122 ? -9.783  6.359   -16.585 1.00 41.01 ? 114  VAL A CG2 1 
ATOM   861  N N   . ASP A 1 123 ? -9.404  10.907  -17.453 1.00 33.23 ? 115  ASP A N   1 
ATOM   862  C CA  . ASP A 1 123 ? -9.500  12.297  -17.825 1.00 32.55 ? 115  ASP A CA  1 
ATOM   863  C C   . ASP A 1 123 ? -9.159  12.371  -19.296 1.00 31.33 ? 115  ASP A C   1 
ATOM   864  O O   . ASP A 1 123 ? -8.015  12.147  -19.684 1.00 30.73 ? 115  ASP A O   1 
ATOM   865  C CB  . ASP A 1 123 ? -8.497  13.087  -16.984 1.00 32.53 ? 115  ASP A CB  1 
ATOM   866  C CG  . ASP A 1 123 ? -8.501  14.560  -17.274 1.00 32.36 ? 115  ASP A CG  1 
ATOM   867  O OD1 . ASP A 1 123 ? -7.668  15.228  -16.629 1.00 27.14 ? 115  ASP A OD1 1 
ATOM   868  O OD2 . ASP A 1 123 ? -9.293  15.060  -18.128 1.00 29.54 ? 115  ASP A OD2 1 
ATOM   869  N N   . LYS A 1 124 ? -10.161 12.676  -20.113 1.00 33.43 ? 116  LYS A N   1 
ATOM   870  C CA  . LYS A 1 124 ? -9.993  12.691  -21.564 1.00 31.14 ? 116  LYS A CA  1 
ATOM   871  C C   . LYS A 1 124 ? -9.239  13.936  -22.048 1.00 30.17 ? 116  LYS A C   1 
ATOM   872  O O   . LYS A 1 124 ? -8.908  14.040  -23.225 1.00 28.38 ? 116  LYS A O   1 
ATOM   873  C CB  . LYS A 1 124 ? -11.359 12.596  -22.247 1.00 35.82 ? 116  LYS A CB  1 
ATOM   874  C CG  . LYS A 1 124 ? -12.120 11.292  -21.969 1.00 38.83 ? 116  LYS A CG  1 
ATOM   875  C CD  . LYS A 1 124 ? -11.887 10.263  -23.066 1.00 47.77 ? 116  LYS A CD  1 
ATOM   876  C CE  . LYS A 1 124 ? -13.067 9.306   -23.227 1.00 47.88 ? 116  LYS A CE  1 
ATOM   877  N NZ  . LYS A 1 124 ? -13.013 8.224   -22.205 1.00 49.58 ? 116  LYS A NZ  1 
ATOM   878  N N   . THR A 1 125 ? -8.966  14.887  -21.154 1.00 27.28 ? 117  THR A N   1 
ATOM   879  C CA  . THR A 1 125 ? -8.165  16.044  -21.521 1.00 27.14 ? 117  THR A CA  1 
ATOM   880  C C   . THR A 1 125 ? -6.665  15.759  -21.452 1.00 22.85 ? 117  THR A C   1 
ATOM   881  O O   . THR A 1 125 ? -5.864  16.645  -21.752 1.00 23.33 ? 117  THR A O   1 
ATOM   882  C CB  . THR A 1 125 ? -8.508  17.299  -20.682 1.00 26.78 ? 117  THR A CB  1 
ATOM   883  O OG1 . THR A 1 125 ? -8.117  17.103  -19.329 1.00 27.39 ? 117  THR A OG1 1 
ATOM   884  C CG2 . THR A 1 125 ? -10.006 17.632  -20.774 1.00 30.72 ? 117  THR A CG2 1 
ATOM   885  N N   . LYS A 1 126 ? -6.292  14.534  -21.076 1.00 25.66 ? 118  LYS A N   1 
ATOM   886  C CA  . LYS A 1 126 ? -4.894  14.097  -21.114 1.00 26.70 ? 118  LYS A CA  1 
ATOM   887  C C   . LYS A 1 126 ? -4.687  13.009  -22.149 1.00 24.23 ? 118  LYS A C   1 
ATOM   888  O O   . LYS A 1 126 ? -5.465  12.080  -22.232 1.00 27.03 ? 118  LYS A O   1 
ATOM   889  C CB  . LYS A 1 126 ? -4.426  13.583  -19.750 1.00 29.75 ? 118  LYS A CB  1 
ATOM   890  C CG  . LYS A 1 126 ? -3.948  14.684  -18.821 1.00 32.09 ? 118  LYS A CG  1 
ATOM   891  C CD  . LYS A 1 126 ? -5.074  15.196  -17.968 1.00 33.74 ? 118  LYS A CD  1 
ATOM   892  C CE  . LYS A 1 126 ? -4.723  16.507  -17.300 1.00 30.50 ? 118  LYS A CE  1 
ATOM   893  N NZ  . LYS A 1 126 ? -5.921  17.359  -17.186 1.00 30.31 ? 118  LYS A NZ  1 
ATOM   894  N N   . ASP A 1 127 ? -3.617  13.122  -22.915 1.00 22.64 ? 119  ASP A N   1 
ATOM   895  C CA  . ASP A 1 127 ? -3.292  12.132  -23.920 1.00 25.32 ? 119  ASP A CA  1 
ATOM   896  C C   . ASP A 1 127 ? -2.761  10.842  -23.285 1.00 25.15 ? 119  ASP A C   1 
ATOM   897  O O   . ASP A 1 127 ? -2.399  10.822  -22.111 1.00 25.01 ? 119  ASP A O   1 
ATOM   898  C CB  . ASP A 1 127 ? -2.263  12.711  -24.883 1.00 25.27 ? 119  ASP A CB  1 
ATOM   899  C CG  . ASP A 1 127 ? -2.442  12.218  -26.301 1.00 28.50 ? 119  ASP A CG  1 
ATOM   900  O OD1 . ASP A 1 127 ? -3.084  11.155  -26.528 1.00 28.46 ? 119  ASP A OD1 1 
ATOM   901  O OD2 . ASP A 1 127 ? -1.914  12.902  -27.185 1.00 26.00 ? 119  ASP A OD2 1 
ATOM   902  N N   . PHE A 1 128 ? -2.717  9.770   -24.073 1.00 26.41 ? 120  PHE A N   1 
ATOM   903  C CA  . PHE A 1 128 ? -2.192  8.485   -23.621 1.00 28.31 ? 120  PHE A CA  1 
ATOM   904  C C   . PHE A 1 128 ? -0.683  8.555   -23.351 1.00 29.54 ? 120  PHE A C   1 
ATOM   905  O O   . PHE A 1 128 ? 0.040   9.250   -24.053 1.00 26.45 ? 120  PHE A O   1 
ATOM   906  C CB  . PHE A 1 128 ? -2.493  7.389   -24.652 1.00 29.45 ? 120  PHE A CB  1 
ATOM   907  C CG  . PHE A 1 128 ? -3.964  7.134   -24.848 1.00 27.77 ? 120  PHE A CG  1 
ATOM   908  C CD1 . PHE A 1 128 ? -4.666  6.340   -23.963 1.00 25.52 ? 120  PHE A CD1 1 
ATOM   909  C CD2 . PHE A 1 128 ? -4.646  7.703   -25.917 1.00 34.11 ? 120  PHE A CD2 1 
ATOM   910  C CE1 . PHE A 1 128 ? -6.032  6.109   -24.147 1.00 27.48 ? 120  PHE A CE1 1 
ATOM   911  C CE2 . PHE A 1 128 ? -6.019  7.482   -26.102 1.00 28.65 ? 120  PHE A CE2 1 
ATOM   912  C CZ  . PHE A 1 128 ? -6.703  6.689   -25.218 1.00 26.38 ? 120  PHE A CZ  1 
ATOM   913  N N   . MET A 1 129 ? -0.226  7.851   -22.311 1.00 33.69 ? 121  MET A N   1 
ATOM   914  C CA  . MET A 1 129 ? 1.207   7.720   -22.024 1.00 38.07 ? 121  MET A CA  1 
ATOM   915  C C   . MET A 1 129 ? 1.960   7.215   -23.254 1.00 41.24 ? 121  MET A C   1 
ATOM   916  O O   . MET A 1 129 ? 1.514   6.271   -23.917 1.00 39.31 ? 121  MET A O   1 
ATOM   917  C CB  . MET A 1 129 ? 1.454   6.734   -20.877 1.00 38.94 ? 121  MET A CB  1 
ATOM   918  C CG  . MET A 1 129 ? 1.286   7.291   -19.475 1.00 38.69 ? 121  MET A CG  1 
ATOM   919  S SD  . MET A 1 129 ? 1.903   6.148   -18.188 1.00 40.24 ? 121  MET A SD  1 
ATOM   920  C CE  . MET A 1 129 ? 3.666   6.214   -18.477 1.00 38.65 ? 121  MET A CE  1 
ATOM   921  N N   . LYS A 1 130 ? 3.095   7.847   -23.556 1.00 45.61 ? 122  LYS A N   1 
ATOM   922  C CA  . LYS A 1 130 ? 3.982   7.363   -24.615 1.00 48.98 ? 122  LYS A CA  1 
ATOM   923  C C   . LYS A 1 130 ? 4.557   6.024   -24.188 1.00 51.55 ? 122  LYS A C   1 
ATOM   924  O O   . LYS A 1 130 ? 4.870   5.827   -23.008 1.00 51.43 ? 122  LYS A O   1 
ATOM   925  C CB  . LYS A 1 130 ? 5.115   8.355   -24.905 1.00 49.82 ? 122  LYS A CB  1 
ATOM   926  C CG  . LYS A 1 130 ? 4.831   9.275   -26.077 1.00 52.21 ? 122  LYS A CG  1 
ATOM   927  C CD  . LYS A 1 130 ? 5.977   10.254  -26.330 1.00 53.18 ? 122  LYS A CD  1 
ATOM   928  C CE  . LYS A 1 130 ? 5.968   11.408  -25.329 1.00 56.60 ? 122  LYS A CE  1 
ATOM   929  N NZ  . LYS A 1 130 ? 6.861   12.520  -25.756 1.00 53.65 ? 122  LYS A NZ  1 
ATOM   930  N N   . THR A 1 131 ? 4.676   5.104   -25.142 1.00 54.20 ? 123  THR A N   1 
ATOM   931  C CA  . THR A 1 131 ? 5.215   3.769   -24.866 1.00 55.83 ? 123  THR A CA  1 
ATOM   932  C C   . THR A 1 131 ? 6.224   3.353   -25.945 1.00 57.28 ? 123  THR A C   1 
ATOM   933  O O   . THR A 1 131 ? 5.847   3.017   -27.073 1.00 58.80 ? 123  THR A O   1 
ATOM   934  C CB  . THR A 1 131 ? 4.099   2.701   -24.755 1.00 56.40 ? 123  THR A CB  1 
ATOM   935  O OG1 . THR A 1 131 ? 3.226   2.788   -25.889 1.00 56.40 ? 123  THR A OG1 1 
ATOM   936  C CG2 . THR A 1 131 ? 3.292   2.876   -23.457 1.00 59.65 ? 123  THR A CG2 1 
ATOM   937  N N   . ASN A 1 132 ? 7.506   3.400   -25.586 1.00 57.26 ? 124  ASN A N   1 
ATOM   938  C CA  . ASN A 1 132 ? 8.585   2.896   -26.433 1.00 56.07 ? 124  ASN A CA  1 
ATOM   939  C C   . ASN A 1 132 ? 8.700   1.379   -26.249 1.00 55.43 ? 124  ASN A C   1 
ATOM   940  O O   . ASN A 1 132 ? 7.892   0.629   -26.799 1.00 56.08 ? 124  ASN A O   1 
ATOM   941  C CB  . ASN A 1 132 ? 9.900   3.614   -26.099 1.00 56.34 ? 124  ASN A CB  1 
ATOM   942  C CG  . ASN A 1 132 ? 9.833   5.110   -26.357 1.00 58.00 ? 124  ASN A CG  1 
ATOM   943  O OD1 . ASN A 1 132 ? 8.768   5.723   -26.245 1.00 61.59 ? 124  ASN A OD1 1 
ATOM   944  N ND2 . ASN A 1 132 ? 10.977  5.709   -26.692 1.00 55.87 ? 124  ASN A ND2 1 
ATOM   945  N N   . GLY A 1 133 ? 9.698   0.930   -25.488 1.00 55.04 ? 125  GLY A N   1 
ATOM   946  C CA  . GLY A 1 133 ? 9.764   -0.451  -25.016 1.00 55.31 ? 125  GLY A CA  1 
ATOM   947  C C   . GLY A 1 133 ? 9.274   -0.480  -23.580 1.00 55.49 ? 125  GLY A C   1 
ATOM   948  O O   . GLY A 1 133 ? 9.407   0.521   -22.863 1.00 56.87 ? 125  GLY A O   1 
ATOM   949  N N   . ASN A 1 134 ? 8.702   -1.612  -23.162 1.00 54.32 ? 126  ASN A N   1 
ATOM   950  C CA  . ASN A 1 134 ? 8.138   -1.747  -21.810 1.00 52.75 ? 126  ASN A CA  1 
ATOM   951  C C   . ASN A 1 134 ? 9.188   -1.371  -20.772 1.00 51.03 ? 126  ASN A C   1 
ATOM   952  O O   . ASN A 1 134 ? 10.310  -1.887  -20.807 1.00 50.81 ? 126  ASN A O   1 
ATOM   953  C CB  . ASN A 1 134 ? 7.638   -3.177  -21.551 1.00 52.87 ? 126  ASN A CB  1 
ATOM   954  C CG  . ASN A 1 134 ? 6.762   -3.280  -20.312 1.00 54.54 ? 126  ASN A CG  1 
ATOM   955  O OD1 . ASN A 1 134 ? 6.703   -2.359  -19.501 1.00 58.45 ? 126  ASN A OD1 1 
ATOM   956  N ND2 . ASN A 1 134 ? 6.080   -4.410  -20.159 1.00 57.98 ? 126  ASN A ND2 1 
ATOM   957  N N   . ARG A 1 135 ? 8.838   -0.452  -19.875 1.00 48.10 ? 127  ARG A N   1 
ATOM   958  C CA  . ARG A 1 135 ? 9.788   -0.013  -18.855 1.00 46.13 ? 127  ARG A CA  1 
ATOM   959  C C   . ARG A 1 135 ? 9.863   -0.991  -17.684 1.00 41.93 ? 127  ARG A C   1 
ATOM   960  O O   . ARG A 1 135 ? 10.822  -0.938  -16.909 1.00 43.40 ? 127  ARG A O   1 
ATOM   961  C CB  . ARG A 1 135 ? 9.530   1.431   -18.384 1.00 48.21 ? 127  ARG A CB  1 
ATOM   962  C CG  . ARG A 1 135 ? 8.141   1.771   -17.810 1.00 50.72 ? 127  ARG A CG  1 
ATOM   963  C CD  . ARG A 1 135 ? 8.215   3.174   -17.185 1.00 52.12 ? 127  ARG A CD  1 
ATOM   964  N NE  . ARG A 1 135 ? 6.931   3.834   -16.933 1.00 56.66 ? 127  ARG A NE  1 
ATOM   965  C CZ  . ARG A 1 135 ? 6.781   4.916   -16.157 1.00 56.13 ? 127  ARG A CZ  1 
ATOM   966  N NH1 . ARG A 1 135 ? 5.578   5.458   -15.987 1.00 54.00 ? 127  ARG A NH1 1 
ATOM   967  N NH2 . ARG A 1 135 ? 7.827   5.464   -15.535 1.00 54.85 ? 127  ARG A NH2 1 
ATOM   968  N N   . LEU A 1 136 ? 8.868   -1.882  -17.571 1.00 35.56 ? 128  LEU A N   1 
ATOM   969  C CA  . LEU A 1 136 ? 8.892   -2.963  -16.570 1.00 31.55 ? 128  LEU A CA  1 
ATOM   970  C C   . LEU A 1 136 ? 9.189   -4.291  -17.223 1.00 29.42 ? 128  LEU A C   1 
ATOM   971  O O   . LEU A 1 136 ? 8.945   -4.475  -18.412 1.00 30.31 ? 128  LEU A O   1 
ATOM   972  C CB  . LEU A 1 136 ? 7.560   -3.076  -15.838 1.00 29.60 ? 128  LEU A CB  1 
ATOM   973  C CG  . LEU A 1 136 ? 7.245   -1.919  -14.919 1.00 26.88 ? 128  LEU A CG  1 
ATOM   974  C CD1 . LEU A 1 136 ? 5.950   -2.187  -14.166 1.00 28.28 ? 128  LEU A CD1 1 
ATOM   975  C CD2 . LEU A 1 136 ? 8.391   -1.704  -13.966 1.00 21.94 ? 128  LEU A CD2 1 
ATOM   976  N N   . LYS A 1 137 ? 9.724   -5.214  -16.427 1.00 24.53 ? 129  LYS A N   1 
ATOM   977  C CA  . LYS A 1 137 ? 10.030  -6.545  -16.897 1.00 22.38 ? 129  LYS A CA  1 
ATOM   978  C C   . LYS A 1 137 ? 9.745   -7.558  -15.798 1.00 21.05 ? 129  LYS A C   1 
ATOM   979  O O   . LYS A 1 137 ? 9.695   -7.196  -14.637 1.00 21.73 ? 129  LYS A O   1 
ATOM   980  C CB  . LYS A 1 137 ? 11.494  -6.593  -17.370 1.00 21.67 ? 129  LYS A CB  1 
ATOM   981  C CG  . LYS A 1 137 ? 12.512  -6.117  -16.342 1.00 20.59 ? 129  LYS A CG  1 
ATOM   982  C CD  . LYS A 1 137 ? 13.881  -5.861  -16.981 1.00 23.00 ? 129  LYS A CD  1 
ATOM   983  C CE  . LYS A 1 137 ? 14.923  -5.551  -15.909 1.00 26.29 ? 129  LYS A CE  1 
ATOM   984  N NZ  . LYS A 1 137 ? 14.811  -4.188  -15.305 1.00 31.18 ? 129  LYS A NZ  1 
ATOM   985  N N   . PRO A 1 138 ? 9.571   -8.840  -16.153 1.00 19.79 ? 130  PRO A N   1 
ATOM   986  C CA  . PRO A 1 138 ? 9.137   -9.820  -15.144 1.00 17.55 ? 130  PRO A CA  1 
ATOM   987  C C   . PRO A 1 138 ? 9.996   -9.881  -13.865 1.00 13.18 ? 130  PRO A C   1 
ATOM   988  O O   . PRO A 1 138 ? 9.493   -10.086 -12.780 1.00 11.36 ? 130  PRO A O   1 
ATOM   989  C CB  . PRO A 1 138 ? 9.228   -11.145 -15.905 1.00 16.25 ? 130  PRO A CB  1 
ATOM   990  C CG  . PRO A 1 138 ? 9.104   -10.787 -17.316 1.00 24.53 ? 130  PRO A CG  1 
ATOM   991  C CD  . PRO A 1 138 ? 9.787   -9.473  -17.464 1.00 21.84 ? 130  PRO A CD  1 
ATOM   992  N N   . ARG A 1 139 ? 11.316  -9.748  -14.000 1.00 5.96  ? 131  ARG A N   1 
ATOM   993  C CA  . ARG A 1 139 ? 12.212  -9.793  -12.834 1.00 2.00  ? 131  ARG A CA  1 
ATOM   994  C C   . ARG A 1 139 ? 12.233  -8.528  -11.978 1.00 15.15 ? 131  ARG A C   1 
ATOM   995  O O   . ARG A 1 139 ? 13.036  -8.447  -11.025 1.00 12.59 ? 131  ARG A O   1 
ATOM   996  C CB  . ARG A 1 139 ? 13.663  -10.175 -13.294 1.00 2.00  ? 131  ARG A CB  1 
ATOM   997  C CG  . ARG A 1 139 ? 13.755  -11.596 -13.599 1.00 2.00  ? 131  ARG A CG  1 
ATOM   998  C CD  . ARG A 1 139 ? 15.257  -11.893 -13.910 1.00 2.00  ? 131  ARG A CD  1 
ATOM   999  N NE  . ARG A 1 139 ? 15.472  -13.093 -14.741 1.00 11.30 ? 131  ARG A NE  1 
ATOM   1000 C CZ  . ARG A 1 139 ? 15.910  -13.093 -15.997 1.00 2.00  ? 131  ARG A CZ  1 
ATOM   1001 N NH1 . ARG A 1 139 ? 16.142  -11.952 -16.639 1.00 2.00  ? 131  ARG A NH1 1 
ATOM   1002 N NH2 . ARG A 1 139 ? 16.047  -14.230 -16.654 1.00 9.91  ? 131  ARG A NH2 1 
ATOM   1003 N N   . ASP A 1 140 ? 11.280  -7.616  -12.240 1.00 18.10 ? 132  ASP A N   1 
ATOM   1004 C CA  . ASP A 1 140 ? 10.982  -6.481  -11.377 1.00 17.13 ? 132  ASP A CA  1 
ATOM   1005 C C   . ASP A 1 140 ? 9.940   -6.852  -10.327 1.00 21.64 ? 132  ASP A C   1 
ATOM   1006 O O   . ASP A 1 140 ? 9.811   -6.153  -9.338  1.00 23.34 ? 132  ASP A O   1 
ATOM   1007 C CB  . ASP A 1 140 ? 10.449  -5.277  -12.165 1.00 17.75 ? 132  ASP A CB  1 
ATOM   1008 C CG  . ASP A 1 140 ? 11.485  -4.594  -13.003 1.00 17.16 ? 132  ASP A CG  1 
ATOM   1009 O OD1 . ASP A 1 140 ? 12.676  -4.587  -12.626 1.00 23.63 ? 132  ASP A OD1 1 
ATOM   1010 O OD2 . ASP A 1 140 ? 11.091  -4.050  -14.078 1.00 21.63 ? 132  ASP A OD2 1 
ATOM   1011 N N   . PHE A 1 141 ? 9.227   -7.963  -10.514 1.00 21.74 ? 133  PHE A N   1 
ATOM   1012 C CA  . PHE A 1 141 ? 8.279   -8.437  -9.537  1.00 26.41 ? 133  PHE A CA  1 
ATOM   1013 C C   . PHE A 1 141 ? 8.881   -9.596  -8.725  1.00 27.36 ? 133  PHE A C   1 
ATOM   1014 O O   . PHE A 1 141 ? 9.559   -10.479 -9.253  1.00 26.46 ? 133  PHE A O   1 
ATOM   1015 C CB  . PHE A 1 141 ? 6.958   -8.839  -10.234 1.00 27.29 ? 133  PHE A CB  1 
ATOM   1016 C CG  . PHE A 1 141 ? 6.323   -7.742  -11.049 1.00 22.61 ? 133  PHE A CG  1 
ATOM   1017 C CD1 . PHE A 1 141 ? 5.150   -7.128  -10.603 1.00 31.92 ? 133  PHE A CD1 1 
ATOM   1018 C CD2 . PHE A 1 141 ? 6.845   -7.331  -12.258 1.00 23.17 ? 133  PHE A CD2 1 
ATOM   1019 C CE1 . PHE A 1 141 ? 4.556   -6.135  -11.355 1.00 28.29 ? 133  PHE A CE1 1 
ATOM   1020 C CE2 . PHE A 1 141 ? 6.258   -6.330  -13.003 1.00 26.30 ? 133  PHE A CE2 1 
ATOM   1021 C CZ  . PHE A 1 141 ? 5.101   -5.736  -12.551 1.00 24.82 ? 133  PHE A CZ  1 
ATOM   1022 N N   . LYS A 1 142 ? 8.622   -9.570  -7.419  1.00 28.97 ? 134  LYS A N   1 
ATOM   1023 C CA  . LYS A 1 142 ? 9.199   -10.502 -6.465  1.00 33.25 ? 134  LYS A CA  1 
ATOM   1024 C C   . LYS A 1 142 ? 8.050   -11.173 -5.723  1.00 32.18 ? 134  LYS A C   1 
ATOM   1025 O O   . LYS A 1 142 ? 7.023   -10.562 -5.484  1.00 26.75 ? 134  LYS A O   1 
ATOM   1026 C CB  . LYS A 1 142 ? 10.086  -9.739  -5.468  1.00 35.73 ? 134  LYS A CB  1 
ATOM   1027 C CG  . LYS A 1 142 ? 9.269   -8.785  -4.558  1.00 44.29 ? 134  LYS A CG  1 
ATOM   1028 C CD  . LYS A 1 142 ? 10.098  -7.937  -3.606  1.00 44.05 ? 134  LYS A CD  1 
ATOM   1029 C CE  . LYS A 1 142 ? 9.234   -6.814  -3.028  1.00 49.33 ? 134  LYS A CE  1 
ATOM   1030 N NZ  . LYS A 1 142 ? 9.810   -6.237  -1.772  1.00 53.65 ? 134  LYS A NZ  1 
ATOM   1031 N N   . THR A 1 143 ? 8.220   -12.436 -5.371  1.00 34.42 ? 135  THR A N   1 
ATOM   1032 C CA  . THR A 1 143 ? 7.216   -13.141 -4.574  1.00 33.52 ? 135  THR A CA  1 
ATOM   1033 C C   . THR A 1 143 ? 7.219   -12.575 -3.153  1.00 32.09 ? 135  THR A C   1 
ATOM   1034 O O   . THR A 1 143 ? 8.245   -12.130 -2.688  1.00 30.97 ? 135  THR A O   1 
ATOM   1035 C CB  . THR A 1 143 ? 7.513   -14.661 -4.555  1.00 36.24 ? 135  THR A CB  1 
ATOM   1036 O OG1 . THR A 1 143 ? 7.651   -15.139 -5.905  1.00 35.33 ? 135  THR A OG1 1 
ATOM   1037 C CG2 . THR A 1 143 ? 6.392   -15.435 -3.846  1.00 37.87 ? 135  THR A CG2 1 
ATOM   1038 N N   . VAL A 1 144 ? 6.057   -12.542 -2.502  1.00 29.72 ? 136  VAL A N   1 
ATOM   1039 C CA  . VAL A 1 144 ? 5.940   -12.135 -1.088  1.00 31.27 ? 136  VAL A CA  1 
ATOM   1040 C C   . VAL A 1 144 ? 5.328   -13.301 -0.310  1.00 30.19 ? 136  VAL A C   1 
ATOM   1041 O O   . VAL A 1 144 ? 4.706   -14.175 -0.909  1.00 29.52 ? 136  VAL A O   1 
ATOM   1042 C CB  . VAL A 1 144 ? 5.081   -10.858 -0.894  1.00 26.77 ? 136  VAL A CB  1 
ATOM   1043 C CG1 . VAL A 1 144 ? 5.848   -9.623  -1.385  1.00 32.62 ? 136  VAL A CG1 1 
ATOM   1044 C CG2 . VAL A 1 144 ? 3.707   -10.954 -1.571  1.00 30.72 ? 136  VAL A CG2 1 
ATOM   1045 N N   . PRO A 1 145 ? 5.545   -13.359 1.006   1.00 32.63 ? 137  PRO A N   1 
ATOM   1046 C CA  . PRO A 1 145 ? 4.959   -14.487 1.716   1.00 30.73 ? 137  PRO A CA  1 
ATOM   1047 C C   . PRO A 1 145 ? 3.441   -14.388 1.729   1.00 29.12 ? 137  PRO A C   1 
ATOM   1048 O O   . PRO A 1 145 ? 2.907   -13.308 1.505   1.00 28.23 ? 137  PRO A O   1 
ATOM   1049 C CB  . PRO A 1 145 ? 5.496   -14.339 3.142   1.00 31.06 ? 137  PRO A CB  1 
ATOM   1050 C CG  . PRO A 1 145 ? 6.623   -13.411 3.048   1.00 34.36 ? 137  PRO A CG  1 
ATOM   1051 C CD  . PRO A 1 145 ? 6.325   -12.499 1.907   1.00 33.26 ? 137  PRO A CD  1 
ATOM   1052 N N   . PRO A 1 146 ? 2.762   -15.506 2.015   1.00 31.67 ? 138  PRO A N   1 
ATOM   1053 C CA  . PRO A 1 146 ? 1.310   -15.529 2.036   1.00 31.61 ? 138  PRO A CA  1 
ATOM   1054 C C   . PRO A 1 146 ? 0.718   -14.772 3.214   1.00 28.55 ? 138  PRO A C   1 
ATOM   1055 O O   . PRO A 1 146 ? 1.417   -14.440 4.168   1.00 31.15 ? 138  PRO A O   1 
ATOM   1056 C CB  . PRO A 1 146 ? 0.991   -17.031 2.109   1.00 30.76 ? 138  PRO A CB  1 
ATOM   1057 C CG  . PRO A 1 146 ? 2.145   -17.625 2.780   1.00 35.63 ? 138  PRO A CG  1 
ATOM   1058 C CD  . PRO A 1 146 ? 3.333   -16.829 2.336   1.00 34.73 ? 138  PRO A CD  1 
ATOM   1059 N N   . SER A 1 147 ? -0.570  -14.482 3.136   1.00 28.41 ? 139  SER A N   1 
ATOM   1060 C CA  . SER A 1 147 ? -1.290  -13.888 4.232   1.00 26.97 ? 139  SER A CA  1 
ATOM   1061 C C   . SER A 1 147 ? -1.136  -14.727 5.489   1.00 26.75 ? 139  SER A C   1 
ATOM   1062 O O   . SER A 1 147 ? -1.142  -15.961 5.440   1.00 27.60 ? 139  SER A O   1 
ATOM   1063 C CB  . SER A 1 147 ? -2.759  -13.802 3.887   1.00 28.12 ? 139  SER A CB  1 
ATOM   1064 O OG  . SER A 1 147 ? -3.549  -13.393 4.979   1.00 29.81 ? 139  SER A OG  1 
ATOM   1065 N N   . ASN A 1 148 ? -0.985  -14.058 6.618   1.00 28.91 ? 140  ASN A N   1 
ATOM   1066 C CA  . ASN A 1 148 ? -1.081  -14.739 7.917   1.00 27.53 ? 140  ASN A CA  1 
ATOM   1067 C C   . ASN A 1 148 ? -2.191  -14.154 8.773   1.00 26.59 ? 140  ASN A C   1 
ATOM   1068 O O   . ASN A 1 148 ? -2.365  -14.554 9.922   1.00 26.57 ? 140  ASN A O   1 
ATOM   1069 C CB  . ASN A 1 148 ? 0.270   -14.791 8.665   1.00 27.83 ? 140  ASN A CB  1 
ATOM   1070 C CG  . ASN A 1 148 ? 0.836   -13.414 8.994   1.00 23.97 ? 140  ASN A CG  1 
ATOM   1071 O OD1 . ASN A 1 148 ? 0.169   -12.409 8.873   1.00 26.12 ? 140  ASN A OD1 1 
ATOM   1072 N ND2 . ASN A 1 148 ? 2.078   -13.391 9.434   1.00 31.38 ? 140  ASN A ND2 1 
ATOM   1073 N N   . VAL A 1 149 ? -2.941  -13.223 8.198   1.00 26.01 ? 141  VAL A N   1 
ATOM   1074 C CA  . VAL A 1 149 ? -4.088  -12.601 8.841   1.00 28.17 ? 141  VAL A CA  1 
ATOM   1075 C C   . VAL A 1 149 ? -5.161  -12.515 7.749   1.00 30.51 ? 141  VAL A C   1 
ATOM   1076 O O   . VAL A 1 149 ? -5.097  -11.655 6.858   1.00 30.33 ? 141  VAL A O   1 
ATOM   1077 C CB  . VAL A 1 149 ? -3.782  -11.167 9.380   1.00 26.68 ? 141  VAL A CB  1 
ATOM   1078 C CG1 . VAL A 1 149 ? -4.974  -10.640 10.129  1.00 33.16 ? 141  VAL A CG1 1 
ATOM   1079 C CG2 . VAL A 1 149 ? -2.555  -11.137 10.286  1.00 26.30 ? 141  VAL A CG2 1 
ATOM   1080 N N   . GLY A 1 150 ? -6.139  -13.413 7.828   1.00 32.61 ? 142  GLY A N   1 
ATOM   1081 C CA  . GLY A 1 150 ? -7.242  -13.437 6.882   1.00 32.10 ? 142  GLY A CA  1 
ATOM   1082 C C   . GLY A 1 150 ? -8.170  -12.246 7.041   1.00 33.42 ? 142  GLY A C   1 
ATOM   1083 O O   . GLY A 1 150 ? -8.510  -11.844 8.159   1.00 33.09 ? 142  GLY A O   1 
ATOM   1084 N N   . SER A 1 151 ? -8.589  -11.701 5.903   1.00 31.38 ? 143  SER A N   1 
ATOM   1085 C CA  . SER A 1 151 ? -9.569  -10.620 5.850   1.00 32.40 ? 143  SER A CA  1 
ATOM   1086 C C   . SER A 1 151 ? -9.120  -9.347  6.566   1.00 32.08 ? 143  SER A C   1 
ATOM   1087 O O   . SER A 1 151 ? -9.933  -8.620  7.124   1.00 29.49 ? 143  SER A O   1 
ATOM   1088 C CB  . SER A 1 151 ? -10.912 -11.094 6.394   1.00 33.26 ? 143  SER A CB  1 
ATOM   1089 O OG  . SER A 1 151 ? -11.286 -12.323 5.794   1.00 40.12 ? 143  SER A OG  1 
ATOM   1090 N N   . MET A 1 152 ? -7.824  -9.072  6.529   1.00 30.77 ? 144  MET A N   1 
ATOM   1091 C CA  . MET A 1 152 ? -7.314  -7.797  7.010   1.00 32.77 ? 144  MET A CA  1 
ATOM   1092 C C   . MET A 1 152 ? -7.564  -6.730  5.934   1.00 29.69 ? 144  MET A C   1 
ATOM   1093 O O   . MET A 1 152 ? -7.922  -5.601  6.251   1.00 30.30 ? 144  MET A O   1 
ATOM   1094 C CB  . MET A 1 152 ? -5.833  -7.910  7.393   1.00 27.83 ? 144  MET A CB  1 
ATOM   1095 C CG  . MET A 1 152 ? -5.232  -6.602  7.848   1.00 33.19 ? 144  MET A CG  1 
ATOM   1096 S SD  . MET A 1 152 ? -3.648  -6.758  8.700   1.00 43.80 ? 144  MET A SD  1 
ATOM   1097 C CE  . MET A 1 152 ? -2.740  -7.624  7.457   1.00 34.94 ? 144  MET A CE  1 
ATOM   1098 N N   . ILE A 1 153 ? -7.385  -7.099  4.662   1.00 31.28 ? 145  ILE A N   1 
ATOM   1099 C CA  . ILE A 1 153 ? -7.704  -6.223  3.518   1.00 31.27 ? 145  ILE A CA  1 
ATOM   1100 C C   . ILE A 1 153 ? -9.176  -6.316  3.109   1.00 33.55 ? 145  ILE A C   1 
ATOM   1101 O O   . ILE A 1 153 ? -9.696  -7.414  2.881   1.00 35.03 ? 145  ILE A O   1 
ATOM   1102 C CB  . ILE A 1 153 ? -6.873  -6.585  2.290   1.00 28.83 ? 145  ILE A CB  1 
ATOM   1103 C CG1 . ILE A 1 153 ? -5.393  -6.321  2.561   1.00 31.40 ? 145  ILE A CG1 1 
ATOM   1104 C CG2 . ILE A 1 153 ? -7.344  -5.790  1.051   1.00 29.08 ? 145  ILE A CG2 1 
ATOM   1105 C CD1 . ILE A 1 153 ? -4.460  -6.985  1.568   1.00 27.28 ? 145  ILE A CD1 1 
ATOM   1106 N N   . GLU A 1 154 ? -9.830  -5.156  3.041   1.00 34.09 ? 146  GLU A N   1 
ATOM   1107 C CA  . GLU A 1 154 ? -11.151 -4.989  2.445   1.00 35.31 ? 146  GLU A CA  1 
ATOM   1108 C C   . GLU A 1 154 ? -10.956 -4.062  1.246   1.00 33.48 ? 146  GLU A C   1 
ATOM   1109 O O   . GLU A 1 154 ? -10.294 -3.036  1.362   1.00 33.98 ? 146  GLU A O   1 
ATOM   1110 C CB  . GLU A 1 154 ? -12.158 -4.395  3.451   1.00 34.39 ? 146  GLU A CB  1 
ATOM   1111 C CG  . GLU A 1 154 ? -12.464 -5.307  4.648   1.00 37.29 ? 146  GLU A CG  1 
ATOM   1112 C CD  . GLU A 1 154 ? -13.449 -4.702  5.662   1.00 42.58 ? 146  GLU A CD  1 
ATOM   1113 O OE1 . GLU A 1 154 ? -13.939 -3.559  5.455   1.00 46.96 ? 146  GLU A OE1 1 
ATOM   1114 O OE2 . GLU A 1 154 ? -13.746 -5.390  6.674   1.00 49.27 ? 146  GLU A OE2 1 
ATOM   1115 N N   . LEU A 1 155 ? -11.501 -4.447  0.094   1.00 34.96 ? 147  LEU A N   1 
ATOM   1116 C CA  . LEU A 1 155 ? -11.332 -3.703  -1.162  1.00 35.60 ? 147  LEU A CA  1 
ATOM   1117 C C   . LEU A 1 155 ? -12.669 -3.394  -1.839  1.00 32.62 ? 147  LEU A C   1 
ATOM   1118 O O   . LEU A 1 155 ? -13.466 -4.291  -2.024  1.00 29.81 ? 147  LEU A O   1 
ATOM   1119 C CB  . LEU A 1 155 ? -10.485 -4.513  -2.143  1.00 35.53 ? 147  LEU A CB  1 
ATOM   1120 C CG  . LEU A 1 155 ? -10.197 -3.894  -3.531  1.00 40.87 ? 147  LEU A CG  1 
ATOM   1121 C CD1 . LEU A 1 155 ? -9.076  -2.901  -3.445  1.00 38.50 ? 147  LEU A CD1 1 
ATOM   1122 C CD2 . LEU A 1 155 ? -9.855  -4.951  -4.562  1.00 38.45 ? 147  LEU A CD2 1 
ATOM   1123 N N   . GLN A 1 156 ? -12.869 -2.127  -2.218  1.00 34.31 ? 148  GLN A N   1 
ATOM   1124 C CA  . GLN A 1 156 ? -13.913 -1.683  -3.152  1.00 34.10 ? 148  GLN A CA  1 
ATOM   1125 C C   . GLN A 1 156 ? -13.246 -1.251  -4.470  1.00 33.65 ? 148  GLN A C   1 
ATOM   1126 O O   . GLN A 1 156 ? -12.399 -0.346  -4.501  1.00 27.64 ? 148  GLN A O   1 
ATOM   1127 C CB  . GLN A 1 156 ? -14.686 -0.506  -2.559  1.00 36.53 ? 148  GLN A CB  1 
ATOM   1128 C CG  . GLN A 1 156 ? -15.729 0.145   -3.487  1.00 39.79 ? 148  GLN A CG  1 
ATOM   1129 C CD  . GLN A 1 156 ? -17.061 -0.564  -3.483  1.00 47.39 ? 148  GLN A CD  1 
ATOM   1130 O OE1 . GLN A 1 156 ? -17.131 -1.794  -3.493  1.00 51.67 ? 148  GLN A OE1 1 
ATOM   1131 N NE2 . GLN A 1 156 ? -18.136 0.212   -3.481  1.00 52.94 ? 148  GLN A NE2 1 
ATOM   1132 N N   . SER A 1 157 ? -13.627 -1.903  -5.563  1.00 32.94 ? 149  SER A N   1 
ATOM   1133 C CA  . SER A 1 157 ? -13.110 -1.547  -6.877  1.00 32.70 ? 149  SER A CA  1 
ATOM   1134 C C   . SER A 1 157 ? -14.066 -0.597  -7.588  1.00 31.91 ? 149  SER A C   1 
ATOM   1135 O O   . SER A 1 157 ? -15.045 -0.121  -7.004  1.00 30.31 ? 149  SER A O   1 
ATOM   1136 C CB  . SER A 1 157 ? -12.887 -2.802  -7.710  1.00 34.78 ? 149  SER A CB  1 
ATOM   1137 O OG  . SER A 1 157 ? -11.995 -2.533  -8.769  1.00 34.71 ? 149  SER A OG  1 
ATOM   1138 N N   . ASP A 1 158 ? -13.790 -0.314  -8.856  1.00 29.53 ? 150  ASP A N   1 
ATOM   1139 C CA  . ASP A 1 158 ? -14.692 0.499   -9.640  1.00 32.42 ? 150  ASP A CA  1 
ATOM   1140 C C   . ASP A 1 158 ? -14.667 -0.026  -11.098 1.00 32.17 ? 150  ASP A C   1 
ATOM   1141 O O   . ASP A 1 158 ? -13.791 -0.835  -11.450 1.00 31.00 ? 150  ASP A O   1 
ATOM   1142 C CB  . ASP A 1 158 ? -14.282 1.970   -9.489  1.00 31.04 ? 150  ASP A CB  1 
ATOM   1143 C CG  . ASP A 1 158 ? -15.366 2.950   -9.921  1.00 30.03 ? 150  ASP A CG  1 
ATOM   1144 O OD1 . ASP A 1 158 ? -16.505 2.547   -10.261 1.00 35.19 ? 150  ASP A OD1 1 
ATOM   1145 O OD2 . ASP A 1 158 ? -15.068 4.156   -9.923  1.00 30.73 ? 150  ASP A OD2 1 
ATOM   1146 N N   . TYR A 1 159 ? -15.629 0.417   -11.909 1.00 34.05 ? 151  TYR A N   1 
ATOM   1147 C CA  . TYR A 1 159 ? -15.934 -0.169  -13.241 1.00 33.71 ? 151  TYR A CA  1 
ATOM   1148 C C   . TYR A 1 159 ? -14.760 -0.256  -14.236 1.00 34.14 ? 151  TYR A C   1 
ATOM   1149 O O   . TYR A 1 159 ? -14.691 -1.207  -15.019 1.00 31.07 ? 151  TYR A O   1 
ATOM   1150 C CB  . TYR A 1 159 ? -17.126 0.559   -13.906 1.00 38.02 ? 151  TYR A CB  1 
ATOM   1151 C CG  . TYR A 1 159 ? -16.814 1.980   -14.320 1.00 39.34 ? 151  TYR A CG  1 
ATOM   1152 C CD1 . TYR A 1 159 ? -16.320 2.269   -15.586 1.00 39.99 ? 151  TYR A CD1 1 
ATOM   1153 C CD2 . TYR A 1 159 ? -16.980 3.030   -13.428 1.00 42.30 ? 151  TYR A CD2 1 
ATOM   1154 C CE1 . TYR A 1 159 ? -16.020 3.569   -15.951 1.00 44.84 ? 151  TYR A CE1 1 
ATOM   1155 C CE2 . TYR A 1 159 ? -16.673 4.322   -13.779 1.00 39.94 ? 151  TYR A CE2 1 
ATOM   1156 C CZ  . TYR A 1 159 ? -16.195 4.590   -15.033 1.00 43.83 ? 151  TYR A CZ  1 
ATOM   1157 O OH  . TYR A 1 159 ? -15.911 5.894   -15.366 1.00 49.70 ? 151  TYR A OH  1 
ATOM   1158 N N   . CYS A 1 160 ? -13.841 0.711   -14.204 1.00 33.59 ? 152  CYS A N   1 
ATOM   1159 C CA  . CYS A 1 160 ? -12.756 0.783   -15.198 1.00 32.45 ? 152  CYS A CA  1 
ATOM   1160 C C   . CYS A 1 160 ? -11.567 -0.099  -14.840 1.00 32.06 ? 152  CYS A C   1 
ATOM   1161 O O   . CYS A 1 160 ? -10.583 -0.150  -15.575 1.00 31.81 ? 152  CYS A O   1 
ATOM   1162 C CB  . CYS A 1 160 ? -12.281 2.224   -15.365 1.00 32.52 ? 152  CYS A CB  1 
ATOM   1163 S SG  . CYS A 1 160 ? -11.229 2.840   -13.998 1.00 39.00 ? 152  CYS A SG  1 
ATOM   1164 N N   . VAL A 1 161 ? -11.650 -0.759  -13.691 1.00 32.69 ? 153  VAL A N   1 
ATOM   1165 C CA  . VAL A 1 161 ? -10.585 -1.589  -13.194 1.00 33.24 ? 153  VAL A CA  1 
ATOM   1166 C C   . VAL A 1 161 ? -10.853 -3.038  -13.603 1.00 33.03 ? 153  VAL A C   1 
ATOM   1167 O O   . VAL A 1 161 ? -11.883 -3.595  -13.266 1.00 31.54 ? 153  VAL A O   1 
ATOM   1168 C CB  . VAL A 1 161 ? -10.454 -1.459  -11.653 1.00 36.47 ? 153  VAL A CB  1 
ATOM   1169 C CG1 . VAL A 1 161 ? -9.414  -2.426  -11.115 1.00 27.16 ? 153  VAL A CG1 1 
ATOM   1170 C CG2 . VAL A 1 161 ? -10.079 -0.026  -11.276 1.00 35.88 ? 153  VAL A CG2 1 
ATOM   1171 N N   . ASN A 1 162 ? -9.917  -3.627  -14.343 1.00 34.45 ? 154  ASN A N   1 
ATOM   1172 C CA  . ASN A 1 162 ? -10.000 -5.037  -14.751 1.00 32.75 ? 154  ASN A CA  1 
ATOM   1173 C C   . ASN A 1 162 ? -9.551  -5.991  -13.646 1.00 32.75 ? 154  ASN A C   1 
ATOM   1174 O O   . ASN A 1 162 ? -10.153 -7.046  -13.458 1.00 31.34 ? 154  ASN A O   1 
ATOM   1175 C CB  . ASN A 1 162 ? -9.131  -5.295  -15.986 1.00 33.94 ? 154  ASN A CB  1 
ATOM   1176 C CG  . ASN A 1 162 ? -9.774  -4.832  -17.295 1.00 35.55 ? 154  ASN A CG  1 
ATOM   1177 O OD1 . ASN A 1 162 ? -10.926 -4.383  -17.339 1.00 32.40 ? 154  ASN A OD1 1 
ATOM   1178 N ND2 . ASN A 1 162 ? -9.015  -4.958  -18.378 1.00 29.01 ? 154  ASN A ND2 1 
ATOM   1179 N N   . ASP A 1 163 ? -8.481  -5.642  -12.928 1.00 29.26 ? 155  ASP A N   1 
ATOM   1180 C CA  . ASP A 1 163 ? -7.973  -6.489  -11.850 1.00 30.34 ? 155  ASP A CA  1 
ATOM   1181 C C   . ASP A 1 163 ? -7.308  -5.603  -10.837 1.00 29.23 ? 155  ASP A C   1 
ATOM   1182 O O   . ASP A 1 163 ? -6.763  -4.554  -11.197 1.00 30.24 ? 155  ASP A O   1 
ATOM   1183 C CB  . ASP A 1 163 ? -6.949  -7.527  -12.354 1.00 28.03 ? 155  ASP A CB  1 
ATOM   1184 C CG  . ASP A 1 163 ? -7.613  -8.783  -12.924 1.00 35.09 ? 155  ASP A CG  1 
ATOM   1185 O OD1 . ASP A 1 163 ? -8.392  -9.465  -12.197 1.00 34.56 ? 155  ASP A OD1 1 
ATOM   1186 O OD2 . ASP A 1 163 ? -7.341  -9.084  -14.103 1.00 35.49 ? 155  ASP A OD2 1 
ATOM   1187 N N   . VAL A 1 164 ? -7.420  -6.003  -9.576  1.00 32.27 ? 156  VAL A N   1 
ATOM   1188 C CA  . VAL A 1 164 ? -6.663  -5.379  -8.482  1.00 31.40 ? 156  VAL A CA  1 
ATOM   1189 C C   . VAL A 1 164 ? -5.872  -6.401  -7.676  1.00 31.93 ? 156  VAL A C   1 
ATOM   1190 O O   . VAL A 1 164 ? -6.336  -7.522  -7.450  1.00 31.48 ? 156  VAL A O   1 
ATOM   1191 C CB  . VAL A 1 164 ? -7.550  -4.687  -7.434  1.00 32.55 ? 156  VAL A CB  1 
ATOM   1192 C CG1 . VAL A 1 164 ? -6.662  -3.704  -6.572  1.00 30.39 ? 156  VAL A CG1 1 
ATOM   1193 C CG2 . VAL A 1 164 ? -8.697  -3.998  -8.026  1.00 33.94 ? 156  VAL A CG2 1 
ATOM   1194 N N   . THR A 1 165 ? -4.688  -5.990  -7.228  1.00 30.01 ? 157  THR A N   1 
ATOM   1195 C CA  . THR A 1 165 ? -3.887  -6.768  -6.301  1.00 29.54 ? 157  THR A CA  1 
ATOM   1196 C C   . THR A 1 165 ? -3.421  -5.843  -5.176  1.00 29.96 ? 157  THR A C   1 
ATOM   1197 O O   . THR A 1 165 ? -3.119  -4.672  -5.400  1.00 27.89 ? 157  THR A O   1 
ATOM   1198 C CB  . THR A 1 165 ? -2.656  -7.404  -6.994  1.00 28.88 ? 157  THR A CB  1 
ATOM   1199 O OG1 . THR A 1 165 ? -3.091  -8.329  -7.999  1.00 28.59 ? 157  THR A OG1 1 
ATOM   1200 C CG2 . THR A 1 165 ? -1.798  -8.145  -5.980  1.00 28.04 ? 157  THR A CG2 1 
ATOM   1201 N N   . THR A 1 166 ? -3.369  -6.383  -3.969  1.00 29.00 ? 158  THR A N   1 
ATOM   1202 C CA  . THR A 1 166 ? -3.081  -5.593  -2.781  1.00 29.93 ? 158  THR A CA  1 
ATOM   1203 C C   . THR A 1 166 ? -2.336  -6.469  -1.832  1.00 30.15 ? 158  THR A C   1 
ATOM   1204 O O   . THR A 1 166 ? -2.528  -7.697  -1.796  1.00 31.11 ? 158  THR A O   1 
ATOM   1205 C CB  . THR A 1 166 ? -4.391  -5.089  -2.106  1.00 31.11 ? 158  THR A CB  1 
ATOM   1206 O OG1 . THR A 1 166 ? -5.226  -6.210  -1.830  1.00 38.99 ? 158  THR A OG1 1 
ATOM   1207 C CG2 . THR A 1 166 ? -5.138  -4.108  -2.999  1.00 33.45 ? 158  THR A CG2 1 
ATOM   1208 N N   . TYR A 1 167 ? -1.453  -5.844  -1.073  1.00 28.60 ? 159  TYR A N   1 
ATOM   1209 C CA  . TYR A 1 167 ? -0.645  -6.535  -0.132  1.00 26.35 ? 159  TYR A CA  1 
ATOM   1210 C C   . TYR A 1 167 ? -0.346  -5.564  1.010   1.00 25.00 ? 159  TYR A C   1 
ATOM   1211 O O   . TYR A 1 167 ? -0.093  -4.365  0.761   1.00 26.50 ? 159  TYR A O   1 
ATOM   1212 C CB  . TYR A 1 167 ? 0.644   -7.010  -0.818  1.00 26.77 ? 159  TYR A CB  1 
ATOM   1213 C CG  . TYR A 1 167 ? 1.650   -7.681  0.093   1.00 30.80 ? 159  TYR A CG  1 
ATOM   1214 C CD1 . TYR A 1 167 ? 1.394   -8.910  0.685   1.00 34.73 ? 159  TYR A CD1 1 
ATOM   1215 C CD2 . TYR A 1 167 ? 2.869   -7.079  0.344   1.00 35.98 ? 159  TYR A CD2 1 
ATOM   1216 C CE1 . TYR A 1 167 ? 2.343   -9.513  1.530   1.00 34.86 ? 159  TYR A CE1 1 
ATOM   1217 C CE2 . TYR A 1 167 ? 3.790   -7.653  1.157   1.00 38.61 ? 159  TYR A CE2 1 
ATOM   1218 C CZ  . TYR A 1 167 ? 3.536   -8.862  1.747   1.00 36.44 ? 159  TYR A CZ  1 
ATOM   1219 O OH  . TYR A 1 167 ? 4.521   -9.382  2.550   1.00 41.28 ? 159  TYR A OH  1 
ATOM   1220 N N   . VAL A 1 168 ? -0.453  -6.067  2.235   1.00 26.03 ? 160  VAL A N   1 
ATOM   1221 C CA  . VAL A 1 168 ? -0.118  -5.302  3.443   1.00 27.63 ? 160  VAL A CA  1 
ATOM   1222 C C   . VAL A 1 168 ? 0.911   -6.031  4.254   1.00 27.57 ? 160  VAL A C   1 
ATOM   1223 O O   . VAL A 1 168 ? 0.814   -7.247  4.415   1.00 23.88 ? 160  VAL A O   1 
ATOM   1224 C CB  . VAL A 1 168 ? -1.357  -5.113  4.327   1.00 29.08 ? 160  VAL A CB  1 
ATOM   1225 C CG1 . VAL A 1 168 ? -0.994  -4.317  5.635   1.00 35.04 ? 160  VAL A CG1 1 
ATOM   1226 C CG2 . VAL A 1 168 ? -2.422  -4.406  3.568   1.00 33.64 ? 160  VAL A CG2 1 
ATOM   1227 N N   . LYS A 1 169 ? 1.891   -5.289  4.791   1.00 30.19 ? 161  LYS A N   1 
ATOM   1228 C CA  . LYS A 1 169 ? 2.877   -5.801  5.751   1.00 28.42 ? 161  LYS A CA  1 
ATOM   1229 C C   . LYS A 1 169 ? 2.950   -4.787  6.897   1.00 31.32 ? 161  LYS A C   1 
ATOM   1230 O O   . LYS A 1 169 ? 3.219   -3.611  6.645   1.00 28.14 ? 161  LYS A O   1 
ATOM   1231 C CB  . LYS A 1 169 ? 4.264   -5.908  5.102   1.00 32.27 ? 161  LYS A CB  1 
ATOM   1232 C CG  . LYS A 1 169 ? 5.300   -6.678  5.861   1.00 37.26 ? 161  LYS A CG  1 
ATOM   1233 C CD  . LYS A 1 169 ? 6.729   -6.376  5.323   1.00 37.55 ? 161  LYS A CD  1 
ATOM   1234 C CE  . LYS A 1 169 ? 7.801   -6.996  6.174   1.00 43.18 ? 161  LYS A CE  1 
ATOM   1235 N NZ  . LYS A 1 169 ? 9.215   -6.667  5.741   1.00 38.23 ? 161  LYS A NZ  1 
ATOM   1236 N N   . ILE A 1 170 ? 2.646   -5.238  8.114   1.00 29.72 ? 162  ILE A N   1 
ATOM   1237 C CA  . ILE A 1 170 ? 2.709   -4.418  9.352   1.00 27.35 ? 162  ILE A CA  1 
ATOM   1238 C C   . ILE A 1 170 ? 3.675   -5.111  10.272  1.00 30.25 ? 162  ILE A C   1 
ATOM   1239 O O   . ILE A 1 170 ? 3.482   -6.274  10.637  1.00 28.61 ? 162  ILE A O   1 
ATOM   1240 C CB  . ILE A 1 170 ? 1.324   -4.270  10.068  1.00 27.50 ? 162  ILE A CB  1 
ATOM   1241 C CG1 . ILE A 1 170 ? 0.353   -3.479  9.220   1.00 26.83 ? 162  ILE A CG1 1 
ATOM   1242 C CG2 . ILE A 1 170 ? 1.509   -3.598  11.472  1.00 28.19 ? 162  ILE A CG2 1 
ATOM   1243 C CD1 . ILE A 1 170 ? -1.114  -3.452  9.723   1.00 29.42 ? 162  ILE A CD1 1 
ATOM   1244 N N   . TYR A 1 171 ? 4.719   -4.387  10.657  1.00 28.88 ? 163  TYR A N   1 
ATOM   1245 C CA  . TYR A 1 171 ? 5.862   -4.979  11.266  1.00 27.48 ? 163  TYR A CA  1 
ATOM   1246 C C   . TYR A 1 171 ? 6.371   -4.164  12.455  1.00 31.07 ? 163  TYR A C   1 
ATOM   1247 O O   . TYR A 1 171 ? 6.029   -2.985  12.602  1.00 26.58 ? 163  TYR A O   1 
ATOM   1248 C CB  . TYR A 1 171 ? 6.946   -5.176  10.217  1.00 28.97 ? 163  TYR A CB  1 
ATOM   1249 C CG  . TYR A 1 171 ? 7.338   -3.928  9.488   1.00 30.64 ? 163  TYR A CG  1 
ATOM   1250 C CD1 . TYR A 1 171 ? 8.373   -3.115  9.965   1.00 30.34 ? 163  TYR A CD1 1 
ATOM   1251 C CD2 . TYR A 1 171 ? 6.680   -3.545  8.315   1.00 29.64 ? 163  TYR A CD2 1 
ATOM   1252 C CE1 . TYR A 1 171 ? 8.731   -1.970  9.289   1.00 31.22 ? 163  TYR A CE1 1 
ATOM   1253 C CE2 . TYR A 1 171 ? 7.043   -2.402  7.641   1.00 31.76 ? 163  TYR A CE2 1 
ATOM   1254 C CZ  . TYR A 1 171 ? 8.069   -1.625  8.135   1.00 31.89 ? 163  TYR A CZ  1 
ATOM   1255 O OH  . TYR A 1 171 ? 8.418   -0.483  7.473   1.00 41.54 ? 163  TYR A OH  1 
ATOM   1256 N N   . ASP A 1 172 ? 7.189   -4.825  13.279  1.00 28.58 ? 164  ASP A N   1 
ATOM   1257 C CA  . ASP A 1 172 ? 7.785   -4.251  14.463  1.00 29.25 ? 164  ASP A CA  1 
ATOM   1258 C C   . ASP A 1 172 ? 9.017   -3.460  14.049  1.00 32.07 ? 164  ASP A C   1 
ATOM   1259 O O   . ASP A 1 172 ? 9.849   -3.956  13.295  1.00 32.03 ? 164  ASP A O   1 
ATOM   1260 C CB  . ASP A 1 172 ? 8.211   -5.385  15.427  1.00 30.31 ? 164  ASP A CB  1 
ATOM   1261 C CG  . ASP A 1 172 ? 8.510   -4.902  16.840  1.00 27.50 ? 164  ASP A CG  1 
ATOM   1262 O OD1 . ASP A 1 172 ? 8.524   -3.679  17.078  1.00 25.33 ? 164  ASP A OD1 1 
ATOM   1263 O OD2 . ASP A 1 172 ? 8.735   -5.762  17.721  1.00 28.65 ? 164  ASP A OD2 1 
ATOM   1264 N N   . GLU A 1 173 ? 9.135   -2.234  14.549  1.00 33.52 ? 165  GLU A N   1 
ATOM   1265 C CA  . GLU A 1 173 ? 10.338  -1.423  14.335  1.00 33.64 ? 165  GLU A CA  1 
ATOM   1266 C C   . GLU A 1 173 ? 11.377  -1.675  15.417  1.00 33.55 ? 165  GLU A C   1 
ATOM   1267 O O   . GLU A 1 173 ? 12.537  -1.309  15.247  1.00 33.90 ? 165  GLU A O   1 
ATOM   1268 C CB  . GLU A 1 173 ? 9.987   0.069   14.287  1.00 32.33 ? 165  GLU A CB  1 
ATOM   1269 C CG  . GLU A 1 173 ? 9.211   0.484   13.059  1.00 34.84 ? 165  GLU A CG  1 
ATOM   1270 C CD  . GLU A 1 173 ? 10.063  0.604   11.803  1.00 31.64 ? 165  GLU A CD  1 
ATOM   1271 O OE1 . GLU A 1 173 ? 11.227  0.163   11.784  1.00 39.47 ? 165  GLU A OE1 1 
ATOM   1272 O OE2 . GLU A 1 173 ? 9.557   1.140   10.818  1.00 29.91 ? 165  GLU A OE2 1 
ATOM   1273 N N   . CYS A 1 174 ? 10.957  -2.306  16.514  1.00 34.09 ? 166  CYS A N   1 
ATOM   1274 C CA  . CYS A 1 174 ? 11.830  -2.587  17.666  1.00 38.33 ? 166  CYS A CA  1 
ATOM   1275 C C   . CYS A 1 174 ? 12.255  -4.049  17.744  1.00 40.63 ? 166  CYS A C   1 
ATOM   1276 O O   . CYS A 1 174 ? 12.708  -4.508  18.782  1.00 38.74 ? 166  CYS A O   1 
ATOM   1277 C CB  . CYS A 1 174 ? 11.091  -2.245  18.963  1.00 36.79 ? 166  CYS A CB  1 
ATOM   1278 S SG  . CYS A 1 174 ? 10.726  -0.503  19.183  1.00 37.73 ? 166  CYS A SG  1 
ATOM   1279 N N   . GLY A 1 175 ? 12.101  -4.784  16.648  1.00 47.25 ? 167  GLY A N   1 
ATOM   1280 C CA  . GLY A 1 175 ? 12.286  -6.229  16.680  1.00 49.29 ? 167  GLY A CA  1 
ATOM   1281 C C   . GLY A 1 175 ? 13.712  -6.681  16.911  1.00 52.37 ? 167  GLY A C   1 
ATOM   1282 O O   . GLY A 1 175 ? 13.938  -7.849  17.247  1.00 52.55 ? 167  GLY A O   1 
ATOM   1283 N N   . ASN A 1 176 ? 14.677  -5.767  16.765  1.00 56.28 ? 168  ASN A N   1 
ATOM   1284 C CA  . ASN A 1 176 ? 16.074  -6.177  16.633  1.00 56.54 ? 168  ASN A CA  1 
ATOM   1285 C C   . ASN A 1 176 ? 17.200  -5.660  17.557  1.00 60.11 ? 168  ASN A C   1 
ATOM   1286 O O   . ASN A 1 176 ? 18.190  -5.171  17.007  1.00 63.44 ? 168  ASN A O   1 
ATOM   1287 C CB  . ASN A 1 176 ? 16.532  -5.913  15.174  1.00 57.17 ? 168  ASN A CB  1 
ATOM   1288 C CG  . ASN A 1 176 ? 15.908  -6.873  14.157  1.00 59.34 ? 168  ASN A CG  1 
ATOM   1289 O OD1 . ASN A 1 176 ? 14.860  -7.475  14.397  1.00 64.80 ? 168  ASN A OD1 1 
ATOM   1290 N ND2 . ASN A 1 176 ? 16.562  -7.010  13.007  1.00 56.99 ? 168  ASN A ND2 1 
ATOM   1291 N N   . ILE A 1 177 ? 17.137  -5.682  18.904  1.00 61.37 ? 169  ILE A N   1 
ATOM   1292 C CA  . ILE A 1 177 ? 16.298  -4.859  19.840  1.00 60.60 ? 169  ILE A CA  1 
ATOM   1293 C C   . ILE A 1 177 ? 15.129  -5.559  20.627  1.00 60.61 ? 169  ILE A C   1 
ATOM   1294 O O   . ILE A 1 177 ? 14.993  -6.787  20.558  1.00 62.19 ? 169  ILE A O   1 
ATOM   1295 C CB  . ILE A 1 177 ? 16.216  -3.355  19.328  1.00 61.07 ? 169  ILE A CB  1 
ATOM   1296 C CG1 . ILE A 1 177 ? 15.058  -2.452  19.729  1.00 61.60 ? 169  ILE A CG1 1 
ATOM   1297 C CG2 . ILE A 1 177 ? 17.524  -2.942  18.395  1.00 63.13 ? 169  ILE A CG2 1 
ATOM   1298 C CD1 . ILE A 1 177 ? 15.277  -1.035  19.259  1.00 61.09 ? 169  ILE A CD1 1 
ATOM   1299 N N   . LYS A 1 178 ? 14.359  -4.791  21.408  1.00 57.86 ? 170  LYS A N   1 
ATOM   1300 C CA  . LYS A 1 178 ? 13.612  -5.214  22.646  1.00 54.15 ? 170  LYS A CA  1 
ATOM   1301 C C   . LYS A 1 178 ? 13.860  -6.550  23.399  1.00 51.90 ? 170  LYS A C   1 
ATOM   1302 O O   . LYS A 1 178 ? 13.487  -6.637  24.573  1.00 50.84 ? 170  LYS A O   1 
ATOM   1303 C CB  . LYS A 1 178 ? 12.089  -5.034  22.444  1.00 54.35 ? 170  LYS A CB  1 
ATOM   1304 C CG  . LYS A 1 178 ? 11.639  -3.572  22.394  1.00 50.07 ? 170  LYS A CG  1 
ATOM   1305 C CD  . LYS A 1 178 ? 10.578  -3.209  23.440  1.00 47.32 ? 170  LYS A CD  1 
ATOM   1306 C CE  . LYS A 1 178 ? 9.169   -3.449  22.943  1.00 42.61 ? 170  LYS A CE  1 
ATOM   1307 N NZ  . LYS A 1 178 ? 8.175   -2.674  23.730  1.00 43.36 ? 170  LYS A NZ  1 
ATOM   1308 N N   . GLN A 1 179 ? 14.451  -7.563  22.767  1.00 49.61 ? 171  GLN A N   1 
ATOM   1309 C CA  . GLN A 1 179 ? 14.625  -8.920  23.353  1.00 48.30 ? 171  GLN A CA  1 
ATOM   1310 C C   . GLN A 1 179 ? 13.494  -9.852  22.930  1.00 45.59 ? 171  GLN A C   1 
ATOM   1311 O O   . GLN A 1 179 ? 13.633  -11.073 22.990  1.00 43.11 ? 171  GLN A O   1 
ATOM   1312 C CB  . GLN A 1 179 ? 14.728  -8.939  24.896  1.00 50.58 ? 171  GLN A CB  1 
ATOM   1313 C CG  . GLN A 1 179 ? 15.929  -8.202  25.501  1.00 54.24 ? 171  GLN A CG  1 
ATOM   1314 C CD  . GLN A 1 179 ? 17.255  -8.634  24.902  1.00 57.70 ? 171  GLN A CD  1 
ATOM   1315 O OE1 . GLN A 1 179 ? 17.472  -9.815  24.625  1.00 59.03 ? 171  GLN A OE1 1 
ATOM   1316 N NE2 . GLN A 1 179 ? 18.151  -7.673  24.700  1.00 60.11 ? 171  GLN A NE2 1 
ATOM   1317 N N   . HIS A 1 180 ? 12.367  -9.264  22.553  1.00 40.89 ? 172  HIS A N   1 
ATOM   1318 C CA  . HIS A 1 180 ? 11.262  -9.997  21.968  1.00 41.25 ? 172  HIS A CA  1 
ATOM   1319 C C   . HIS A 1 180 ? 10.779  -9.185  20.780  1.00 38.14 ? 172  HIS A C   1 
ATOM   1320 O O   . HIS A 1 180 ? 11.163  -8.023  20.629  1.00 35.96 ? 172  HIS A O   1 
ATOM   1321 C CB  . HIS A 1 180 ? 10.143  -10.230 22.997  1.00 41.17 ? 172  HIS A CB  1 
ATOM   1322 C CG  . HIS A 1 180 ? 9.499   -8.974  23.507  1.00 44.16 ? 172  HIS A CG  1 
ATOM   1323 N ND1 . HIS A 1 180 ? 9.728   -8.485  24.773  1.00 36.73 ? 172  HIS A ND1 1 
ATOM   1324 C CD2 . HIS A 1 180 ? 8.624   -8.115  22.925  1.00 48.12 ? 172  HIS A CD2 1 
ATOM   1325 C CE1 . HIS A 1 180 ? 9.030   -7.377  24.951  1.00 36.27 ? 172  HIS A CE1 1 
ATOM   1326 N NE2 . HIS A 1 180 ? 8.350   -7.130  23.847  1.00 41.35 ? 172  HIS A NE2 1 
ATOM   1327 N N   . SER A 1 181 ? 9.964   -9.793  19.924  1.00 38.95 ? 173  SER A N   1 
ATOM   1328 C CA  . SER A 1 181 ? 9.404   -9.080  18.781  1.00 36.62 ? 173  SER A CA  1 
ATOM   1329 C C   . SER A 1 181 ? 7.931   -9.387  18.532  1.00 34.98 ? 173  SER A C   1 
ATOM   1330 O O   . SER A 1 181 ? 7.438   -10.463 18.880  1.00 33.18 ? 173  SER A O   1 
ATOM   1331 C CB  . SER A 1 181 ? 10.202  -9.377  17.505  1.00 38.70 ? 173  SER A CB  1 
ATOM   1332 O OG  . SER A 1 181 ? 10.216  -10.761 17.223  1.00 40.36 ? 173  SER A OG  1 
ATOM   1333 N N   . ILE A 1 182 ? 7.257   -8.420  17.906  1.00 31.82 ? 174  ILE A N   1 
ATOM   1334 C CA  . ILE A 1 182 ? 5.859   -8.527  17.541  1.00 32.07 ? 174  ILE A CA  1 
ATOM   1335 C C   . ILE A 1 182 ? 5.840   -9.256  16.208  1.00 30.06 ? 174  ILE A C   1 
ATOM   1336 O O   . ILE A 1 182 ? 6.651   -8.949  15.331  1.00 29.52 ? 174  ILE A O   1 
ATOM   1337 C CB  . ILE A 1 182 ? 5.198   -7.139  17.387  1.00 32.90 ? 174  ILE A CB  1 
ATOM   1338 C CG1 . ILE A 1 182 ? 5.366   -6.309  18.670  1.00 34.65 ? 174  ILE A CG1 1 
ATOM   1339 C CG2 . ILE A 1 182 ? 3.717   -7.262  17.025  1.00 27.61 ? 174  ILE A CG2 1 
ATOM   1340 C CD1 . ILE A 1 182 ? 4.982   -4.859  18.473  1.00 36.46 ? 174  ILE A CD1 1 
ATOM   1341 N N   . PRO A 1 183 ? 4.964   -10.267 16.067  1.00 29.86 ? 175  PRO A N   1 
ATOM   1342 C CA  . PRO A 1 183 ? 4.826   -10.949 14.773  1.00 30.45 ? 175  PRO A CA  1 
ATOM   1343 C C   . PRO A 1 183 ? 4.427   -9.989  13.655  1.00 28.02 ? 175  PRO A C   1 
ATOM   1344 O O   . PRO A 1 183 ? 3.543   -9.164  13.871  1.00 25.99 ? 175  PRO A O   1 
ATOM   1345 C CB  . PRO A 1 183 ? 3.690   -11.950 15.023  1.00 31.11 ? 175  PRO A CB  1 
ATOM   1346 C CG  . PRO A 1 183 ? 3.635   -12.147 16.491  1.00 31.64 ? 175  PRO A CG  1 
ATOM   1347 C CD  . PRO A 1 183 ? 4.086   -10.851 17.101  1.00 29.67 ? 175  PRO A CD  1 
ATOM   1348 N N   . THR A 1 184 ? 5.094   -10.074 12.498  1.00 28.42 ? 176  THR A N   1 
ATOM   1349 C CA  . THR A 1 184 ? 4.698   -9.319  11.297  1.00 30.01 ? 176  THR A CA  1 
ATOM   1350 C C   . THR A 1 184 ? 3.337   -9.783  10.802  1.00 28.39 ? 176  THR A C   1 
ATOM   1351 O O   . THR A 1 184 ? 3.114   -10.991 10.697  1.00 27.47 ? 176  THR A O   1 
ATOM   1352 C CB  . THR A 1 184 ? 5.693   -9.511  10.147  1.00 29.87 ? 176  THR A CB  1 
ATOM   1353 O OG1 . THR A 1 184 ? 6.945   -8.903  10.484  1.00 35.02 ? 176  THR A OG1 1 
ATOM   1354 C CG2 . THR A 1 184 ? 5.168   -8.890  8.889   1.00 26.43 ? 176  THR A CG2 1 
ATOM   1355 N N   . LEU A 1 185 ? 2.426   -8.834  10.556  1.00 28.30 ? 177  LEU A N   1 
ATOM   1356 C CA  . LEU A 1 185 ? 1.089   -9.127  10.052  1.00 31.33 ? 177  LEU A CA  1 
ATOM   1357 C C   . LEU A 1 185 ? 1.047   -8.883  8.558   1.00 29.82 ? 177  LEU A C   1 
ATOM   1358 O O   . LEU A 1 185 ? 1.399   -7.795  8.094   1.00 28.41 ? 177  LEU A O   1 
ATOM   1359 C CB  . LEU A 1 185 ? -0.010  -8.280  10.738  1.00 31.63 ? 177  LEU A CB  1 
ATOM   1360 C CG  . LEU A 1 185 ? -0.266  -8.416  12.241  1.00 33.89 ? 177  LEU A CG  1 
ATOM   1361 C CD1 . LEU A 1 185 ? -1.634  -7.809  12.561  1.00 36.07 ? 177  LEU A CD1 1 
ATOM   1362 C CD2 . LEU A 1 185 ? -0.241  -9.873  12.672  1.00 44.14 ? 177  LEU A CD2 1 
ATOM   1363 N N   . ARG A 1 186 ? 0.618   -9.900  7.804   1.00 29.11 ? 178  ARG A N   1 
ATOM   1364 C CA  . ARG A 1 186 ? 0.587   -9.840  6.363   1.00 28.87 ? 178  ARG A CA  1 
ATOM   1365 C C   . ARG A 1 186 ? -0.764  -10.250 5.818   1.00 25.80 ? 178  ARG A C   1 
ATOM   1366 O O   . ARG A 1 186 ? -1.320  -11.264 6.224   1.00 24.68 ? 178  ARG A O   1 
ATOM   1367 C CB  . ARG A 1 186 ? 1.598   -10.807 5.749   1.00 30.66 ? 178  ARG A CB  1 
ATOM   1368 C CG  . ARG A 1 186 ? 3.010   -10.575 6.122   1.00 33.29 ? 178  ARG A CG  1 
ATOM   1369 C CD  . ARG A 1 186 ? 3.896   -11.646 5.543   1.00 35.12 ? 178  ARG A CD  1 
ATOM   1370 N NE  . ARG A 1 186 ? 5.242   -11.567 6.109   1.00 39.42 ? 178  ARG A NE  1 
ATOM   1371 C CZ  . ARG A 1 186 ? 6.205   -10.775 5.642   1.00 45.40 ? 178  ARG A CZ  1 
ATOM   1372 N NH1 . ARG A 1 186 ? 6.001   -10.007 4.581   1.00 50.37 ? 178  ARG A NH1 1 
ATOM   1373 N NH2 . ARG A 1 186 ? 7.396   -10.766 6.220   1.00 46.81 ? 178  ARG A NH2 1 
ATOM   1374 N N   . ASP A 1 187 ? -1.234  -9.530  4.812   1.00 28.85 ? 179  ASP A N   1 
ATOM   1375 C CA  . ASP A 1 187 ? -2.360  -10.020 4.039   1.00 28.26 ? 179  ASP A CA  1 
ATOM   1376 C C   . ASP A 1 187 ? -2.190  -9.711  2.561   1.00 29.14 ? 179  ASP A C   1 
ATOM   1377 O O   . ASP A 1 187 ? -1.547  -8.754  2.176   1.00 27.28 ? 179  ASP A O   1 
ATOM   1378 C CB  . ASP A 1 187 ? -3.688  -9.467  4.583   1.00 30.08 ? 179  ASP A CB  1 
ATOM   1379 C CG  . ASP A 1 187 ? -4.915  -10.218 4.051   1.00 30.36 ? 179  ASP A CG  1 
ATOM   1380 O OD1 . ASP A 1 187 ? -4.787  -11.386 3.570   1.00 26.76 ? 179  ASP A OD1 1 
ATOM   1381 O OD2 . ASP A 1 187 ? -6.024  -9.640  4.134   1.00 32.03 ? 179  ASP A OD2 1 
ATOM   1382 N N   . TYR A 1 188 ? -2.795  -10.549 1.732   1.00 29.73 ? 180  TYR A N   1 
ATOM   1383 C CA  . TYR A 1 188 ? -2.705  -10.402 0.299   1.00 29.74 ? 180  TYR A CA  1 
ATOM   1384 C C   . TYR A 1 188 ? -4.061  -10.686 -0.312  1.00 28.44 ? 180  TYR A C   1 
ATOM   1385 O O   . TYR A 1 188 ? -4.661  -11.707 -0.017  1.00 30.63 ? 180  TYR A O   1 
ATOM   1386 C CB  . TYR A 1 188 ? -1.691  -11.404 -0.247  1.00 32.03 ? 180  TYR A CB  1 
ATOM   1387 C CG  . TYR A 1 188 ? -1.556  -11.427 -1.778  1.00 31.63 ? 180  TYR A CG  1 
ATOM   1388 C CD1 . TYR A 1 188 ? -0.568  -10.677 -2.417  1.00 28.63 ? 180  TYR A CD1 1 
ATOM   1389 C CD2 . TYR A 1 188 ? -2.369  -12.244 -2.566  1.00 37.40 ? 180  TYR A CD2 1 
ATOM   1390 C CE1 . TYR A 1 188 ? -0.417  -10.721 -3.791  1.00 36.39 ? 180  TYR A CE1 1 
ATOM   1391 C CE2 . TYR A 1 188 ? -2.221  -12.287 -3.933  1.00 33.25 ? 180  TYR A CE2 1 
ATOM   1392 C CZ  . TYR A 1 188 ? -1.248  -11.521 -4.534  1.00 30.81 ? 180  TYR A CZ  1 
ATOM   1393 O OH  . TYR A 1 188 ? -1.092  -11.575 -5.895  1.00 37.29 ? 180  TYR A OH  1 
ATOM   1394 N N   . PHE A 1 189 ? -4.535  -9.799  -1.171  1.00 30.99 ? 181  PHE A N   1 
ATOM   1395 C CA  . PHE A 1 189 ? -5.776  -10.026 -1.893  1.00 31.09 ? 181  PHE A CA  1 
ATOM   1396 C C   . PHE A 1 189 ? -5.563  -9.682  -3.348  1.00 32.36 ? 181  PHE A C   1 
ATOM   1397 O O   . PHE A 1 189 ? -4.950  -8.672  -3.655  1.00 31.24 ? 181  PHE A O   1 
ATOM   1398 C CB  . PHE A 1 189 ? -6.907  -9.177  -1.311  1.00 36.51 ? 181  PHE A CB  1 
ATOM   1399 C CG  . PHE A 1 189 ? -8.174  -9.218  -2.123  1.00 38.86 ? 181  PHE A CG  1 
ATOM   1400 C CD1 . PHE A 1 189 ? -9.136  -10.190 -1.883  1.00 45.90 ? 181  PHE A CD1 1 
ATOM   1401 C CD2 . PHE A 1 189 ? -8.391  -8.295  -3.147  1.00 43.30 ? 181  PHE A CD2 1 
ATOM   1402 C CE1 . PHE A 1 189 ? -10.310 -10.230 -2.641  1.00 42.52 ? 181  PHE A CE1 1 
ATOM   1403 C CE2 . PHE A 1 189 ? -9.547  -8.334  -3.904  1.00 43.54 ? 181  PHE A CE2 1 
ATOM   1404 C CZ  . PHE A 1 189 ? -10.509 -9.298  -3.648  1.00 41.93 ? 181  PHE A CZ  1 
ATOM   1405 N N   . THR A 1 190 ? -6.068  -10.529 -4.246  1.00 30.01 ? 182  THR A N   1 
ATOM   1406 C CA  . THR A 1 190 ? -6.072  -10.203 -5.664  1.00 30.74 ? 182  THR A CA  1 
ATOM   1407 C C   . THR A 1 190 ? -7.373  -10.687 -6.279  1.00 28.77 ? 182  THR A C   1 
ATOM   1408 O O   . THR A 1 190 ? -7.991  -11.636 -5.782  1.00 29.85 ? 182  THR A O   1 
ATOM   1409 C CB  . THR A 1 190 ? -4.861  -10.808 -6.422  1.00 27.54 ? 182  THR A CB  1 
ATOM   1410 O OG1 . THR A 1 190 ? -4.903  -10.391 -7.782  1.00 31.98 ? 182  THR A OG1 1 
ATOM   1411 C CG2 . THR A 1 190 ? -4.885  -12.342 -6.356  1.00 27.63 ? 182  THR A CG2 1 
ATOM   1412 N N   . THR A 1 191 ? -7.792  -10.007 -7.333  1.00 27.35 ? 183  THR A N   1 
ATOM   1413 C CA  . THR A 1 191 ? -8.922  -10.445 -8.126  1.00 30.87 ? 183  THR A CA  1 
ATOM   1414 C C   . THR A 1 191 ? -8.437  -11.415 -9.204  1.00 31.85 ? 183  THR A C   1 
ATOM   1415 O O   . THR A 1 191 ? -9.241  -12.038 -9.878  1.00 32.44 ? 183  THR A O   1 
ATOM   1416 C CB  . THR A 1 191 ? -9.615  -9.250  -8.822  1.00 29.30 ? 183  THR A CB  1 
ATOM   1417 O OG1 . THR A 1 191 ? -8.682  -8.615  -9.702  1.00 31.84 ? 183  THR A OG1 1 
ATOM   1418 C CG2 . THR A 1 191 ? -10.105 -8.249  -7.815  1.00 35.44 ? 183  THR A CG2 1 
ATOM   1419 N N   . LYS A 1 192 ? -7.124  -11.502 -9.403  1.00 32.87 ? 184  LYS A N   1 
ATOM   1420 C CA  . LYS A 1 192 ? -6.554  -12.369 -10.421 1.00 34.02 ? 184  LYS A CA  1 
ATOM   1421 C C   . LYS A 1 192 ? -6.622  -13.804 -9.968  1.00 34.83 ? 184  LYS A C   1 
ATOM   1422 O O   . LYS A 1 192 ? -6.643  -14.080 -8.780  1.00 36.12 ? 184  LYS A O   1 
ATOM   1423 C CB  . LYS A 1 192 ? -5.101  -11.998 -10.691 1.00 36.21 ? 184  LYS A CB  1 
ATOM   1424 C CG  . LYS A 1 192 ? -4.955  -10.600 -11.268 1.00 41.48 ? 184  LYS A CG  1 
ATOM   1425 C CD  . LYS A 1 192 ? -3.663  -10.443 -12.056 1.00 42.94 ? 184  LYS A CD  1 
ATOM   1426 C CE  . LYS A 1 192 ? -3.718  -9.246  -12.987 1.00 42.00 ? 184  LYS A CE  1 
ATOM   1427 N NZ  . LYS A 1 192 ? -2.420  -9.032  -13.659 1.00 43.04 ? 184  LYS A NZ  1 
ATOM   1428 N N   . ASN A 1 193 ? -6.678  -14.705 -10.940 1.00 38.24 ? 185  ASN A N   1 
ATOM   1429 C CA  . ASN A 1 193 ? -6.786  -16.136 -10.688 1.00 36.91 ? 185  ASN A CA  1 
ATOM   1430 C C   . ASN A 1 193 ? -5.558  -16.839 -11.244 1.00 37.29 ? 185  ASN A C   1 
ATOM   1431 O O   . ASN A 1 193 ? -5.113  -16.546 -12.371 1.00 37.50 ? 185  ASN A O   1 
ATOM   1432 C CB  . ASN A 1 193 ? -8.065  -16.681 -11.326 1.00 38.00 ? 185  ASN A CB  1 
ATOM   1433 C CG  . ASN A 1 193 ? -9.328  -16.224 -10.592 1.00 37.27 ? 185  ASN A CG  1 
ATOM   1434 O OD1 . ASN A 1 193 ? -9.572  -16.601 -9.431  1.00 39.87 ? 185  ASN A OD1 1 
ATOM   1435 N ND2 . ASN A 1 193 ? -10.139 -15.416 -11.275 1.00 36.37 ? 185  ASN A ND2 1 
ATOM   1436 N N   . GLY A 1 194 ? -4.992  -17.730 -10.432 1.00 32.99 ? 186  GLY A N   1 
ATOM   1437 C CA  . GLY A 1 194 ? -3.888  -18.573 -10.858 1.00 32.72 ? 186  GLY A CA  1 
ATOM   1438 C C   . GLY A 1 194 ? -2.583  -17.854 -11.113 1.00 31.85 ? 186  GLY A C   1 
ATOM   1439 O O   . GLY A 1 194 ? -1.717  -18.356 -11.829 1.00 31.20 ? 186  GLY A O   1 
ATOM   1440 N N   . GLN A 1 195 ? -2.434  -16.679 -10.507 1.00 35.00 ? 187  GLN A N   1 
ATOM   1441 C CA  . GLN A 1 195 ? -1.207  -15.913 -10.625 1.00 35.16 ? 187  GLN A CA  1 
ATOM   1442 C C   . GLN A 1 195 ? -0.381  -16.042 -9.350  1.00 35.16 ? 187  GLN A C   1 
ATOM   1443 O O   . GLN A 1 195 ? -0.926  -16.189 -8.240  1.00 26.94 ? 187  GLN A O   1 
ATOM   1444 C CB  . GLN A 1 195 ? -1.522  -14.451 -10.909 1.00 37.76 ? 187  GLN A CB  1 
ATOM   1445 C CG  . GLN A 1 195 ? -2.280  -14.226 -12.204 1.00 40.90 ? 187  GLN A CG  1 
ATOM   1446 C CD  . GLN A 1 195 ? -1.403  -14.367 -13.428 1.00 45.04 ? 187  GLN A CD  1 
ATOM   1447 O OE1 . GLN A 1 195 ? -1.485  -15.352 -14.156 1.00 39.66 ? 187  GLN A OE1 1 
ATOM   1448 N NE2 . GLN A 1 195 ? -0.540  -13.381 -13.652 1.00 54.49 ? 187  GLN A NE2 1 
ATOM   1449 N N   . PRO A 1 196 ? 0.949   -16.032 -9.507  1.00 34.28 ? 188  PRO A N   1 
ATOM   1450 C CA  . PRO A 1 196 ? 1.776   -16.087 -8.334  1.00 33.29 ? 188  PRO A CA  1 
ATOM   1451 C C   . PRO A 1 196 ? 1.621   -14.829 -7.480  1.00 28.38 ? 188  PRO A C   1 
ATOM   1452 O O   . PRO A 1 196 ? 1.176   -13.781 -7.956  1.00 27.78 ? 188  PRO A O   1 
ATOM   1453 C CB  . PRO A 1 196 ? 3.197   -16.214 -8.886  1.00 34.26 ? 188  PRO A CB  1 
ATOM   1454 C CG  . PRO A 1 196 ? 3.134   -15.748 -10.260 1.00 38.10 ? 188  PRO A CG  1 
ATOM   1455 C CD  . PRO A 1 196 ? 1.734   -15.981 -10.751 1.00 38.50 ? 188  PRO A CD  1 
ATOM   1456 N N   . ARG A 1 197 ? 1.991   -14.973 -6.223  1.00 31.13 ? 189  ARG A N   1 
ATOM   1457 C CA  . ARG A 1 197 ? 1.897   -13.919 -5.236  1.00 30.36 ? 189  ARG A CA  1 
ATOM   1458 C C   . ARG A 1 197 ? 3.098   -12.959 -5.333  1.00 30.86 ? 189  ARG A C   1 
ATOM   1459 O O   . ARG A 1 197 ? 4.054   -13.061 -4.575  1.00 36.25 ? 189  ARG A O   1 
ATOM   1460 C CB  . ARG A 1 197 ? 1.821   -14.593 -3.873  1.00 31.18 ? 189  ARG A CB  1 
ATOM   1461 C CG  . ARG A 1 197 ? 1.233   -13.767 -2.799  1.00 29.23 ? 189  ARG A CG  1 
ATOM   1462 C CD  . ARG A 1 197 ? 1.357   -14.478 -1.477  1.00 31.96 ? 189  ARG A CD  1 
ATOM   1463 N NE  . ARG A 1 197 ? 0.773   -15.801 -1.596  1.00 46.60 ? 189  ARG A NE  1 
ATOM   1464 C CZ  . ARG A 1 197 ? 1.439   -16.955 -1.593  1.00 33.77 ? 189  ARG A CZ  1 
ATOM   1465 N NH1 . ARG A 1 197 ? 2.761   -17.008 -1.423  1.00 41.60 ? 189  ARG A NH1 1 
ATOM   1466 N NH2 . ARG A 1 197 ? 0.753   -18.068 -1.736  1.00 39.56 ? 189  ARG A NH2 1 
ATOM   1467 N N   . LYS A 1 198 ? 3.048   -12.037 -6.286  1.00 30.35 ? 190  LYS A N   1 
ATOM   1468 C CA  . LYS A 1 198 ? 4.183   -11.160 -6.581  1.00 29.00 ? 190  LYS A CA  1 
ATOM   1469 C C   . LYS A 1 198 ? 3.765   -9.708  -6.473  1.00 29.16 ? 190  LYS A C   1 
ATOM   1470 O O   . LYS A 1 198 ? 2.605   -9.399  -6.682  1.00 33.12 ? 190  LYS A O   1 
ATOM   1471 C CB  . LYS A 1 198 ? 4.724   -11.420 -7.993  1.00 27.73 ? 190  LYS A CB  1 
ATOM   1472 C CG  . LYS A 1 198 ? 5.462   -12.718 -8.142  1.00 30.43 ? 190  LYS A CG  1 
ATOM   1473 C CD  . LYS A 1 198 ? 6.161   -12.811 -9.480  1.00 30.05 ? 190  LYS A CD  1 
ATOM   1474 C CE  . LYS A 1 198 ? 7.100   -14.011 -9.520  1.00 32.54 ? 190  LYS A CE  1 
ATOM   1475 N NZ  . LYS A 1 198 ? 7.958   -14.029 -10.743 1.00 36.43 ? 190  LYS A NZ  1 
ATOM   1476 N N   . ILE A 1 199 ? 4.701   -8.839  -6.092  1.00 27.60 ? 191  ILE A N   1 
ATOM   1477 C CA  . ILE A 1 199 ? 4.510   -7.394  -6.139  1.00 28.73 ? 191  ILE A CA  1 
ATOM   1478 C C   . ILE A 1 199 ? 5.682   -6.739  -6.846  1.00 30.78 ? 191  ILE A C   1 
ATOM   1479 O O   . ILE A 1 199 ? 6.776   -7.295  -6.881  1.00 28.29 ? 191  ILE A O   1 
ATOM   1480 C CB  . ILE A 1 199 ? 4.248   -6.759  -4.730  1.00 34.02 ? 191  ILE A CB  1 
ATOM   1481 C CG1 . ILE A 1 199 ? 5.531   -6.578  -3.911  1.00 36.09 ? 191  ILE A CG1 1 
ATOM   1482 C CG2 . ILE A 1 199 ? 3.228   -7.577  -3.950  1.00 32.39 ? 191  ILE A CG2 1 
ATOM   1483 C CD1 . ILE A 1 199 ? 5.268   -5.958  -2.491  1.00 34.51 ? 191  ILE A CD1 1 
ATOM   1484 N N   . LEU A 1 200 ? 5.445   -5.568  -7.432  1.00 30.15 ? 192  LEU A N   1 
ATOM   1485 C CA  . LEU A 1 200 ? 6.511   -4.805  -8.069  1.00 28.41 ? 192  LEU A CA  1 
ATOM   1486 C C   . LEU A 1 200 ? 7.513   -4.370  -7.021  1.00 30.56 ? 192  LEU A C   1 
ATOM   1487 O O   . LEU A 1 200 ? 7.150   -3.702  -6.065  1.00 29.95 ? 192  LEU A O   1 
ATOM   1488 C CB  . LEU A 1 200 ? 5.945   -3.577  -8.791  1.00 28.90 ? 192  LEU A CB  1 
ATOM   1489 C CG  . LEU A 1 200 ? 6.928   -2.696  -9.568  1.00 25.91 ? 192  LEU A CG  1 
ATOM   1490 C CD1 . LEU A 1 200 ? 7.726   -3.491  -10.587 1.00 26.20 ? 192  LEU A CD1 1 
ATOM   1491 C CD2 . LEU A 1 200 ? 6.152   -1.599  -10.289 1.00 28.91 ? 192  LEU A CD2 1 
ATOM   1492 N N   . LYS A 1 201 ? 8.775   -4.746  -7.210  1.00 28.62 ? 193  LYS A N   1 
ATOM   1493 C CA  . LYS A 1 201 ? 9.851   -4.397  -6.266  1.00 31.45 ? 193  LYS A CA  1 
ATOM   1494 C C   . LYS A 1 201 ? 10.703  -3.222  -6.742  1.00 31.73 ? 193  LYS A C   1 
ATOM   1495 O O   . LYS A 1 201 ? 11.563  -2.738  -6.012  1.00 34.72 ? 193  LYS A O   1 
ATOM   1496 C CB  . LYS A 1 201 ? 10.785  -5.581  -6.042  1.00 31.90 ? 193  LYS A CB  1 
ATOM   1497 C CG  . LYS A 1 201 ? 11.617  -5.964  -7.276  1.00 36.03 ? 193  LYS A CG  1 
ATOM   1498 C CD  . LYS A 1 201 ? 13.075  -6.212  -6.994  1.00 35.79 ? 193  LYS A CD  1 
ATOM   1499 C CE  . LYS A 1 201 ? 13.744  -6.974  -8.140  1.00 37.24 ? 193  LYS A CE  1 
ATOM   1500 N NZ  . LYS A 1 201 ? 14.268  -6.095  -9.208  1.00 38.30 ? 193  LYS A NZ  1 
ATOM   1501 N N   . LYS A 1 202 ? 10.509  -2.802  -7.981  1.00 33.74 ? 194  LYS A N   1 
ATOM   1502 C CA  . LYS A 1 202 ? 11.188  -1.629  -8.492  1.00 33.89 ? 194  LYS A CA  1 
ATOM   1503 C C   . LYS A 1 202 ? 10.911  -0.439  -7.569  1.00 33.90 ? 194  LYS A C   1 
ATOM   1504 O O   . LYS A 1 202 ? 9.842   -0.333  -6.947  1.00 30.85 ? 194  LYS A O   1 
ATOM   1505 C CB  . LYS A 1 202 ? 10.729  -1.325  -9.912  1.00 34.55 ? 194  LYS A CB  1 
ATOM   1506 C CG  . LYS A 1 202 ? 11.525  -0.228  -10.587 1.00 35.03 ? 194  LYS A CG  1 
ATOM   1507 C CD  . LYS A 1 202 ? 10.915  0.179   -11.919 1.00 33.62 ? 194  LYS A CD  1 
ATOM   1508 C CE  . LYS A 1 202 ? 11.705  -0.349  -13.091 1.00 39.73 ? 194  LYS A CE  1 
ATOM   1509 N NZ  . LYS A 1 202 ? 12.775  0.582   -13.498 1.00 35.67 ? 194  LYS A NZ  1 
ATOM   1510 N N   . LYS A 1 203 ? 11.886  0.452   -7.473  1.00 32.63 ? 195  LYS A N   1 
ATOM   1511 C CA  . LYS A 1 203 ? 11.721  1.663   -6.679  1.00 33.71 ? 195  LYS A CA  1 
ATOM   1512 C C   . LYS A 1 203 ? 10.657  2.553   -7.340  1.00 33.38 ? 195  LYS A C   1 
ATOM   1513 O O   . LYS A 1 203 ? 10.698  2.807   -8.547  1.00 32.19 ? 195  LYS A O   1 
ATOM   1514 C CB  . LYS A 1 203 ? 13.083  2.369   -6.457  1.00 34.70 ? 195  LYS A CB  1 
ATOM   1515 C CG  . LYS A 1 203 ? 13.309  3.689   -7.177  1.00 38.43 ? 195  LYS A CG  1 
ATOM   1516 C CD  . LYS A 1 203 ? 14.088  4.657   -6.305  1.00 40.41 ? 195  LYS A CD  1 
ATOM   1517 C CE  . LYS A 1 203 ? 13.219  5.170   -5.155  1.00 47.73 ? 195  LYS A CE  1 
ATOM   1518 N NZ  . LYS A 1 203 ? 13.878  6.256   -4.383  1.00 47.31 ? 195  LYS A NZ  1 
ATOM   1519 N N   . PHE A 1 204 ? 9.672   2.980   -6.557  1.00 32.52 ? 196  PHE A N   1 
ATOM   1520 C CA  . PHE A 1 204 ? 8.589   3.785   -7.085  1.00 33.63 ? 196  PHE A CA  1 
ATOM   1521 C C   . PHE A 1 204 ? 9.016   5.238   -7.224  1.00 36.39 ? 196  PHE A C   1 
ATOM   1522 O O   . PHE A 1 204 ? 9.994   5.665   -6.621  1.00 33.34 ? 196  PHE A O   1 
ATOM   1523 C CB  . PHE A 1 204 ? 7.357   3.692   -6.186  1.00 34.05 ? 196  PHE A CB  1 
ATOM   1524 C CG  . PHE A 1 204 ? 6.571   2.416   -6.356  1.00 36.03 ? 196  PHE A CG  1 
ATOM   1525 C CD1 . PHE A 1 204 ? 7.189   1.229   -6.719  1.00 42.43 ? 196  PHE A CD1 1 
ATOM   1526 C CD2 . PHE A 1 204 ? 5.210   2.398   -6.124  1.00 29.37 ? 196  PHE A CD2 1 
ATOM   1527 C CE1 . PHE A 1 204 ? 6.447   0.066   -6.856  1.00 43.63 ? 196  PHE A CE1 1 
ATOM   1528 C CE2 . PHE A 1 204 ? 4.484   1.244   -6.258  1.00 34.82 ? 196  PHE A CE2 1 
ATOM   1529 C CZ  . PHE A 1 204 ? 5.094   0.085   -6.619  1.00 35.85 ? 196  PHE A CZ  1 
ATOM   1530 N N   . ASP A 1 205 ? 8.257   5.980   -8.023  1.00 33.98 ? 197  ASP A N   1 
ATOM   1531 C CA  . ASP A 1 205 ? 8.464   7.404   -8.203  1.00 36.95 ? 197  ASP A CA  1 
ATOM   1532 C C   . ASP A 1 205 ? 7.743   8.153   -7.106  1.00 36.90 ? 197  ASP A C   1 
ATOM   1533 O O   . ASP A 1 205 ? 6.762   7.666   -6.562  1.00 35.29 ? 197  ASP A O   1 
ATOM   1534 C CB  . ASP A 1 205 ? 7.917   7.845   -9.573  1.00 38.09 ? 197  ASP A CB  1 
ATOM   1535 C CG  . ASP A 1 205 ? 8.703   7.262   -10.734 1.00 40.27 ? 197  ASP A CG  1 
ATOM   1536 O OD1 . ASP A 1 205 ? 9.922   7.007   -10.573 1.00 45.33 ? 197  ASP A OD1 1 
ATOM   1537 O OD2 . ASP A 1 205 ? 8.099   7.066   -11.804 1.00 42.18 ? 197  ASP A OD2 1 
ATOM   1538 N N   . ASN A 1 206 ? 8.227   9.352   -6.796  1.00 40.57 ? 198  ASN A N   1 
ATOM   1539 C CA  . ASN A 1 206 ? 7.610   10.206  -5.783  1.00 42.73 ? 198  ASN A CA  1 
ATOM   1540 C C   . ASN A 1 206 ? 6.312   10.752  -6.322  1.00 43.83 ? 198  ASN A C   1 
ATOM   1541 O O   . ASN A 1 206 ? 6.150   10.900  -7.538  1.00 45.53 ? 198  ASN A O   1 
ATOM   1542 C CB  . ASN A 1 206 ? 8.499   11.409  -5.445  1.00 45.08 ? 198  ASN A CB  1 
ATOM   1543 C CG  . ASN A 1 206 ? 9.920   11.018  -5.132  1.00 47.75 ? 198  ASN A CG  1 
ATOM   1544 O OD1 . ASN A 1 206 ? 10.214  10.537  -4.039  1.00 57.50 ? 198  ASN A OD1 1 
ATOM   1545 N ND2 . ASN A 1 206 ? 10.818  11.232  -6.089  1.00 51.65 ? 198  ASN A ND2 1 
ATOM   1546 N N   . CYS A 1 207 ? 5.388   11.052  -5.419  1.00 44.94 ? 199  CYS A N   1 
ATOM   1547 C CA  . CYS A 1 207 ? 4.181   11.762  -5.792  1.00 45.82 ? 199  CYS A CA  1 
ATOM   1548 C C   . CYS A 1 207 ? 4.062   13.081  -5.021  1.00 50.18 ? 199  CYS A C   1 
ATOM   1549 O O   . CYS A 1 207 ? 3.372   13.164  -4.003  1.00 54.85 ? 199  CYS A O   1 
ATOM   1550 C CB  . CYS A 1 207 ? 2.951   10.895  -5.574  1.00 45.21 ? 199  CYS A CB  1 
ATOM   1551 S SG  . CYS A 1 207 ? 1.495   11.682  -6.275  1.00 40.39 ? 199  CYS A SG  1 
HETATM 1552 O O   . HOH B 2 .   ? 16.561  3.213   23.815  1.00 49.34 ? 2001 HOH A O   1 
HETATM 1553 O O   . HOH B 2 .   ? 8.442   -4.705  28.507  1.00 51.80 ? 2002 HOH A O   1 
HETATM 1554 O O   . HOH B 2 .   ? 7.889   1.848   31.390  1.00 45.98 ? 2003 HOH A O   1 
HETATM 1555 O O   . HOH B 2 .   ? 15.701  7.213   24.343  1.00 47.28 ? 2004 HOH A O   1 
HETATM 1556 O O   . HOH B 2 .   ? -17.578 5.724   -0.528  1.00 47.05 ? 2005 HOH A O   1 
HETATM 1557 O O   . HOH B 2 .   ? 7.367   -2.134  19.339  1.00 28.88 ? 2006 HOH A O   1 
HETATM 1558 O O   . HOH B 2 .   ? 7.129   -5.671  21.552  1.00 29.84 ? 2007 HOH A O   1 
HETATM 1559 O O   . HOH B 2 .   ? 3.091   -9.363  -12.139 1.00 44.16 ? 2008 HOH A O   1 
HETATM 1560 O O   . HOH B 2 .   ? 11.783  5.436   23.461  1.00 47.82 ? 2009 HOH A O   1 
HETATM 1561 O O   . HOH B 2 .   ? 7.100   3.715   11.376  1.00 29.24 ? 2010 HOH A O   1 
HETATM 1562 O O   . HOH B 2 .   ? -1.399  3.922   -25.849 1.00 29.93 ? 2011 HOH A O   1 
HETATM 1563 O O   . HOH B 2 .   ? 3.229   -3.987  1.147   1.00 32.88 ? 2012 HOH A O   1 
HETATM 1564 O O   . HOH B 2 .   ? 9.559   -3.928  4.746   1.00 45.55 ? 2013 HOH A O   1 
HETATM 1565 O O   . HOH B 2 .   ? 1.398   14.753  1.585   1.00 32.98 ? 2014 HOH A O   1 
HETATM 1566 O O   . HOH B 2 .   ? -14.938 6.542   2.672   1.00 50.89 ? 2015 HOH A O   1 
HETATM 1567 O O   . HOH B 2 .   ? 2.364   -8.218  -9.346  1.00 27.01 ? 2016 HOH A O   1 
HETATM 1568 O O   . HOH B 2 .   ? 1.601   -5.913  -13.005 1.00 27.90 ? 2017 HOH A O   1 
HETATM 1569 O O   . HOH B 2 .   ? -2.627  -6.166  -12.287 1.00 27.06 ? 2018 HOH A O   1 
HETATM 1570 O O   . HOH B 2 .   ? -1.155  -18.507 8.771   1.00 30.73 ? 2019 HOH A O   1 
HETATM 1571 O O   . HOH B 2 .   ? 1.999   -20.308 4.593   1.00 44.34 ? 2020 HOH A O   1 
HETATM 1572 O O   . HOH B 2 .   ? -6.295  -3.191  -20.076 1.00 34.65 ? 2021 HOH A O   1 
HETATM 1573 O O   . HOH B 2 .   ? -13.673 2.629   -18.623 1.00 44.07 ? 2022 HOH A O   1 
HETATM 1574 O O   . HOH B 2 .   ? -10.079 3.224   -17.819 1.00 35.21 ? 2023 HOH A O   1 
HETATM 1575 O O   . HOH B 2 .   ? -9.585  -1.246  -24.423 1.00 37.09 ? 2024 HOH A O   1 
HETATM 1576 O O   . HOH B 2 .   ? -14.485 -2.197  -18.235 1.00 39.51 ? 2025 HOH A O   1 
HETATM 1577 O O   . HOH B 2 .   ? -12.934 -7.197  -5.231  1.00 40.33 ? 2026 HOH A O   1 
HETATM 1578 O O   . HOH B 2 .   ? -7.630  3.859   -18.394 1.00 35.08 ? 2027 HOH A O   1 
HETATM 1579 O O   . HOH B 2 .   ? -0.694  4.574   -22.804 1.00 47.90 ? 2028 HOH A O   1 
HETATM 1580 O O   . HOH B 2 .   ? -8.737  11.378  -26.311 1.00 38.99 ? 2029 HOH A O   1 
HETATM 1581 O O   . HOH B 2 .   ? -0.397  7.413   -16.400 1.00 50.77 ? 2030 HOH A O   1 
HETATM 1582 O O   . HOH B 2 .   ? -0.103  9.418   -15.229 1.00 31.42 ? 2031 HOH A O   1 
HETATM 1583 O O   . HOH B 2 .   ? 2.560   10.719  -17.724 1.00 31.75 ? 2032 HOH A O   1 
HETATM 1584 O O   . HOH B 2 .   ? -2.801  16.390  -10.697 1.00 52.00 ? 2033 HOH A O   1 
HETATM 1585 O O   . HOH B 2 .   ? -4.022  12.574  -11.205 1.00 24.49 ? 2034 HOH A O   1 
HETATM 1586 O O   . HOH B 2 .   ? -3.859  14.897  -14.052 1.00 36.39 ? 2035 HOH A O   1 
HETATM 1587 O O   . HOH B 2 .   ? 0.581   17.313  -7.016  1.00 33.93 ? 2036 HOH A O   1 
HETATM 1588 O O   . HOH B 2 .   ? 4.458   14.297  -7.537  1.00 48.30 ? 2037 HOH A O   1 
HETATM 1589 O O   . HOH B 2 .   ? 1.186   15.383  -4.214  1.00 32.12 ? 2038 HOH A O   1 
HETATM 1590 O O   . HOH B 2 .   ? -4.984  13.201  -4.335  1.00 35.68 ? 2039 HOH A O   1 
HETATM 1591 O O   . HOH B 2 .   ? -9.585  13.554  -2.479  1.00 41.24 ? 2040 HOH A O   1 
HETATM 1592 O O   . HOH B 2 .   ? -0.865  15.336  2.499   1.00 25.92 ? 2041 HOH A O   1 
HETATM 1593 O O   . HOH B 2 .   ? -1.680  13.175  12.418  1.00 48.77 ? 2042 HOH A O   1 
HETATM 1594 O O   . HOH B 2 .   ? -1.980  6.700   16.857  1.00 48.70 ? 2043 HOH A O   1 
HETATM 1595 O O   . HOH B 2 .   ? -14.417 2.200   1.118   1.00 44.73 ? 2044 HOH A O   1 
HETATM 1596 O O   . HOH B 2 .   ? -12.939 5.808   1.324   1.00 46.61 ? 2045 HOH A O   1 
HETATM 1597 O O   . HOH B 2 .   ? -6.596  11.863  -3.425  1.00 31.12 ? 2046 HOH A O   1 
HETATM 1598 O O   . HOH B 2 .   ? -7.431  11.220  1.128   1.00 44.22 ? 2047 HOH A O   1 
HETATM 1599 O O   . HOH B 2 .   ? -8.917  14.105  -11.348 1.00 46.75 ? 2048 HOH A O   1 
HETATM 1600 O O   . HOH B 2 .   ? -3.152  5.721   -8.885  1.00 24.71 ? 2049 HOH A O   1 
HETATM 1601 O O   . HOH B 2 .   ? 1.856   10.445  -13.306 1.00 26.31 ? 2050 HOH A O   1 
HETATM 1602 O O   . HOH B 2 .   ? 3.166   7.623   -12.074 1.00 43.20 ? 2051 HOH A O   1 
HETATM 1603 O O   . HOH B 2 .   ? -5.480  6.948   -17.562 1.00 23.40 ? 2052 HOH A O   1 
HETATM 1604 O O   . HOH B 2 .   ? -10.732 6.420   -3.953  1.00 19.68 ? 2053 HOH A O   1 
HETATM 1605 O O   . HOH B 2 .   ? -3.885  -17.277 7.951   1.00 44.56 ? 2054 HOH A O   1 
HETATM 1606 O O   . HOH B 2 .   ? -0.673  -20.524 3.065   1.00 29.73 ? 2055 HOH A O   1 
HETATM 1607 O O   . HOH B 2 .   ? -12.636 3.964   5.474   1.00 52.62 ? 2056 HOH A O   1 
HETATM 1608 O O   . HOH B 2 .   ? -6.618  3.309   12.757  1.00 28.31 ? 2057 HOH A O   1 
HETATM 1609 O O   . HOH B 2 .   ? -16.203 -7.507  -5.955  1.00 41.99 ? 2058 HOH A O   1 
HETATM 1610 O O   . HOH B 2 .   ? -12.911 -6.478  -23.370 1.00 52.29 ? 2059 HOH A O   1 
HETATM 1611 O O   . HOH B 2 .   ? 1.012   8.149   13.626  1.00 28.43 ? 2060 HOH A O   1 
HETATM 1612 O O   . HOH B 2 .   ? -1.659  8.241   7.502   1.00 18.15 ? 2061 HOH A O   1 
HETATM 1613 O O   . HOH B 2 .   ? 5.305   10.953  -0.517  1.00 23.56 ? 2062 HOH A O   1 
HETATM 1614 O O   . HOH B 2 .   ? -6.263  -14.640 2.489   1.00 40.37 ? 2063 HOH A O   1 
HETATM 1615 O O   . HOH B 2 .   ? 2.819   -3.237  -16.153 1.00 34.77 ? 2064 HOH A O   1 
HETATM 1616 O O   . HOH B 2 .   ? -1.706  -10.050 -19.287 1.00 46.76 ? 2065 HOH A O   1 
HETATM 1617 O O   . HOH B 2 .   ? -4.715  -6.294  -19.303 1.00 41.41 ? 2066 HOH A O   1 
HETATM 1618 O O   . HOH B 2 .   ? 9.209   -1.614  -1.131  1.00 52.98 ? 2067 HOH A O   1 
HETATM 1619 O O   . HOH B 2 .   ? 0.284   -6.094  -15.521 1.00 41.63 ? 2068 HOH A O   1 
HETATM 1620 O O   . HOH B 2 .   ? -0.518  5.491   -8.929  1.00 28.61 ? 2069 HOH A O   1 
HETATM 1621 O O   . HOH B 2 .   ? 5.762   4.498   -0.832  1.00 36.08 ? 2070 HOH A O   1 
HETATM 1622 O O   . HOH B 2 .   ? 9.395   2.984   3.494   1.00 32.66 ? 2071 HOH A O   1 
HETATM 1623 O O   . HOH B 2 .   ? 7.306   7.588   12.755  1.00 32.94 ? 2072 HOH A O   1 
HETATM 1624 O O   . HOH B 2 .   ? 12.764  10.801  5.732   1.00 46.28 ? 2073 HOH A O   1 
HETATM 1625 O O   . HOH B 2 .   ? 6.299   15.212  9.102   1.00 25.38 ? 2074 HOH A O   1 
HETATM 1626 O O   . HOH B 2 .   ? 4.560   16.414  14.748  1.00 46.41 ? 2075 HOH A O   1 
HETATM 1627 O O   . HOH B 2 .   ? 7.765   15.225  18.328  1.00 20.74 ? 2076 HOH A O   1 
HETATM 1628 O O   . HOH B 2 .   ? 2.575   9.122   18.550  1.00 59.92 ? 2077 HOH A O   1 
HETATM 1629 O O   . HOH B 2 .   ? -3.281  -1.697  30.566  1.00 49.88 ? 2078 HOH A O   1 
HETATM 1630 O O   . HOH B 2 .   ? -1.773  3.864   21.490  1.00 39.83 ? 2079 HOH A O   1 
HETATM 1631 O O   . HOH B 2 .   ? -3.076  -11.087 13.999  1.00 32.98 ? 2080 HOH A O   1 
HETATM 1632 O O   . HOH B 2 .   ? -9.372  -11.060 14.379  1.00 15.79 ? 2081 HOH A O   1 
HETATM 1633 O O   . HOH B 2 .   ? -11.815 -8.711  20.853  1.00 37.52 ? 2082 HOH A O   1 
HETATM 1634 O O   . HOH B 2 .   ? -12.019 -6.326  12.695  1.00 25.93 ? 2083 HOH A O   1 
HETATM 1635 O O   . HOH B 2 .   ? -13.168 -4.678  14.674  1.00 27.86 ? 2084 HOH A O   1 
HETATM 1636 O O   . HOH B 2 .   ? -13.599 -1.820  17.666  1.00 55.60 ? 2085 HOH A O   1 
HETATM 1637 O O   . HOH B 2 .   ? -11.372 -2.659  12.777  1.00 29.45 ? 2086 HOH A O   1 
HETATM 1638 O O   . HOH B 2 .   ? -11.586 3.475   2.142   1.00 50.89 ? 2087 HOH A O   1 
HETATM 1639 O O   . HOH B 2 .   ? -13.257 -0.897  0.751   1.00 30.45 ? 2088 HOH A O   1 
HETATM 1640 O O   . HOH B 2 .   ? -6.920  11.244  -14.465 1.00 23.60 ? 2089 HOH A O   1 
HETATM 1641 O O   . HOH B 2 .   ? -5.829  10.267  -12.226 1.00 23.54 ? 2090 HOH A O   1 
HETATM 1642 O O   . HOH B 2 .   ? -12.825 6.716   -15.617 1.00 37.19 ? 2091 HOH A O   1 
HETATM 1643 O O   . HOH B 2 .   ? -6.687  9.933   -16.809 1.00 24.65 ? 2092 HOH A O   1 
HETATM 1644 O O   . HOH B 2 .   ? -6.366  13.870  -14.677 1.00 42.09 ? 2093 HOH A O   1 
HETATM 1645 O O   . HOH B 2 .   ? -5.228  18.527  -19.781 1.00 27.33 ? 2094 HOH A O   1 
HETATM 1646 O O   . HOH B 2 .   ? -5.389  19.109  -15.166 1.00 38.17 ? 2095 HOH A O   1 
HETATM 1647 O O   . HOH B 2 .   ? -6.549  10.531  -27.430 1.00 48.28 ? 2096 HOH A O   1 
HETATM 1648 O O   . HOH B 2 .   ? -2.889  13.899  -29.668 1.00 30.94 ? 2097 HOH A O   1 
HETATM 1649 O O   . HOH B 2 .   ? 1.217   8.866   -26.621 1.00 56.13 ? 2098 HOH A O   1 
HETATM 1650 O O   . HOH B 2 .   ? 7.631   3.136   -22.457 1.00 45.03 ? 2099 HOH A O   1 
HETATM 1651 O O   . HOH B 2 .   ? 12.554  -2.106  -15.303 1.00 32.81 ? 2100 HOH A O   1 
HETATM 1652 O O   . HOH B 2 .   ? 9.302   -6.780  -20.343 1.00 41.60 ? 2101 HOH A O   1 
HETATM 1653 O O   . HOH B 2 .   ? 6.260   -7.246  -16.645 1.00 40.91 ? 2102 HOH A O   1 
HETATM 1654 O O   . HOH B 2 .   ? 15.452  -9.134  -16.153 1.00 19.76 ? 2103 HOH A O   1 
HETATM 1655 O O   . HOH B 2 .   ? 15.194  -6.371  -12.571 1.00 34.71 ? 2104 HOH A O   1 
HETATM 1656 O O   . HOH B 2 .   ? 10.866  -12.381 -10.794 1.00 34.02 ? 2105 HOH A O   1 
HETATM 1657 O O   . HOH B 2 .   ? 3.017   -14.906 6.105   1.00 30.34 ? 2106 HOH A O   1 
HETATM 1658 O O   . HOH B 2 .   ? -4.882  -15.812 6.134   1.00 32.30 ? 2107 HOH A O   1 
HETATM 1659 O O   . HOH B 2 .   ? -2.384  -17.810 3.473   1.00 28.94 ? 2108 HOH A O   1 
HETATM 1660 O O   . HOH B 2 .   ? 3.027   -16.360 10.009  1.00 34.16 ? 2109 HOH A O   1 
HETATM 1661 O O   . HOH B 2 .   ? 0.714   -12.757 12.454  1.00 42.99 ? 2110 HOH A O   1 
HETATM 1662 O O   . HOH B 2 .   ? -6.685  -15.180 10.144  1.00 23.74 ? 2111 HOH A O   1 
HETATM 1663 O O   . HOH B 2 .   ? -8.547  -13.328 10.323  1.00 16.36 ? 2112 HOH A O   1 
HETATM 1664 O O   . HOH B 2 .   ? -12.495 -8.175  7.531   1.00 36.37 ? 2113 HOH A O   1 
HETATM 1665 O O   . HOH B 2 .   ? -8.420  -9.894  2.469   1.00 28.85 ? 2114 HOH A O   1 
HETATM 1666 O O   . HOH B 2 .   ? -14.928 -3.522  8.476   1.00 45.58 ? 2115 HOH A O   1 
HETATM 1667 O O   . HOH B 2 .   ? -12.105 -7.563  -0.273  1.00 32.19 ? 2116 HOH A O   1 
HETATM 1668 O O   . HOH B 2 .   ? -17.743 -2.098  -0.638  1.00 45.23 ? 2117 HOH A O   1 
HETATM 1669 O O   . HOH B 2 .   ? -18.334 2.894   -0.563  1.00 48.52 ? 2118 HOH A O   1 
HETATM 1670 O O   . HOH B 2 .   ? -20.475 0.686   -0.064  1.00 44.01 ? 2119 HOH A O   1 
HETATM 1671 O O   . HOH B 2 .   ? -15.718 -3.954  -5.542  1.00 32.96 ? 2120 HOH A O   1 
HETATM 1672 O O   . HOH B 2 .   ? -12.089 -5.019  -10.395 1.00 25.12 ? 2121 HOH A O   1 
HETATM 1673 O O   . HOH B 2 .   ? -16.330 6.329   -11.068 1.00 46.42 ? 2122 HOH A O   1 
HETATM 1674 O O   . HOH B 2 .   ? -15.887 -3.265  -10.509 1.00 40.89 ? 2123 HOH A O   1 
HETATM 1675 O O   . HOH B 2 .   ? -14.830 -4.223  -13.770 1.00 41.28 ? 2124 HOH A O   1 
HETATM 1676 O O   . HOH B 2 .   ? -8.430  -4.230  -21.696 1.00 49.33 ? 2125 HOH A O   1 
HETATM 1677 O O   . HOH B 2 .   ? -10.630 -4.075  -21.062 1.00 31.65 ? 2126 HOH A O   1 
HETATM 1678 O O   . HOH B 2 .   ? -6.849  -6.525  -18.208 1.00 41.21 ? 2127 HOH A O   1 
HETATM 1679 O O   . HOH B 2 .   ? -10.806 -8.394  -19.427 1.00 45.07 ? 2128 HOH A O   1 
HETATM 1680 O O   . HOH B 2 .   ? -9.617  -11.737 -12.906 1.00 32.98 ? 2129 HOH A O   1 
HETATM 1681 O O   . HOH B 2 .   ? -6.159  -7.353  -15.732 1.00 31.60 ? 2130 HOH A O   1 
HETATM 1682 O O   . HOH B 2 .   ? -7.267  -11.532 -14.620 1.00 35.16 ? 2131 HOH A O   1 
HETATM 1683 O O   . HOH B 2 .   ? -0.710  -9.520  -10.110 1.00 37.36 ? 2132 HOH A O   1 
HETATM 1684 O O   . HOH B 2 .   ? -4.045  -6.246  -10.254 1.00 32.98 ? 2133 HOH A O   1 
HETATM 1685 O O   . HOH B 2 .   ? 7.092   -8.665  2.154   1.00 29.32 ? 2134 HOH A O   1 
HETATM 1686 O O   . HOH B 2 .   ? 11.322  -3.893  6.685   1.00 39.54 ? 2135 HOH A O   1 
HETATM 1687 O O   . HOH B 2 .   ? 7.425   0.856   5.614   1.00 32.45 ? 2136 HOH A O   1 
HETATM 1688 O O   . HOH B 2 .   ? 10.223  -6.281  11.669  1.00 48.86 ? 2137 HOH A O   1 
HETATM 1689 O O   . HOH B 2 .   ? 9.225   -5.442  20.313  1.00 33.61 ? 2138 HOH A O   1 
HETATM 1690 O O   . HOH B 2 .   ? 11.162  1.417   8.690   1.00 45.99 ? 2139 HOH A O   1 
HETATM 1691 O O   . HOH B 2 .   ? 8.542   2.458   9.183   1.00 34.09 ? 2140 HOH A O   1 
HETATM 1692 O O   . HOH B 2 .   ? 7.381   -7.690  13.034  1.00 16.92 ? 2141 HOH A O   1 
HETATM 1693 O O   . HOH B 2 .   ? 1.123   -9.313  15.346  1.00 33.21 ? 2142 HOH A O   1 
HETATM 1694 O O   . HOH B 2 .   ? 4.854   -13.297 11.438  1.00 31.49 ? 2143 HOH A O   1 
HETATM 1695 O O   . HOH B 2 .   ? 5.521   -13.248 8.740   1.00 49.96 ? 2144 HOH A O   1 
HETATM 1696 O O   . HOH B 2 .   ? -7.119  -12.700 3.323   1.00 18.44 ? 2145 HOH A O   1 
HETATM 1697 O O   . HOH B 2 .   ? 0.388   -10.612 -7.678  1.00 31.35 ? 2146 HOH A O   1 
HETATM 1698 O O   . HOH B 2 .   ? -1.511  -13.576 -7.613  1.00 30.87 ? 2147 HOH A O   1 
HETATM 1699 O O   . HOH B 2 .   ? -4.196  -14.378 0.962   1.00 24.02 ? 2148 HOH A O   1 
HETATM 1700 O O   . HOH B 2 .   ? -7.191  -13.147 -3.350  1.00 28.93 ? 2149 HOH A O   1 
HETATM 1701 O O   . HOH B 2 .   ? -11.234 -13.505 -9.011  1.00 54.28 ? 2150 HOH A O   1 
HETATM 1702 O O   . HOH B 2 .   ? -2.832  -7.159  -15.883 1.00 43.05 ? 2151 HOH A O   1 
HETATM 1703 O O   . HOH B 2 .   ? -8.325  -19.139 -9.064  1.00 54.13 ? 2152 HOH A O   1 
HETATM 1704 O O   . HOH B 2 .   ? -6.195  -13.555 -13.902 1.00 30.28 ? 2153 HOH A O   1 
HETATM 1705 O O   . HOH B 2 .   ? 1.772   -12.308 -10.193 1.00 32.73 ? 2154 HOH A O   1 
HETATM 1706 O O   . HOH B 2 .   ? 6.882   -2.185  -3.993  1.00 39.72 ? 2155 HOH A O   1 
HETATM 1707 O O   . HOH B 2 .   ? 11.676  -0.956  -3.422  1.00 43.93 ? 2156 HOH A O   1 
HETATM 1708 O O   . HOH B 2 .   ? 12.112  3.577   -10.877 1.00 43.20 ? 2157 HOH A O   1 
HETATM 1709 O O   . HOH B 2 .   ? 14.451  -0.212  -9.004  1.00 36.69 ? 2158 HOH A O   1 
HETATM 1710 O O   . HOH B 2 .   ? 9.751   2.429   -3.736  1.00 32.04 ? 2159 HOH A O   1 
HETATM 1711 O O   . HOH B 2 .   ? 5.835   5.762   -12.907 1.00 50.21 ? 2160 HOH A O   1 
# 
